data_3BG9
#
_entry.id   3BG9
#
_cell.length_a   107.540
_cell.length_b   107.540
_cell.length_c   524.470
_cell.angle_alpha   90.000
_cell.angle_beta   90.000
_cell.angle_gamma   120.000
#
_symmetry.space_group_name_H-M   'P 31 2 1'
#
loop_
_entity.id
_entity.type
_entity.pdbx_description
1 polymer 'Pyruvate carboxylase, mitochondrial'
2 non-polymer 'MANGANESE (II) ION'
#
_entity_poly.entity_id   1
_entity_poly.type   'polypeptide(L)'
_entity_poly.pdbx_seq_one_letter_code
;MGSSHHHHHHSSGLVPRGSHMDENPELFQLRPAQNRAQKLLHYLGHVMVNGPTTPIPVKASPSPTDPVVPAVPIGPPPAG
FRDILLREGPEGFARAVRNHPGLLLMDTTFRDAHQSLLATRVRTHDLKKIAPYVAHNFSKLFSMENWGGATFDVAMRFLY
ECPWRRLQELRELIPNIPFQMLLRGANAVGYTNYPDNVVFKFCEVAKENGMDVFRVFDSLNYLPNMLLGMEAAGSAGGVV
EAAISYTGDVADPSRTKYSLQYYMGLAEELVRAGTHILCIKDMAGLLKPTACTMLVSSLRDRFPDLPLHIHTHDTSGAGV
AAMLACAQAGADVVDVAADSMSGMTSQPSMGALVACTRGTPLDTEVPMERVFDYSEYWEGARGLYAAFDCTATMKSGNSD
VYENEIPGGQYTNLHFQAHSMGLGSKFKEVKKAYVEANQMLGDLIKVTPSSKIVGDLAQFMVQNGLSRAEAEAQAEELSF
PRSVVEFLQGYIGVPHGGFPEPFRSKVLKDLPRVEGRPGASLPPLDLQALEKELVDRHGEEVTPEDVLSAAMYPDVFAHF
KDFTATFGPLDSLNTRLFLQGPKIAEEFEVELERGKTLHIKALAVSDLNRAGQRQVAFELNGQLRSILVKDTQAMKEMHF
HPKALKDVKGQIGAPMPGKVIDIKVVAGAKVAKGQPLCVLSAMKMETVVTSPMEGTVRKVHVTKDMTLEGDDLILEIE
;
_entity_poly.pdbx_strand_id   A,B,C,D
#
# COMPACT_ATOMS: atom_id res chain seq x y z
N GLN A 34 0.14 4.02 -38.34
CA GLN A 34 0.72 2.64 -38.47
C GLN A 34 -0.38 1.58 -38.40
N ASN A 35 -0.50 0.79 -39.48
CA ASN A 35 -1.49 -0.27 -39.56
C ASN A 35 -0.85 -1.47 -38.87
N ARG A 36 0.47 -1.58 -39.00
CA ARG A 36 1.19 -2.67 -38.33
C ARG A 36 0.76 -2.55 -36.86
N ALA A 37 0.99 -1.36 -36.31
CA ALA A 37 0.66 -1.03 -34.93
C ALA A 37 -0.76 -1.47 -34.54
N GLN A 38 -1.76 -0.65 -34.84
CA GLN A 38 -3.15 -0.95 -34.48
C GLN A 38 -3.59 -2.42 -34.69
N LYS A 39 -3.02 -3.11 -35.67
CA LYS A 39 -3.41 -4.50 -35.88
C LYS A 39 -3.13 -5.32 -34.63
N LEU A 40 -1.96 -5.08 -34.06
CA LEU A 40 -1.52 -5.76 -32.85
C LEU A 40 -2.37 -5.35 -31.64
N LEU A 41 -2.62 -4.05 -31.51
CA LEU A 41 -3.43 -3.51 -30.42
C LEU A 41 -4.73 -4.27 -30.36
N HIS A 42 -5.44 -4.27 -31.49
CA HIS A 42 -6.69 -4.96 -31.58
C HIS A 42 -6.46 -6.33 -30.97
N TYR A 43 -5.40 -7.00 -31.40
CA TYR A 43 -5.07 -8.32 -30.89
C TYR A 43 -4.92 -8.32 -29.37
N LEU A 44 -4.01 -7.49 -28.85
CA LEU A 44 -3.78 -7.40 -27.41
C LEU A 44 -5.09 -7.14 -26.70
N GLY A 45 -5.82 -6.17 -27.21
CA GLY A 45 -7.11 -5.83 -26.63
C GLY A 45 -7.97 -7.08 -26.62
N HIS A 46 -8.01 -7.78 -27.76
CA HIS A 46 -8.81 -8.99 -27.87
C HIS A 46 -8.50 -10.06 -26.82
N VAL A 47 -7.21 -10.33 -26.62
CA VAL A 47 -6.77 -11.33 -25.64
C VAL A 47 -7.21 -10.87 -24.23
N MET A 48 -7.24 -9.56 -24.03
CA MET A 48 -7.66 -9.00 -22.75
C MET A 48 -9.14 -9.29 -22.52
N VAL A 49 -9.95 -8.89 -23.48
CA VAL A 49 -11.40 -9.11 -23.42
C VAL A 49 -11.75 -10.59 -23.44
N ASN A 50 -11.31 -11.30 -24.46
CA ASN A 50 -11.64 -12.73 -24.60
C ASN A 50 -10.63 -13.76 -24.09
N GLY A 51 -9.43 -13.32 -23.74
CA GLY A 51 -8.45 -14.28 -23.24
C GLY A 51 -7.64 -14.98 -24.32
N PRO A 52 -6.85 -16.00 -23.93
CA PRO A 52 -5.97 -16.84 -24.74
C PRO A 52 -6.55 -17.32 -26.06
N THR A 53 -5.80 -17.12 -27.13
CA THR A 53 -6.23 -17.52 -28.47
C THR A 53 -5.90 -18.98 -28.81
N THR A 54 -4.67 -19.40 -28.50
CA THR A 54 -4.18 -20.76 -28.74
C THR A 54 -4.47 -21.62 -27.50
N PRO A 55 -4.68 -22.95 -27.67
CA PRO A 55 -4.96 -23.80 -26.51
C PRO A 55 -3.86 -23.78 -25.46
N ILE A 56 -4.29 -23.83 -24.21
CA ILE A 56 -3.39 -23.82 -23.05
C ILE A 56 -3.79 -25.03 -22.21
N PRO A 57 -3.12 -26.16 -22.44
CA PRO A 57 -3.32 -27.46 -21.77
C PRO A 57 -3.18 -27.45 -20.25
N VAL A 58 -2.27 -26.61 -19.74
CA VAL A 58 -2.04 -26.50 -18.32
C VAL A 58 -2.40 -25.10 -17.89
N LYS A 59 -3.28 -24.97 -16.90
CA LYS A 59 -3.67 -23.67 -16.41
C LYS A 59 -2.53 -23.01 -15.63
N ALA A 60 -1.82 -22.09 -16.28
CA ALA A 60 -0.71 -21.38 -15.66
C ALA A 60 -0.31 -20.14 -16.48
N SER A 61 0.01 -19.06 -15.78
CA SER A 61 0.41 -17.83 -16.45
C SER A 61 1.92 -17.81 -16.69
N PRO A 62 2.36 -17.18 -17.78
CA PRO A 62 3.80 -17.11 -18.08
C PRO A 62 4.61 -16.36 -17.00
N SER A 63 5.74 -16.94 -16.60
CA SER A 63 6.59 -16.33 -15.58
C SER A 63 6.67 -14.82 -15.75
N PRO A 64 6.57 -14.08 -14.65
CA PRO A 64 6.63 -12.63 -14.69
C PRO A 64 8.07 -12.14 -14.86
N THR A 65 9.01 -13.05 -14.63
CA THR A 65 10.44 -12.76 -14.77
C THR A 65 10.84 -12.91 -16.24
N ASP A 66 11.82 -12.15 -16.69
CA ASP A 66 12.25 -12.27 -18.10
C ASP A 66 13.60 -12.96 -18.24
N PRO A 67 13.73 -13.86 -19.24
CA PRO A 67 14.99 -14.57 -19.45
C PRO A 67 16.23 -13.68 -19.52
N VAL A 68 17.25 -14.12 -18.81
CA VAL A 68 18.53 -13.43 -18.73
C VAL A 68 19.39 -13.66 -19.98
N VAL A 69 19.46 -12.63 -20.81
CA VAL A 69 20.25 -12.66 -22.03
C VAL A 69 21.65 -12.13 -21.71
N PRO A 70 22.67 -13.02 -21.71
CA PRO A 70 24.05 -12.65 -21.42
C PRO A 70 24.54 -11.51 -22.29
N ALA A 71 25.78 -11.12 -22.11
CA ALA A 71 26.30 -10.06 -22.94
C ALA A 71 27.00 -10.69 -24.14
N VAL A 72 27.10 -9.95 -25.23
CA VAL A 72 27.80 -10.43 -26.43
C VAL A 72 28.53 -9.26 -27.09
N PRO A 73 29.81 -9.45 -27.40
CA PRO A 73 30.57 -8.37 -28.04
C PRO A 73 29.89 -7.91 -29.33
N ILE A 74 30.14 -6.67 -29.68
CA ILE A 74 29.58 -6.12 -30.91
C ILE A 74 30.46 -6.68 -32.01
N GLY A 75 29.93 -6.71 -33.23
CA GLY A 75 30.72 -7.23 -34.33
C GLY A 75 30.47 -8.70 -34.52
N PRO A 76 30.97 -9.27 -35.62
CA PRO A 76 30.89 -10.67 -36.07
C PRO A 76 31.35 -11.76 -35.12
N PRO A 77 30.71 -12.95 -35.23
CA PRO A 77 31.00 -14.13 -34.42
C PRO A 77 32.38 -14.68 -34.74
N PRO A 78 32.91 -15.55 -33.87
CA PRO A 78 34.22 -16.17 -34.02
C PRO A 78 34.30 -17.11 -35.21
N ALA A 79 33.17 -17.38 -35.85
CA ALA A 79 33.14 -18.25 -37.02
C ALA A 79 33.45 -19.71 -36.69
N GLY A 80 32.49 -20.58 -36.99
CA GLY A 80 32.64 -21.99 -36.73
C GLY A 80 32.57 -22.82 -38.01
N PHE A 81 31.82 -23.91 -38.00
CA PHE A 81 31.71 -24.79 -39.16
C PHE A 81 30.95 -24.30 -40.39
N ARG A 82 29.94 -23.48 -40.21
CA ARG A 82 29.18 -22.99 -41.35
C ARG A 82 30.15 -22.35 -42.31
N ASP A 83 31.21 -21.77 -41.75
CA ASP A 83 32.23 -21.13 -42.56
C ASP A 83 32.94 -22.15 -43.43
N ILE A 84 33.52 -23.15 -42.78
CA ILE A 84 34.22 -24.22 -43.48
C ILE A 84 33.32 -24.80 -44.58
N LEU A 85 32.12 -25.21 -44.19
CA LEU A 85 31.15 -25.75 -45.14
C LEU A 85 31.14 -24.95 -46.43
N LEU A 86 30.79 -23.67 -46.33
CA LEU A 86 30.74 -22.81 -47.49
C LEU A 86 32.05 -22.85 -48.24
N ARG A 87 33.13 -22.63 -47.52
CA ARG A 87 34.45 -22.64 -48.11
C ARG A 87 34.85 -23.91 -48.84
N GLU A 88 34.19 -25.03 -48.56
CA GLU A 88 34.55 -26.31 -49.21
C GLU A 88 33.46 -27.36 -49.52
N GLY A 89 32.20 -26.99 -49.28
CA GLY A 89 31.10 -27.89 -49.55
C GLY A 89 30.96 -28.97 -48.49
N PRO A 90 29.90 -29.78 -48.57
CA PRO A 90 29.62 -30.88 -47.62
C PRO A 90 30.74 -31.92 -47.69
N GLU A 91 31.58 -31.75 -48.69
CA GLU A 91 32.71 -32.60 -48.94
C GLU A 91 33.81 -32.39 -47.91
N GLY A 92 34.43 -31.22 -47.96
CA GLY A 92 35.48 -30.91 -47.02
C GLY A 92 34.89 -30.89 -45.63
N PHE A 93 33.62 -30.52 -45.55
CA PHE A 93 32.93 -30.47 -44.27
C PHE A 93 33.04 -31.80 -43.55
N ALA A 94 32.48 -32.86 -44.17
CA ALA A 94 32.50 -34.20 -43.60
C ALA A 94 33.89 -34.58 -43.12
N ARG A 95 34.91 -34.20 -43.89
CA ARG A 95 36.29 -34.49 -43.53
C ARG A 95 36.65 -33.77 -42.23
N ALA A 96 36.56 -32.44 -42.23
CA ALA A 96 36.88 -31.65 -41.05
C ALA A 96 36.17 -32.21 -39.84
N VAL A 97 34.92 -32.63 -40.04
CA VAL A 97 34.10 -33.21 -38.99
C VAL A 97 34.76 -34.50 -38.57
N ARG A 98 34.99 -35.36 -39.56
CA ARG A 98 35.60 -36.65 -39.32
C ARG A 98 37.02 -36.52 -38.76
N ASN A 99 37.71 -35.42 -39.08
CA ASN A 99 39.08 -35.22 -38.62
C ASN A 99 39.20 -34.29 -37.42
N HIS A 100 38.08 -33.96 -36.77
CA HIS A 100 38.15 -33.08 -35.60
C HIS A 100 38.46 -33.91 -34.36
N PRO A 101 39.49 -33.49 -33.61
CA PRO A 101 39.94 -34.15 -32.38
C PRO A 101 38.85 -34.40 -31.35
N GLY A 102 38.44 -33.35 -30.65
CA GLY A 102 37.43 -33.53 -29.63
C GLY A 102 36.09 -34.01 -30.14
N LEU A 103 35.16 -34.20 -29.21
CA LEU A 103 33.84 -34.63 -29.56
C LEU A 103 33.13 -33.39 -30.04
N LEU A 104 32.27 -33.55 -31.05
CA LEU A 104 31.51 -32.41 -31.55
C LEU A 104 30.08 -32.60 -31.08
N LEU A 105 29.32 -31.52 -30.98
CA LEU A 105 27.94 -31.62 -30.52
C LEU A 105 26.97 -30.86 -31.44
N MET A 106 25.68 -31.05 -31.18
CA MET A 106 24.63 -30.34 -31.90
C MET A 106 23.64 -29.89 -30.87
N ASP A 107 23.08 -28.71 -31.08
CA ASP A 107 22.12 -28.21 -30.13
C ASP A 107 20.69 -28.44 -30.62
N THR A 108 19.97 -29.29 -29.89
CA THR A 108 18.60 -29.59 -30.23
C THR A 108 17.67 -28.71 -29.42
N THR A 109 18.27 -27.83 -28.61
CA THR A 109 17.50 -26.93 -27.77
C THR A 109 16.53 -26.08 -28.57
N PHE A 110 16.89 -25.77 -29.80
CA PHE A 110 16.05 -24.94 -30.66
C PHE A 110 14.96 -25.73 -31.34
N ARG A 111 15.06 -27.06 -31.31
CA ARG A 111 14.07 -27.91 -31.98
C ARG A 111 13.54 -29.08 -31.15
N ASP A 112 14.28 -30.19 -31.11
CA ASP A 112 13.82 -31.37 -30.38
C ASP A 112 13.76 -31.22 -28.87
N ALA A 113 14.52 -30.27 -28.32
CA ALA A 113 14.52 -30.08 -26.87
C ALA A 113 13.19 -29.59 -26.36
N HIS A 114 12.64 -28.57 -27.00
CA HIS A 114 11.37 -28.07 -26.54
C HIS A 114 10.22 -28.85 -27.20
N GLN A 115 10.51 -29.52 -28.31
CA GLN A 115 9.46 -30.26 -28.96
C GLN A 115 9.06 -31.39 -28.07
N SER A 116 9.99 -31.83 -27.23
CA SER A 116 9.74 -32.93 -26.30
C SER A 116 9.27 -32.51 -24.91
N LEU A 117 9.71 -31.34 -24.45
CA LEU A 117 9.34 -30.86 -23.12
C LEU A 117 8.26 -29.80 -23.08
N LEU A 118 8.15 -29.00 -24.14
CA LEU A 118 7.16 -27.93 -24.16
C LEU A 118 6.15 -27.95 -25.29
N ALA A 119 5.79 -29.15 -25.76
CA ALA A 119 4.82 -29.27 -26.84
C ALA A 119 5.21 -28.43 -28.04
N THR A 120 6.50 -28.45 -28.39
CA THR A 120 7.02 -27.69 -29.51
C THR A 120 6.41 -26.29 -29.59
N ARG A 121 6.23 -25.64 -28.45
CA ARG A 121 5.63 -24.31 -28.45
C ARG A 121 6.57 -23.10 -28.42
N VAL A 122 7.87 -23.30 -28.39
CA VAL A 122 8.74 -22.14 -28.35
C VAL A 122 8.62 -21.27 -29.61
N ARG A 123 8.48 -19.97 -29.37
CA ARG A 123 8.32 -18.97 -30.43
C ARG A 123 9.61 -18.33 -30.93
N THR A 124 9.59 -17.94 -32.19
CA THR A 124 10.73 -17.29 -32.81
C THR A 124 11.32 -16.18 -31.93
N HIS A 125 10.45 -15.35 -31.37
CA HIS A 125 10.89 -14.23 -30.52
C HIS A 125 11.98 -14.61 -29.53
N ASP A 126 11.70 -15.63 -28.71
CA ASP A 126 12.63 -16.10 -27.70
C ASP A 126 13.84 -16.80 -28.29
N LEU A 127 13.70 -17.29 -29.53
CA LEU A 127 14.81 -17.96 -30.20
C LEU A 127 15.76 -16.91 -30.77
N LYS A 128 15.22 -15.76 -31.18
CA LYS A 128 16.06 -14.70 -31.73
C LYS A 128 16.87 -14.10 -30.61
N LYS A 129 16.28 -14.05 -29.43
CA LYS A 129 16.96 -13.46 -28.28
C LYS A 129 18.34 -14.02 -27.97
N ILE A 130 18.42 -15.32 -27.73
CA ILE A 130 19.70 -15.91 -27.40
C ILE A 130 20.55 -16.28 -28.62
N ALA A 131 20.06 -15.96 -29.80
CA ALA A 131 20.76 -16.28 -31.03
C ALA A 131 22.12 -15.58 -31.07
N PRO A 132 22.15 -14.26 -30.90
CA PRO A 132 23.44 -13.58 -30.95
C PRO A 132 24.45 -14.22 -30.01
N TYR A 133 23.97 -14.70 -28.86
CA TYR A 133 24.85 -15.34 -27.89
C TYR A 133 25.48 -16.60 -28.48
N VAL A 134 24.63 -17.48 -28.96
CA VAL A 134 25.07 -18.72 -29.56
C VAL A 134 26.15 -18.45 -30.58
N ALA A 135 25.82 -17.63 -31.57
CA ALA A 135 26.75 -17.27 -32.64
C ALA A 135 28.12 -16.92 -32.08
N HIS A 136 28.13 -16.17 -30.99
CA HIS A 136 29.38 -15.73 -30.38
C HIS A 136 30.09 -16.74 -29.50
N ASN A 137 29.33 -17.57 -28.81
CA ASN A 137 29.92 -18.54 -27.88
C ASN A 137 30.06 -19.99 -28.36
N PHE A 138 29.17 -20.45 -29.20
CA PHE A 138 29.25 -21.82 -29.67
C PHE A 138 29.62 -21.97 -31.13
N SER A 139 30.76 -21.43 -31.52
CA SER A 139 31.21 -21.53 -32.90
C SER A 139 31.72 -22.94 -33.21
N LYS A 140 32.47 -23.52 -32.27
CA LYS A 140 33.04 -24.87 -32.41
C LYS A 140 31.96 -25.90 -32.71
N LEU A 141 30.71 -25.44 -32.65
CA LEU A 141 29.53 -26.28 -32.85
C LEU A 141 29.43 -26.95 -34.22
N PHE A 142 29.02 -28.22 -34.21
CA PHE A 142 28.85 -28.99 -35.44
C PHE A 142 27.70 -28.39 -36.23
N SER A 143 26.51 -28.47 -35.66
CA SER A 143 25.33 -27.91 -36.30
C SER A 143 24.44 -27.46 -35.18
N MET A 144 23.30 -26.91 -35.54
CA MET A 144 22.36 -26.43 -34.55
C MET A 144 21.00 -26.87 -35.02
N GLU A 145 20.36 -27.78 -34.31
CA GLU A 145 19.04 -28.14 -34.79
C GLU A 145 18.14 -27.03 -34.32
N ASN A 146 17.34 -26.51 -35.24
CA ASN A 146 16.45 -25.41 -34.92
C ASN A 146 15.27 -25.32 -35.88
N TRP A 147 15.13 -26.32 -36.75
CA TRP A 147 14.04 -26.27 -37.69
C TRP A 147 13.57 -27.67 -37.95
N GLY A 148 12.64 -27.83 -38.88
CA GLY A 148 12.14 -29.15 -39.20
C GLY A 148 11.38 -29.76 -38.03
N GLY A 149 11.02 -31.03 -38.13
CA GLY A 149 10.28 -31.66 -37.06
C GLY A 149 8.88 -31.09 -36.96
N ALA A 150 8.33 -31.07 -35.75
CA ALA A 150 6.98 -30.56 -35.54
C ALA A 150 6.87 -29.08 -35.90
N THR A 151 7.86 -28.31 -35.44
CA THR A 151 7.89 -26.88 -35.66
C THR A 151 7.12 -26.31 -36.86
N PHE A 152 7.44 -26.75 -38.08
CA PHE A 152 6.76 -26.20 -39.28
C PHE A 152 5.25 -26.15 -39.11
N ASP A 153 4.72 -27.23 -38.57
CA ASP A 153 3.29 -27.35 -38.34
C ASP A 153 2.82 -26.41 -37.22
N VAL A 154 3.37 -26.60 -36.04
CA VAL A 154 3.04 -25.81 -34.87
C VAL A 154 3.21 -24.31 -35.06
N ALA A 155 4.13 -23.92 -35.93
CA ALA A 155 4.39 -22.50 -36.16
C ALA A 155 3.18 -21.76 -36.71
N MET A 156 2.32 -22.47 -37.42
CA MET A 156 1.15 -21.83 -37.99
C MET A 156 -0.08 -22.28 -37.22
N ARG A 157 -0.16 -23.57 -36.96
CA ARG A 157 -1.29 -24.10 -36.25
C ARG A 157 -1.49 -23.53 -34.85
N PHE A 158 -0.40 -23.19 -34.15
CA PHE A 158 -0.55 -22.68 -32.78
C PHE A 158 0.11 -21.39 -32.35
N LEU A 159 1.27 -21.07 -32.92
CA LEU A 159 1.97 -19.84 -32.54
C LEU A 159 1.66 -18.68 -33.50
N TYR A 160 1.04 -19.00 -34.62
CA TYR A 160 0.69 -18.02 -35.63
C TYR A 160 1.87 -17.21 -36.15
N GLU A 161 3.00 -17.88 -36.35
CA GLU A 161 4.21 -17.27 -36.90
C GLU A 161 4.51 -18.02 -38.19
N CYS A 162 5.38 -17.45 -39.02
CA CYS A 162 5.74 -18.12 -40.26
C CYS A 162 7.03 -18.90 -40.07
N PRO A 163 7.00 -20.20 -40.34
CA PRO A 163 8.20 -21.03 -40.18
C PRO A 163 9.42 -20.55 -41.00
N TRP A 164 9.14 -19.98 -42.17
CA TRP A 164 10.22 -19.49 -43.01
C TRP A 164 10.85 -18.27 -42.35
N ARG A 165 10.03 -17.37 -41.84
CA ARG A 165 10.56 -16.18 -41.15
C ARG A 165 11.53 -16.60 -40.08
N ARG A 166 11.13 -17.63 -39.32
CA ARG A 166 11.96 -18.13 -38.24
C ARG A 166 13.35 -18.37 -38.79
N LEU A 167 13.42 -19.22 -39.81
CA LEU A 167 14.70 -19.53 -40.41
C LEU A 167 15.51 -18.27 -40.77
N GLN A 168 14.98 -17.49 -41.71
CA GLN A 168 15.66 -16.27 -42.18
C GLN A 168 16.13 -15.35 -41.07
N GLU A 169 15.26 -15.14 -40.08
CA GLU A 169 15.54 -14.28 -38.93
C GLU A 169 16.74 -14.79 -38.11
N LEU A 170 16.84 -16.11 -37.99
CA LEU A 170 17.92 -16.74 -37.22
C LEU A 170 19.19 -16.89 -38.05
N ARG A 171 19.04 -17.26 -39.32
CA ARG A 171 20.18 -17.41 -40.23
C ARG A 171 20.92 -16.08 -40.25
N GLU A 172 20.12 -15.02 -40.12
CA GLU A 172 20.64 -13.67 -40.11
C GLU A 172 21.48 -13.50 -38.86
N LEU A 173 20.93 -13.90 -37.71
CA LEU A 173 21.61 -13.76 -36.43
C LEU A 173 22.76 -14.72 -36.16
N ILE A 174 22.88 -15.82 -36.90
CA ILE A 174 23.94 -16.78 -36.65
C ILE A 174 24.57 -17.30 -37.93
N PRO A 175 25.41 -16.50 -38.55
CA PRO A 175 26.09 -16.85 -39.80
C PRO A 175 27.24 -17.83 -39.71
N ASN A 176 27.72 -18.09 -38.51
CA ASN A 176 28.88 -18.95 -38.35
C ASN A 176 28.63 -20.40 -37.97
N ILE A 177 27.41 -20.70 -37.50
CA ILE A 177 27.06 -22.07 -37.10
C ILE A 177 26.08 -22.73 -38.07
N PRO A 178 26.39 -23.94 -38.52
CA PRO A 178 25.55 -24.68 -39.45
C PRO A 178 24.15 -24.91 -38.90
N PHE A 179 23.16 -24.89 -39.80
CA PHE A 179 21.77 -25.10 -39.42
C PHE A 179 21.28 -26.48 -39.85
N GLN A 180 20.71 -27.23 -38.91
CA GLN A 180 20.22 -28.56 -39.22
C GLN A 180 18.72 -28.69 -38.96
N MET A 181 18.07 -29.56 -39.71
CA MET A 181 16.64 -29.77 -39.56
C MET A 181 16.31 -31.25 -39.63
N LEU A 182 15.13 -31.60 -39.15
CA LEU A 182 14.71 -32.98 -39.22
C LEU A 182 13.74 -33.06 -40.41
N LEU A 183 14.21 -33.66 -41.49
CA LEU A 183 13.43 -33.82 -42.70
C LEU A 183 12.99 -35.27 -42.82
N ARG A 184 11.73 -35.48 -43.14
CA ARG A 184 11.21 -36.83 -43.29
C ARG A 184 11.26 -37.19 -44.77
N GLY A 185 12.12 -38.15 -45.12
CA GLY A 185 12.26 -38.58 -46.50
C GLY A 185 10.91 -38.74 -47.17
N ALA A 186 10.03 -39.45 -46.48
CA ALA A 186 8.67 -39.69 -46.95
C ALA A 186 7.95 -38.37 -47.35
N ASN A 187 7.80 -37.43 -46.41
CA ASN A 187 7.11 -36.19 -46.74
C ASN A 187 7.59 -34.95 -46.01
N ALA A 188 8.79 -34.48 -46.36
CA ALA A 188 9.40 -33.29 -45.76
C ALA A 188 8.98 -32.96 -44.33
N VAL A 189 8.12 -31.97 -44.20
CA VAL A 189 7.62 -31.55 -42.88
C VAL A 189 6.09 -31.47 -42.93
N GLY A 190 5.50 -32.43 -43.65
CA GLY A 190 4.06 -32.48 -43.80
C GLY A 190 3.52 -33.69 -43.09
N TYR A 191 2.27 -34.03 -43.35
CA TYR A 191 1.65 -35.18 -42.68
C TYR A 191 1.19 -36.27 -43.64
N THR A 192 1.23 -35.99 -44.93
CA THR A 192 0.80 -36.97 -45.93
C THR A 192 1.70 -36.98 -47.15
N ASN A 193 1.49 -37.99 -47.99
CA ASN A 193 2.26 -38.11 -49.21
C ASN A 193 1.98 -36.93 -50.14
N TYR A 194 3.05 -36.33 -50.58
CA TYR A 194 2.98 -35.19 -51.48
C TYR A 194 3.80 -35.65 -52.69
N PRO A 195 3.44 -35.18 -53.89
CA PRO A 195 4.19 -35.59 -55.08
C PRO A 195 5.70 -35.28 -54.91
N ASP A 196 6.56 -36.17 -55.38
CA ASP A 196 8.00 -35.94 -55.23
C ASP A 196 8.50 -34.58 -55.73
N ASN A 197 7.76 -33.94 -56.64
CA ASN A 197 8.22 -32.66 -57.15
C ASN A 197 8.31 -31.63 -56.05
N VAL A 198 7.58 -31.86 -54.96
CA VAL A 198 7.58 -30.92 -53.84
C VAL A 198 8.74 -31.12 -52.87
N VAL A 199 9.09 -32.38 -52.60
CA VAL A 199 10.17 -32.70 -51.69
C VAL A 199 11.45 -32.02 -52.18
N PHE A 200 11.64 -31.97 -53.48
CA PHE A 200 12.82 -31.34 -54.04
C PHE A 200 12.74 -29.83 -54.00
N LYS A 201 11.53 -29.30 -54.23
CA LYS A 201 11.34 -27.86 -54.22
C LYS A 201 11.37 -27.33 -52.80
N PHE A 202 10.97 -28.17 -51.85
CA PHE A 202 10.99 -27.78 -50.46
C PHE A 202 12.43 -27.52 -50.02
N CYS A 203 13.27 -28.54 -50.24
CA CYS A 203 14.68 -28.50 -49.88
C CYS A 203 15.44 -27.45 -50.68
N GLU A 204 14.94 -27.21 -51.89
CA GLU A 204 15.56 -26.22 -52.76
C GLU A 204 15.46 -24.88 -52.05
N VAL A 205 14.26 -24.57 -51.60
CA VAL A 205 13.99 -23.32 -50.90
C VAL A 205 14.66 -23.29 -49.53
N ALA A 206 14.38 -24.31 -48.72
CA ALA A 206 14.96 -24.41 -47.38
C ALA A 206 16.45 -24.15 -47.44
N LYS A 207 17.09 -24.75 -48.44
CA LYS A 207 18.53 -24.62 -48.66
C LYS A 207 18.98 -23.19 -48.94
N GLU A 208 18.22 -22.48 -49.76
CA GLU A 208 18.58 -21.12 -50.09
C GLU A 208 18.29 -20.19 -48.94
N ASN A 209 17.22 -20.49 -48.22
CA ASN A 209 16.84 -19.66 -47.07
C ASN A 209 17.86 -19.75 -45.95
N GLY A 210 18.76 -20.72 -46.02
CA GLY A 210 19.77 -20.85 -44.99
C GLY A 210 19.96 -22.20 -44.33
N MET A 211 19.20 -23.20 -44.73
CA MET A 211 19.36 -24.52 -44.13
C MET A 211 20.60 -25.16 -44.76
N ASP A 212 21.29 -26.02 -44.01
CA ASP A 212 22.49 -26.67 -44.50
C ASP A 212 22.40 -28.19 -44.39
N VAL A 213 22.52 -28.69 -43.17
CA VAL A 213 22.46 -30.10 -42.93
C VAL A 213 21.02 -30.60 -42.86
N PHE A 214 20.72 -31.65 -43.62
CA PHE A 214 19.39 -32.22 -43.62
C PHE A 214 19.46 -33.62 -43.03
N ARG A 215 18.71 -33.84 -41.96
CA ARG A 215 18.64 -35.15 -41.31
C ARG A 215 17.37 -35.83 -41.84
N VAL A 216 17.54 -36.74 -42.80
CA VAL A 216 16.44 -37.46 -43.41
C VAL A 216 16.19 -38.78 -42.71
N PHE A 217 14.95 -39.05 -42.35
CA PHE A 217 14.63 -40.29 -41.65
C PHE A 217 13.33 -40.94 -42.11
N ASP A 218 13.18 -42.22 -41.81
CA ASP A 218 11.95 -42.91 -42.15
C ASP A 218 11.58 -43.72 -40.93
N SER A 219 10.31 -43.65 -40.57
CA SER A 219 9.84 -44.35 -39.39
C SER A 219 9.94 -45.87 -39.48
N LEU A 220 10.07 -46.39 -40.70
CA LEU A 220 10.17 -47.85 -40.88
C LEU A 220 11.55 -48.20 -41.41
N ASN A 221 12.32 -47.16 -41.71
CA ASN A 221 13.65 -47.32 -42.29
C ASN A 221 13.45 -47.98 -43.64
N TYR A 222 12.36 -47.57 -44.28
CA TYR A 222 12.00 -48.04 -45.60
C TYR A 222 12.79 -47.19 -46.59
N LEU A 223 13.97 -47.69 -46.94
CA LEU A 223 14.87 -47.02 -47.86
C LEU A 223 14.27 -46.17 -48.95
N PRO A 224 13.25 -46.66 -49.67
CA PRO A 224 12.66 -45.87 -50.73
C PRO A 224 12.37 -44.44 -50.31
N ASN A 225 11.71 -44.29 -49.16
CA ASN A 225 11.38 -42.97 -48.66
C ASN A 225 12.65 -42.24 -48.24
N MET A 226 13.54 -42.97 -47.57
CA MET A 226 14.79 -42.37 -47.10
C MET A 226 15.69 -41.85 -48.21
N LEU A 227 15.67 -42.50 -49.37
CA LEU A 227 16.50 -42.09 -50.50
C LEU A 227 15.91 -40.86 -51.21
N LEU A 228 14.59 -40.82 -51.32
CA LEU A 228 13.94 -39.67 -51.94
C LEU A 228 14.32 -38.42 -51.15
N GLY A 229 14.30 -38.55 -49.82
CA GLY A 229 14.67 -37.45 -48.97
C GLY A 229 16.12 -37.08 -49.22
N MET A 230 16.99 -38.07 -49.22
CA MET A 230 18.41 -37.84 -49.45
C MET A 230 18.66 -37.17 -50.76
N GLU A 231 17.82 -37.50 -51.75
CA GLU A 231 17.91 -36.92 -53.10
C GLU A 231 17.72 -35.40 -53.03
N ALA A 232 16.49 -34.99 -52.79
CA ALA A 232 16.10 -33.60 -52.69
C ALA A 232 17.09 -32.79 -51.85
N ALA A 233 17.57 -33.42 -50.78
CA ALA A 233 18.53 -32.76 -49.92
C ALA A 233 19.89 -32.65 -50.61
N GLY A 234 20.37 -33.78 -51.16
CA GLY A 234 21.65 -33.79 -51.83
C GLY A 234 21.65 -32.95 -53.08
N SER A 235 20.53 -32.97 -53.80
CA SER A 235 20.42 -32.21 -55.02
C SER A 235 20.23 -30.74 -54.70
N ALA A 236 19.56 -30.45 -53.59
CA ALA A 236 19.33 -29.06 -53.18
C ALA A 236 20.68 -28.44 -52.94
N GLY A 237 21.69 -29.31 -52.79
CA GLY A 237 23.04 -28.84 -52.57
C GLY A 237 23.42 -28.79 -51.12
N GLY A 238 22.57 -29.38 -50.30
CA GLY A 238 22.83 -29.39 -48.87
C GLY A 238 23.57 -30.61 -48.41
N VAL A 239 23.89 -30.63 -47.12
CA VAL A 239 24.60 -31.74 -46.49
C VAL A 239 23.58 -32.83 -46.19
N VAL A 240 23.82 -34.04 -46.69
CA VAL A 240 22.88 -35.11 -46.42
C VAL A 240 23.31 -35.92 -45.21
N GLU A 241 22.41 -36.03 -44.24
CA GLU A 241 22.72 -36.79 -43.05
C GLU A 241 21.67 -37.85 -42.86
N ALA A 242 21.83 -38.97 -43.56
CA ALA A 242 20.89 -40.08 -43.46
C ALA A 242 20.78 -40.53 -42.01
N ALA A 243 19.56 -40.64 -41.52
CA ALA A 243 19.33 -41.05 -40.15
C ALA A 243 18.64 -42.41 -40.02
N ILE A 244 19.32 -43.30 -39.32
CA ILE A 244 18.78 -44.64 -39.10
C ILE A 244 18.11 -44.68 -37.73
N SER A 245 16.83 -45.05 -37.72
CA SER A 245 16.04 -45.13 -36.51
C SER A 245 16.33 -46.45 -35.78
N TYR A 246 16.64 -46.35 -34.49
CA TYR A 246 17.03 -47.48 -33.61
C TYR A 246 15.92 -48.12 -32.76
N THR A 247 15.86 -49.46 -32.73
CA THR A 247 14.88 -50.21 -31.94
C THR A 247 15.59 -51.33 -31.17
N GLY A 248 14.99 -51.77 -30.08
CA GLY A 248 15.55 -52.85 -29.30
C GLY A 248 16.89 -52.65 -28.64
N ASP A 249 17.75 -53.66 -28.78
CA ASP A 249 19.08 -53.64 -28.19
C ASP A 249 20.01 -54.63 -28.93
N VAL A 250 20.83 -54.09 -29.84
CA VAL A 250 21.77 -54.89 -30.64
C VAL A 250 22.73 -55.69 -29.79
N ALA A 251 22.93 -55.26 -28.55
CA ALA A 251 23.82 -55.94 -27.62
C ALA A 251 23.16 -57.27 -27.25
N ASP A 252 21.83 -57.26 -27.16
CA ASP A 252 21.07 -58.46 -26.83
C ASP A 252 20.83 -59.36 -28.05
N PRO A 253 21.53 -60.50 -28.10
CA PRO A 253 21.43 -61.48 -29.19
C PRO A 253 20.04 -62.14 -29.30
N SER A 254 19.27 -62.11 -28.22
CA SER A 254 17.93 -62.70 -28.24
C SER A 254 17.19 -62.21 -29.47
N ARG A 255 16.84 -60.93 -29.45
CA ARG A 255 16.11 -60.31 -30.54
C ARG A 255 17.01 -60.23 -31.76
N THR A 256 16.47 -60.70 -32.87
CA THR A 256 17.21 -60.76 -34.11
C THR A 256 16.59 -60.04 -35.30
N LYS A 257 15.42 -59.44 -35.11
CA LYS A 257 14.78 -58.73 -36.21
C LYS A 257 15.67 -57.57 -36.65
N TYR A 258 15.85 -56.61 -35.76
CA TYR A 258 16.68 -55.46 -36.06
C TYR A 258 18.03 -55.69 -35.41
N SER A 259 18.71 -56.75 -35.83
CA SER A 259 20.02 -57.12 -35.28
C SER A 259 21.11 -56.14 -35.70
N LEU A 260 22.28 -56.26 -35.08
CA LEU A 260 23.38 -55.39 -35.46
C LEU A 260 23.53 -55.47 -36.96
N GLN A 261 23.62 -56.70 -37.47
CA GLN A 261 23.77 -56.92 -38.90
C GLN A 261 22.63 -56.33 -39.69
N TYR A 262 21.51 -56.03 -39.02
CA TYR A 262 20.39 -55.42 -39.71
C TYR A 262 20.81 -54.00 -40.07
N TYR A 263 21.27 -53.27 -39.05
CA TYR A 263 21.69 -51.88 -39.23
C TYR A 263 22.87 -51.79 -40.19
N MET A 264 23.87 -52.62 -39.93
CA MET A 264 25.05 -52.62 -40.76
C MET A 264 24.72 -52.69 -42.24
N GLY A 265 23.82 -53.59 -42.60
CA GLY A 265 23.45 -53.72 -44.01
C GLY A 265 22.83 -52.43 -44.52
N LEU A 266 21.89 -51.93 -43.75
CA LEU A 266 21.19 -50.70 -44.05
C LEU A 266 22.15 -49.55 -44.31
N ALA A 267 23.21 -49.44 -43.51
CA ALA A 267 24.19 -48.36 -43.68
C ALA A 267 24.80 -48.42 -45.08
N GLU A 268 25.25 -49.62 -45.48
CA GLU A 268 25.86 -49.85 -46.79
C GLU A 268 25.03 -49.16 -47.86
N GLU A 269 23.75 -49.52 -47.90
CA GLU A 269 22.81 -48.96 -48.86
C GLU A 269 22.78 -47.44 -48.79
N LEU A 270 22.63 -46.93 -47.58
CA LEU A 270 22.58 -45.49 -47.34
C LEU A 270 23.88 -44.81 -47.75
N VAL A 271 25.00 -45.47 -47.48
CA VAL A 271 26.31 -44.95 -47.83
C VAL A 271 26.49 -45.02 -49.33
N ARG A 272 25.95 -46.06 -49.93
CA ARG A 272 26.05 -46.20 -51.38
C ARG A 272 25.17 -45.11 -51.99
N ALA A 273 23.92 -45.06 -51.56
CA ALA A 273 22.97 -44.07 -52.05
C ALA A 273 23.63 -42.70 -51.96
N GLY A 274 24.66 -42.59 -51.12
CA GLY A 274 25.37 -41.33 -50.99
C GLY A 274 24.85 -40.39 -49.92
N THR A 275 25.57 -40.37 -48.79
CA THR A 275 25.24 -39.50 -47.66
C THR A 275 26.55 -38.94 -47.13
N HIS A 276 26.55 -37.66 -46.77
CA HIS A 276 27.75 -37.01 -46.25
C HIS A 276 28.00 -37.45 -44.82
N ILE A 277 26.94 -37.41 -44.04
CA ILE A 277 27.04 -37.78 -42.64
C ILE A 277 26.02 -38.83 -42.34
N LEU A 278 26.39 -39.75 -41.46
CA LEU A 278 25.46 -40.80 -41.08
C LEU A 278 25.07 -40.59 -39.64
N CYS A 279 23.77 -40.66 -39.39
CA CYS A 279 23.22 -40.47 -38.06
C CYS A 279 22.41 -41.64 -37.59
N ILE A 280 22.40 -41.85 -36.28
CA ILE A 280 21.60 -42.93 -35.68
C ILE A 280 20.57 -42.24 -34.79
N LYS A 281 19.30 -42.32 -35.20
CA LYS A 281 18.22 -41.69 -34.47
C LYS A 281 17.56 -42.60 -33.43
N ASP A 282 18.07 -42.58 -32.20
CA ASP A 282 17.49 -43.37 -31.12
C ASP A 282 16.45 -42.47 -30.49
N MET A 283 15.31 -42.34 -31.16
CA MET A 283 14.24 -41.48 -30.72
C MET A 283 13.55 -41.91 -29.42
N ALA A 284 13.83 -43.12 -28.95
CA ALA A 284 13.20 -43.61 -27.73
C ALA A 284 14.16 -43.64 -26.54
N GLY A 285 15.41 -43.29 -26.78
CA GLY A 285 16.39 -43.33 -25.71
C GLY A 285 16.54 -44.77 -25.26
N LEU A 286 16.79 -45.66 -26.22
CA LEU A 286 16.96 -47.08 -25.93
C LEU A 286 18.42 -47.52 -25.99
N LEU A 287 19.28 -46.70 -26.58
CA LEU A 287 20.70 -47.04 -26.67
C LEU A 287 21.39 -47.19 -25.32
N LYS A 288 21.89 -48.40 -25.04
CA LYS A 288 22.62 -48.66 -23.81
C LYS A 288 24.08 -48.52 -24.17
N PRO A 289 24.96 -48.29 -23.19
CA PRO A 289 26.39 -48.13 -23.44
C PRO A 289 27.00 -49.33 -24.15
N THR A 290 26.76 -50.50 -23.62
CA THR A 290 27.29 -51.72 -24.23
C THR A 290 26.83 -51.85 -25.68
N ALA A 291 25.54 -51.65 -25.91
CA ALA A 291 24.98 -51.73 -27.25
C ALA A 291 25.68 -50.67 -28.12
N CYS A 292 25.93 -49.52 -27.51
CA CYS A 292 26.59 -48.39 -28.18
C CYS A 292 27.99 -48.73 -28.65
N THR A 293 28.87 -49.04 -27.69
CA THR A 293 30.26 -49.41 -28.01
C THR A 293 30.24 -50.30 -29.25
N MET A 294 29.43 -51.34 -29.16
CA MET A 294 29.27 -52.31 -30.24
C MET A 294 28.91 -51.70 -31.61
N LEU A 295 27.71 -51.14 -31.68
CA LEU A 295 27.19 -50.54 -32.90
C LEU A 295 28.16 -49.57 -33.59
N VAL A 296 28.58 -48.55 -32.86
CA VAL A 296 29.48 -47.53 -33.40
C VAL A 296 30.80 -48.08 -33.92
N SER A 297 31.47 -48.91 -33.12
CA SER A 297 32.76 -49.50 -33.51
C SER A 297 32.62 -50.30 -34.82
N SER A 298 31.72 -51.28 -34.84
CA SER A 298 31.53 -52.05 -36.07
C SER A 298 31.19 -51.12 -37.23
N LEU A 299 30.77 -49.90 -36.91
CA LEU A 299 30.45 -48.90 -37.93
C LEU A 299 31.69 -48.13 -38.32
N ARG A 300 32.47 -47.74 -37.33
CA ARG A 300 33.71 -47.02 -37.57
C ARG A 300 34.66 -47.93 -38.33
N ASP A 301 34.61 -49.22 -37.98
CA ASP A 301 35.45 -50.24 -38.61
C ASP A 301 35.08 -50.37 -40.09
N ARG A 302 33.79 -50.59 -40.37
CA ARG A 302 33.31 -50.72 -41.74
C ARG A 302 33.46 -49.44 -42.56
N PHE A 303 33.37 -48.29 -41.90
CA PHE A 303 33.52 -47.01 -42.60
C PHE A 303 34.49 -46.09 -41.85
N PRO A 304 35.78 -46.39 -41.93
CA PRO A 304 36.87 -45.65 -41.27
C PRO A 304 36.73 -44.14 -41.20
N ASP A 305 36.43 -43.50 -42.32
CA ASP A 305 36.33 -42.04 -42.27
C ASP A 305 34.96 -41.44 -42.54
N LEU A 306 33.91 -42.17 -42.17
CA LEU A 306 32.54 -41.69 -42.34
C LEU A 306 32.11 -40.98 -41.06
N PRO A 307 31.56 -39.75 -41.20
CA PRO A 307 31.12 -39.01 -40.02
C PRO A 307 29.91 -39.65 -39.36
N LEU A 308 29.99 -39.84 -38.05
CA LEU A 308 28.93 -40.46 -37.27
C LEU A 308 28.28 -39.48 -36.29
N HIS A 309 26.95 -39.41 -36.34
CA HIS A 309 26.17 -38.51 -35.50
C HIS A 309 25.15 -39.29 -34.64
N ILE A 310 25.18 -39.07 -33.33
CA ILE A 310 24.28 -39.79 -32.42
C ILE A 310 23.20 -38.97 -31.71
N HIS A 311 21.94 -39.38 -31.89
CA HIS A 311 20.79 -38.72 -31.30
C HIS A 311 20.09 -39.67 -30.34
N THR A 312 19.92 -39.25 -29.09
CA THR A 312 19.25 -40.10 -28.12
C THR A 312 18.40 -39.22 -27.22
N HIS A 313 17.49 -39.84 -26.46
CA HIS A 313 16.65 -39.10 -25.55
C HIS A 313 16.90 -39.73 -24.18
N ASP A 314 17.00 -38.89 -23.17
CA ASP A 314 17.30 -39.33 -21.82
C ASP A 314 16.19 -40.11 -21.13
N THR A 315 15.12 -40.43 -21.85
CA THR A 315 13.98 -41.13 -21.24
C THR A 315 14.29 -42.31 -20.31
N SER A 316 15.24 -43.16 -20.68
CA SER A 316 15.59 -44.32 -19.86
C SER A 316 16.43 -43.94 -18.64
N GLY A 317 17.38 -43.02 -18.83
CA GLY A 317 18.25 -42.60 -17.74
C GLY A 317 19.71 -42.68 -18.12
N ALA A 318 19.98 -43.31 -19.27
CA ALA A 318 21.34 -43.45 -19.79
C ALA A 318 21.73 -42.16 -20.54
N GLY A 319 21.32 -42.08 -21.81
CA GLY A 319 21.62 -40.91 -22.62
C GLY A 319 23.06 -40.44 -22.53
N VAL A 320 23.39 -39.78 -21.44
CA VAL A 320 24.73 -39.27 -21.22
C VAL A 320 25.72 -40.42 -21.24
N ALA A 321 25.50 -41.40 -20.37
CA ALA A 321 26.39 -42.55 -20.31
C ALA A 321 26.44 -43.16 -21.70
N ALA A 322 25.30 -43.15 -22.37
CA ALA A 322 25.20 -43.69 -23.70
C ALA A 322 26.11 -42.92 -24.64
N MET A 323 25.78 -41.65 -24.87
CA MET A 323 26.57 -40.82 -25.77
C MET A 323 28.05 -40.92 -25.51
N LEU A 324 28.44 -40.92 -24.24
CA LEU A 324 29.84 -41.00 -23.89
C LEU A 324 30.47 -42.24 -24.46
N ALA A 325 29.74 -43.33 -24.41
CA ALA A 325 30.24 -44.58 -24.94
C ALA A 325 30.43 -44.44 -26.44
N CYS A 326 29.48 -43.77 -27.10
CA CYS A 326 29.54 -43.57 -28.55
C CYS A 326 30.80 -42.86 -28.98
N ALA A 327 31.16 -41.82 -28.25
CA ALA A 327 32.37 -41.09 -28.57
C ALA A 327 33.50 -42.09 -28.42
N GLN A 328 33.63 -42.66 -27.21
CA GLN A 328 34.65 -43.65 -26.89
C GLN A 328 34.94 -44.53 -28.06
N ALA A 329 33.89 -45.12 -28.63
CA ALA A 329 34.00 -46.03 -29.75
C ALA A 329 34.25 -45.38 -31.11
N GLY A 330 34.32 -44.06 -31.14
CA GLY A 330 34.60 -43.39 -32.40
C GLY A 330 33.55 -42.49 -32.99
N ALA A 331 32.44 -42.26 -32.29
CA ALA A 331 31.40 -41.38 -32.82
C ALA A 331 31.94 -39.96 -32.96
N ASP A 332 31.57 -39.28 -34.06
CA ASP A 332 32.06 -37.92 -34.31
C ASP A 332 31.28 -36.80 -33.64
N VAL A 333 29.96 -36.96 -33.52
CA VAL A 333 29.09 -35.95 -32.91
C VAL A 333 27.95 -36.62 -32.13
N VAL A 334 27.31 -35.87 -31.23
CA VAL A 334 26.20 -36.38 -30.43
C VAL A 334 25.27 -35.20 -30.11
N ASP A 335 23.96 -35.43 -30.19
CA ASP A 335 22.99 -34.37 -29.91
C ASP A 335 22.78 -34.08 -28.43
N VAL A 336 22.75 -32.79 -28.07
CA VAL A 336 22.52 -32.41 -26.67
C VAL A 336 21.64 -31.17 -26.58
N ALA A 337 21.11 -30.94 -25.40
CA ALA A 337 20.28 -29.78 -25.18
C ALA A 337 20.77 -29.04 -23.95
N ALA A 338 20.40 -27.77 -23.85
CA ALA A 338 20.79 -26.96 -22.71
C ALA A 338 20.36 -27.67 -21.46
N ASP A 339 21.15 -27.58 -20.41
CA ASP A 339 20.79 -28.26 -19.18
C ASP A 339 19.34 -28.07 -18.78
N SER A 340 18.92 -26.82 -18.66
CA SER A 340 17.56 -26.52 -18.27
C SER A 340 16.50 -27.13 -19.16
N MET A 341 16.91 -27.53 -20.36
CA MET A 341 15.99 -28.11 -21.33
C MET A 341 16.38 -29.52 -21.70
N SER A 342 17.28 -30.12 -20.91
CA SER A 342 17.74 -31.47 -21.18
C SER A 342 17.13 -32.39 -20.15
N GLY A 343 17.42 -33.68 -20.28
CA GLY A 343 16.90 -34.66 -19.36
C GLY A 343 15.56 -35.20 -19.78
N MET A 344 15.07 -36.21 -19.06
CA MET A 344 13.80 -36.85 -19.37
C MET A 344 13.63 -37.14 -20.85
N THR A 345 12.44 -36.90 -21.40
CA THR A 345 12.19 -37.19 -22.79
C THR A 345 13.00 -36.36 -23.80
N SER A 346 13.82 -35.46 -23.29
CA SER A 346 14.64 -34.60 -24.14
C SER A 346 16.05 -35.20 -24.27
N GLN A 347 16.99 -34.43 -24.80
CA GLN A 347 18.34 -34.93 -24.94
C GLN A 347 19.14 -34.78 -23.68
N PRO A 348 20.25 -35.50 -23.59
CA PRO A 348 21.12 -35.45 -22.41
C PRO A 348 21.70 -34.05 -22.12
N SER A 349 21.95 -33.80 -20.84
CA SER A 349 22.50 -32.52 -20.40
C SER A 349 23.77 -32.13 -21.11
N MET A 350 23.69 -31.10 -21.94
CA MET A 350 24.87 -30.63 -22.65
C MET A 350 26.02 -30.40 -21.66
N GLY A 351 25.70 -29.78 -20.53
CA GLY A 351 26.72 -29.50 -19.54
C GLY A 351 27.37 -30.72 -18.93
N ALA A 352 26.61 -31.80 -18.83
CA ALA A 352 27.13 -33.02 -18.27
C ALA A 352 28.08 -33.67 -19.25
N LEU A 353 27.77 -33.54 -20.54
CA LEU A 353 28.61 -34.11 -21.57
C LEU A 353 29.92 -33.35 -21.66
N VAL A 354 29.81 -32.03 -21.72
CA VAL A 354 30.97 -31.15 -21.81
C VAL A 354 31.87 -31.32 -20.60
N ALA A 355 31.26 -31.51 -19.44
CA ALA A 355 31.97 -31.68 -18.18
C ALA A 355 32.74 -32.99 -18.10
N CYS A 356 32.04 -34.08 -18.36
CA CYS A 356 32.63 -35.42 -18.33
C CYS A 356 33.65 -35.63 -19.44
N THR A 357 33.60 -34.79 -20.45
CA THR A 357 34.48 -34.94 -21.59
C THR A 357 35.79 -34.13 -21.53
N ARG A 358 35.83 -33.05 -20.74
CA ARG A 358 37.05 -32.24 -20.67
C ARG A 358 38.18 -32.97 -19.97
N GLY A 359 39.41 -32.59 -20.27
CA GLY A 359 40.55 -33.25 -19.66
C GLY A 359 40.92 -34.53 -20.40
N THR A 360 40.05 -34.93 -21.32
CA THR A 360 40.27 -36.15 -22.08
C THR A 360 40.55 -35.85 -23.54
N PRO A 361 40.95 -36.85 -24.31
CA PRO A 361 41.22 -36.63 -25.73
C PRO A 361 39.96 -36.31 -26.57
N LEU A 362 38.79 -36.32 -25.93
CA LEU A 362 37.53 -36.04 -26.63
C LEU A 362 36.99 -34.71 -26.20
N ASP A 363 37.78 -33.98 -25.43
CA ASP A 363 37.38 -32.68 -24.94
C ASP A 363 36.57 -31.91 -26.00
N THR A 364 35.45 -31.33 -25.58
CA THR A 364 34.63 -30.55 -26.51
C THR A 364 35.23 -29.15 -26.66
N GLU A 365 35.98 -28.72 -25.64
CA GLU A 365 36.60 -27.40 -25.63
C GLU A 365 35.61 -26.25 -25.44
N VAL A 366 34.41 -26.57 -24.98
CA VAL A 366 33.40 -25.55 -24.73
C VAL A 366 33.43 -25.13 -23.27
N PRO A 367 33.73 -23.84 -23.01
CA PRO A 367 33.83 -23.23 -21.69
C PRO A 367 32.58 -23.49 -20.84
N MET A 368 32.75 -24.19 -19.72
CA MET A 368 31.60 -24.47 -18.87
C MET A 368 30.80 -23.21 -18.67
N GLU A 369 31.52 -22.13 -18.41
CA GLU A 369 30.90 -20.83 -18.18
C GLU A 369 29.78 -20.52 -19.16
N ARG A 370 30.06 -20.72 -20.44
CA ARG A 370 29.09 -20.45 -21.51
C ARG A 370 27.85 -21.32 -21.46
N VAL A 371 28.02 -22.59 -21.11
CA VAL A 371 26.85 -23.47 -21.05
C VAL A 371 25.96 -23.01 -19.91
N PHE A 372 26.56 -22.41 -18.89
CA PHE A 372 25.81 -21.92 -17.74
C PHE A 372 24.89 -20.77 -18.12
N ASP A 373 25.47 -19.75 -18.76
CA ASP A 373 24.73 -18.57 -19.19
C ASP A 373 23.67 -18.91 -20.15
N TYR A 374 23.95 -19.92 -20.98
CA TYR A 374 23.01 -20.39 -21.98
C TYR A 374 21.83 -21.11 -21.31
N SER A 375 22.14 -21.99 -20.37
CA SER A 375 21.11 -22.72 -19.65
C SER A 375 20.35 -21.70 -18.81
N GLU A 376 21.11 -20.77 -18.24
CA GLU A 376 20.55 -19.69 -17.45
C GLU A 376 19.39 -19.06 -18.24
N TYR A 377 19.69 -18.67 -19.48
CA TYR A 377 18.70 -18.04 -20.34
C TYR A 377 17.47 -18.91 -20.48
N TRP A 378 17.71 -20.18 -20.81
CA TRP A 378 16.64 -21.12 -21.00
C TRP A 378 15.81 -21.44 -19.77
N GLU A 379 16.41 -21.42 -18.60
CA GLU A 379 15.61 -21.73 -17.42
C GLU A 379 14.53 -20.66 -17.29
N GLY A 380 14.89 -19.43 -17.63
CA GLY A 380 13.95 -18.34 -17.56
C GLY A 380 12.98 -18.35 -18.72
N ALA A 381 13.50 -18.58 -19.91
CA ALA A 381 12.67 -18.63 -21.10
C ALA A 381 11.58 -19.67 -20.89
N ARG A 382 11.95 -20.83 -20.35
CA ARG A 382 10.99 -21.89 -20.09
C ARG A 382 9.89 -21.46 -19.13
N GLY A 383 10.22 -20.47 -18.30
CA GLY A 383 9.28 -19.97 -17.32
C GLY A 383 8.05 -19.35 -17.95
N LEU A 384 8.20 -18.91 -19.19
CA LEU A 384 7.10 -18.31 -19.94
C LEU A 384 6.15 -19.42 -20.41
N TYR A 385 6.72 -20.55 -20.79
CA TYR A 385 5.93 -21.67 -21.27
C TYR A 385 5.52 -22.56 -20.13
N ALA A 386 5.08 -21.95 -19.03
CA ALA A 386 4.64 -22.72 -17.89
C ALA A 386 3.38 -23.51 -18.26
N ALA A 387 2.60 -22.96 -19.21
CA ALA A 387 1.34 -23.59 -19.66
C ALA A 387 1.52 -24.83 -20.53
N PHE A 388 2.76 -25.13 -20.89
CA PHE A 388 3.04 -26.29 -21.73
C PHE A 388 4.12 -27.18 -21.14
N ASP A 389 4.43 -26.97 -19.86
CA ASP A 389 5.46 -27.75 -19.20
C ASP A 389 5.03 -29.14 -18.71
N CYS A 390 5.52 -30.17 -19.40
CA CYS A 390 5.21 -31.56 -19.09
C CYS A 390 5.58 -31.82 -17.65
N THR A 391 6.37 -30.89 -17.11
CA THR A 391 6.88 -30.96 -15.76
C THR A 391 5.72 -31.04 -14.76
N ALA A 392 4.54 -30.70 -15.24
CA ALA A 392 3.32 -30.73 -14.43
C ALA A 392 2.95 -32.16 -14.01
N THR A 393 3.11 -33.10 -14.92
CA THR A 393 2.80 -34.48 -14.62
C THR A 393 4.07 -35.32 -14.50
N MET A 394 5.07 -35.03 -15.34
CA MET A 394 6.33 -35.76 -15.34
C MET A 394 7.35 -35.14 -14.42
N LYS A 395 7.75 -35.87 -13.40
CA LYS A 395 8.73 -35.38 -12.45
C LYS A 395 10.06 -36.12 -12.61
N SER A 396 10.16 -36.97 -13.64
CA SER A 396 11.40 -37.72 -13.91
C SER A 396 11.28 -38.68 -15.08
N GLY A 397 12.40 -39.30 -15.45
CA GLY A 397 12.41 -40.24 -16.56
C GLY A 397 11.76 -41.56 -16.20
N ASN A 398 11.95 -42.59 -17.02
CA ASN A 398 11.35 -43.89 -16.75
C ASN A 398 11.96 -44.99 -17.59
N SER A 399 12.64 -45.91 -16.92
CA SER A 399 13.29 -47.01 -17.62
C SER A 399 12.34 -48.00 -18.21
N ASP A 400 11.04 -47.89 -17.92
CA ASP A 400 10.11 -48.85 -18.49
C ASP A 400 9.97 -48.63 -19.99
N VAL A 401 10.70 -47.63 -20.47
CA VAL A 401 10.69 -47.31 -21.89
C VAL A 401 11.33 -48.47 -22.63
N TYR A 402 12.21 -49.18 -21.91
CA TYR A 402 12.93 -50.33 -22.45
C TYR A 402 11.94 -51.46 -22.78
N GLU A 403 10.70 -51.26 -22.39
CA GLU A 403 9.70 -52.26 -22.63
C GLU A 403 8.63 -51.85 -23.62
N ASN A 404 8.12 -50.64 -23.50
CA ASN A 404 7.08 -50.17 -24.39
C ASN A 404 7.63 -49.51 -25.64
N GLU A 405 8.91 -49.13 -25.62
CA GLU A 405 9.54 -48.49 -26.77
C GLU A 405 8.82 -47.24 -27.28
N ILE A 406 8.13 -46.54 -26.38
CA ILE A 406 7.42 -45.31 -26.74
C ILE A 406 8.45 -44.19 -26.83
N PRO A 407 8.54 -43.53 -28.00
CA PRO A 407 9.50 -42.44 -28.17
C PRO A 407 9.27 -41.29 -27.21
N GLY A 408 10.35 -40.56 -26.91
CA GLY A 408 10.28 -39.44 -26.00
C GLY A 408 9.03 -38.59 -26.13
N GLY A 409 8.91 -37.87 -27.25
CA GLY A 409 7.75 -37.03 -27.48
C GLY A 409 6.43 -37.68 -27.13
N GLN A 410 6.11 -38.80 -27.78
CA GLN A 410 4.86 -39.50 -27.53
C GLN A 410 4.72 -39.89 -26.07
N TYR A 411 5.82 -40.28 -25.44
CA TYR A 411 5.75 -40.67 -24.05
C TYR A 411 5.13 -39.52 -23.27
N THR A 412 5.85 -38.41 -23.24
CA THR A 412 5.43 -37.20 -22.56
C THR A 412 3.93 -36.87 -22.75
N ASN A 413 3.47 -36.99 -23.97
CA ASN A 413 2.08 -36.68 -24.30
C ASN A 413 1.10 -37.64 -23.67
N LEU A 414 1.37 -38.93 -23.82
CA LEU A 414 0.49 -39.94 -23.25
C LEU A 414 0.50 -39.85 -21.75
N HIS A 415 1.67 -39.57 -21.19
CA HIS A 415 1.80 -39.44 -19.75
C HIS A 415 0.92 -38.28 -19.30
N PHE A 416 1.12 -37.11 -19.90
CA PHE A 416 0.33 -35.93 -19.55
C PHE A 416 -1.16 -36.21 -19.67
N GLN A 417 -1.54 -36.86 -20.77
CA GLN A 417 -2.95 -37.20 -21.01
C GLN A 417 -3.63 -37.95 -19.88
N ALA A 418 -3.08 -39.11 -19.54
CA ALA A 418 -3.64 -39.92 -18.48
C ALA A 418 -3.71 -39.12 -17.19
N HIS A 419 -2.54 -38.71 -16.71
CA HIS A 419 -2.41 -37.95 -15.48
C HIS A 419 -3.16 -36.62 -15.43
N SER A 420 -3.22 -35.91 -16.56
CA SER A 420 -3.92 -34.62 -16.65
C SER A 420 -5.41 -34.77 -16.38
N MET A 421 -5.86 -36.02 -16.37
CA MET A 421 -7.25 -36.33 -16.12
C MET A 421 -7.30 -37.42 -15.07
N GLY A 422 -6.43 -37.29 -14.06
CA GLY A 422 -6.36 -38.27 -12.99
C GLY A 422 -6.54 -39.69 -13.48
N LEU A 423 -5.59 -40.15 -14.30
CA LEU A 423 -5.70 -41.48 -14.82
C LEU A 423 -4.35 -42.17 -14.90
N GLY A 424 -3.42 -41.76 -14.06
CA GLY A 424 -2.11 -42.38 -14.06
C GLY A 424 -2.25 -43.90 -14.06
N SER A 425 -3.19 -44.39 -13.25
CA SER A 425 -3.42 -45.83 -13.15
C SER A 425 -3.57 -46.38 -14.56
N LYS A 426 -4.30 -45.62 -15.37
CA LYS A 426 -4.57 -45.94 -16.76
C LYS A 426 -3.30 -46.13 -17.56
N PHE A 427 -2.42 -45.15 -17.48
CA PHE A 427 -1.17 -45.15 -18.22
C PHE A 427 -0.46 -46.49 -18.22
N LYS A 428 -0.44 -47.17 -17.07
CA LYS A 428 0.21 -48.47 -17.03
C LYS A 428 -0.41 -49.29 -18.19
N GLU A 429 -1.72 -49.48 -18.12
CA GLU A 429 -2.47 -50.22 -19.11
C GLU A 429 -2.21 -49.84 -20.58
N VAL A 430 -2.28 -48.56 -20.92
CA VAL A 430 -2.05 -48.18 -22.30
C VAL A 430 -0.68 -48.63 -22.76
N LYS A 431 0.31 -48.49 -21.87
CA LYS A 431 1.68 -48.90 -22.19
C LYS A 431 1.72 -50.38 -22.59
N LYS A 432 0.92 -51.20 -21.93
CA LYS A 432 0.85 -52.62 -22.23
C LYS A 432 0.15 -52.84 -23.57
N ALA A 433 -0.82 -52.00 -23.89
CA ALA A 433 -1.53 -52.13 -25.15
C ALA A 433 -0.60 -51.68 -26.27
N TYR A 434 0.34 -50.82 -25.93
CA TYR A 434 1.30 -50.31 -26.89
C TYR A 434 2.19 -51.44 -27.39
N VAL A 435 2.73 -52.19 -26.44
CA VAL A 435 3.59 -53.33 -26.74
C VAL A 435 2.82 -54.33 -27.61
N GLU A 436 1.64 -54.72 -27.15
CA GLU A 436 0.81 -55.66 -27.89
C GLU A 436 0.45 -55.16 -29.27
N ALA A 437 0.12 -53.88 -29.34
CA ALA A 437 -0.24 -53.25 -30.59
C ALA A 437 0.96 -53.32 -31.51
N ASN A 438 2.13 -53.03 -30.94
CA ASN A 438 3.37 -53.05 -31.71
C ASN A 438 3.68 -54.46 -32.15
N GLN A 439 3.52 -55.41 -31.26
CA GLN A 439 3.82 -56.77 -31.65
C GLN A 439 2.80 -57.23 -32.68
N MET A 440 1.56 -56.82 -32.48
CA MET A 440 0.44 -57.17 -33.36
C MET A 440 0.62 -56.69 -34.80
N LEU A 441 1.41 -55.64 -34.99
CA LEU A 441 1.65 -55.13 -36.34
C LEU A 441 3.01 -55.59 -36.86
N GLY A 442 3.57 -56.60 -36.19
CA GLY A 442 4.84 -57.21 -36.55
C GLY A 442 6.09 -56.64 -35.92
N ASP A 443 6.00 -56.17 -34.68
CA ASP A 443 7.11 -55.54 -33.96
C ASP A 443 7.71 -54.43 -34.84
N LEU A 444 7.44 -53.18 -34.47
CA LEU A 444 7.92 -52.08 -35.29
C LEU A 444 8.92 -51.09 -34.71
N ILE A 445 9.27 -50.13 -35.58
CA ILE A 445 10.16 -49.02 -35.31
C ILE A 445 9.14 -47.88 -35.18
N LYS A 446 9.01 -47.34 -33.98
CA LYS A 446 8.04 -46.28 -33.70
C LYS A 446 8.59 -44.85 -33.62
N VAL A 447 8.32 -44.09 -34.68
CA VAL A 447 8.73 -42.69 -34.79
C VAL A 447 7.49 -41.97 -35.32
N THR A 448 7.51 -40.64 -35.38
CA THR A 448 6.34 -39.91 -35.87
C THR A 448 5.33 -40.71 -36.69
N PRO A 449 5.66 -41.01 -37.96
CA PRO A 449 4.63 -41.78 -38.69
C PRO A 449 4.17 -43.05 -37.93
N SER A 450 4.96 -44.11 -38.02
CA SER A 450 4.68 -45.38 -37.37
C SER A 450 4.24 -45.32 -35.91
N SER A 451 5.09 -44.80 -35.04
CA SER A 451 4.80 -44.70 -33.61
C SER A 451 3.39 -44.27 -33.24
N LYS A 452 2.81 -43.36 -34.01
CA LYS A 452 1.46 -42.88 -33.70
C LYS A 452 0.36 -43.83 -34.17
N ILE A 453 0.70 -44.75 -35.07
CA ILE A 453 -0.26 -45.75 -35.55
C ILE A 453 -0.39 -46.83 -34.46
N VAL A 454 0.73 -47.18 -33.81
CA VAL A 454 0.74 -48.19 -32.74
C VAL A 454 -0.01 -47.58 -31.58
N GLY A 455 0.03 -46.25 -31.52
CA GLY A 455 -0.66 -45.53 -30.46
C GLY A 455 -2.15 -45.73 -30.55
N ASP A 456 -2.73 -45.29 -31.66
CA ASP A 456 -4.17 -45.41 -31.93
C ASP A 456 -4.68 -46.84 -31.71
N LEU A 457 -3.94 -47.82 -32.24
CA LEU A 457 -4.32 -49.22 -32.09
C LEU A 457 -4.21 -49.63 -30.62
N ALA A 458 -3.18 -49.14 -29.93
CA ALA A 458 -3.00 -49.47 -28.51
C ALA A 458 -4.20 -48.94 -27.72
N GLN A 459 -4.55 -47.69 -28.01
CA GLN A 459 -5.69 -47.06 -27.36
C GLN A 459 -6.96 -47.74 -27.82
N PHE A 460 -7.07 -48.05 -29.11
CA PHE A 460 -8.27 -48.71 -29.62
C PHE A 460 -8.53 -49.98 -28.80
N MET A 461 -7.50 -50.79 -28.59
CA MET A 461 -7.66 -52.02 -27.84
C MET A 461 -8.10 -51.80 -26.40
N VAL A 462 -7.35 -50.95 -25.69
CA VAL A 462 -7.65 -50.66 -24.28
C VAL A 462 -9.06 -50.11 -24.06
N GLN A 463 -9.39 -49.09 -24.84
CA GLN A 463 -10.69 -48.44 -24.76
C GLN A 463 -11.85 -49.37 -25.25
N ASN A 464 -11.51 -50.52 -25.79
CA ASN A 464 -12.51 -51.49 -26.25
C ASN A 464 -12.29 -52.84 -25.58
N GLY A 465 -11.39 -52.86 -24.60
CA GLY A 465 -11.07 -54.09 -23.87
C GLY A 465 -10.70 -55.25 -24.78
N LEU A 466 -9.69 -55.03 -25.60
CA LEU A 466 -9.27 -56.05 -26.54
C LEU A 466 -7.90 -56.66 -26.31
N SER A 467 -7.86 -57.91 -25.86
CA SER A 467 -6.59 -58.58 -25.64
C SER A 467 -6.03 -58.69 -27.06
N ARG A 468 -4.72 -58.91 -27.19
CA ARG A 468 -4.14 -59.01 -28.54
C ARG A 468 -4.83 -60.14 -29.28
N ALA A 469 -5.19 -61.20 -28.55
CA ALA A 469 -5.84 -62.34 -29.14
C ALA A 469 -7.23 -61.94 -29.58
N GLU A 470 -7.97 -61.27 -28.69
CA GLU A 470 -9.32 -60.80 -29.01
C GLU A 470 -9.23 -59.85 -30.19
N ALA A 471 -8.22 -58.99 -30.16
CA ALA A 471 -7.97 -58.02 -31.21
C ALA A 471 -7.72 -58.69 -32.56
N GLU A 472 -6.84 -59.69 -32.58
CA GLU A 472 -6.51 -60.39 -33.83
C GLU A 472 -7.63 -61.30 -34.32
N ALA A 473 -8.14 -62.16 -33.45
CA ALA A 473 -9.20 -63.09 -33.81
C ALA A 473 -10.42 -62.38 -34.38
N GLN A 474 -10.86 -61.32 -33.71
CA GLN A 474 -12.02 -60.58 -34.16
C GLN A 474 -11.65 -59.54 -35.21
N ALA A 475 -10.39 -59.58 -35.66
CA ALA A 475 -9.88 -58.63 -36.66
C ALA A 475 -10.62 -58.72 -38.00
N GLU A 476 -11.29 -59.84 -38.23
CA GLU A 476 -12.04 -60.05 -39.47
C GLU A 476 -12.97 -58.86 -39.68
N GLU A 477 -13.35 -58.24 -38.57
CA GLU A 477 -14.20 -57.07 -38.63
C GLU A 477 -14.36 -56.36 -37.30
N LEU A 478 -13.75 -55.19 -37.24
CA LEU A 478 -13.75 -54.28 -36.11
C LEU A 478 -13.39 -52.96 -36.79
N SER A 479 -13.64 -51.82 -36.17
CA SER A 479 -13.31 -50.55 -36.83
C SER A 479 -11.98 -49.95 -36.40
N PHE A 480 -10.91 -50.68 -36.67
CA PHE A 480 -9.56 -50.26 -36.36
C PHE A 480 -9.33 -48.87 -36.91
N PRO A 481 -8.50 -48.08 -36.21
CA PRO A 481 -8.14 -46.71 -36.58
C PRO A 481 -7.71 -46.46 -38.05
N ARG A 482 -8.26 -45.39 -38.65
CA ARG A 482 -7.96 -45.00 -40.03
C ARG A 482 -6.45 -45.11 -40.27
N SER A 483 -5.68 -44.74 -39.24
CA SER A 483 -4.22 -44.79 -39.31
C SER A 483 -3.71 -46.20 -39.47
N VAL A 484 -4.30 -47.12 -38.71
CA VAL A 484 -3.90 -48.52 -38.76
C VAL A 484 -4.20 -49.16 -40.12
N VAL A 485 -5.39 -48.89 -40.65
CA VAL A 485 -5.78 -49.43 -41.94
C VAL A 485 -4.89 -48.90 -43.06
N GLU A 486 -4.62 -47.60 -43.07
CA GLU A 486 -3.78 -47.00 -44.10
C GLU A 486 -2.36 -47.51 -43.99
N PHE A 487 -1.94 -47.88 -42.79
CA PHE A 487 -0.59 -48.39 -42.58
C PHE A 487 -0.42 -49.72 -43.29
N LEU A 488 -1.39 -50.60 -43.05
CA LEU A 488 -1.41 -51.94 -43.65
C LEU A 488 -1.58 -51.88 -45.16
N GLN A 489 -1.96 -50.71 -45.65
CA GLN A 489 -2.12 -50.49 -47.09
C GLN A 489 -0.80 -49.89 -47.53
N GLY A 490 0.13 -49.83 -46.58
CA GLY A 490 1.46 -49.30 -46.83
C GLY A 490 1.64 -47.83 -47.13
N TYR A 491 0.56 -47.04 -47.09
CA TYR A 491 0.61 -45.60 -47.36
C TYR A 491 1.91 -44.93 -46.91
N ILE A 492 2.52 -45.50 -45.86
CA ILE A 492 3.77 -44.98 -45.32
C ILE A 492 4.94 -45.72 -45.94
N GLY A 493 4.89 -47.05 -45.86
CA GLY A 493 5.95 -47.87 -46.39
C GLY A 493 5.79 -49.33 -46.00
N VAL A 494 6.84 -50.11 -46.24
CA VAL A 494 6.82 -51.54 -45.96
C VAL A 494 7.69 -51.89 -44.76
N PRO A 495 7.06 -52.37 -43.68
CA PRO A 495 7.77 -52.76 -42.46
C PRO A 495 8.74 -53.92 -42.73
N HIS A 496 9.94 -53.81 -42.16
CA HIS A 496 10.98 -54.83 -42.33
C HIS A 496 10.53 -56.12 -41.68
N GLY A 497 10.38 -57.17 -42.50
CA GLY A 497 9.89 -58.44 -42.00
C GLY A 497 8.49 -58.64 -42.55
N GLY A 498 7.99 -57.60 -43.23
CA GLY A 498 6.67 -57.61 -43.83
C GLY A 498 5.50 -57.36 -42.89
N PHE A 499 4.32 -57.12 -43.46
CA PHE A 499 3.12 -56.89 -42.66
C PHE A 499 2.67 -58.20 -42.05
N PRO A 500 2.01 -58.14 -40.88
CA PRO A 500 1.50 -59.32 -40.16
C PRO A 500 0.35 -59.91 -40.97
N GLU A 501 0.67 -60.51 -42.11
CA GLU A 501 -0.36 -61.01 -43.02
C GLU A 501 -1.50 -61.86 -42.52
N PRO A 502 -1.23 -62.86 -41.68
CA PRO A 502 -2.42 -63.60 -41.26
C PRO A 502 -3.53 -62.61 -40.83
N PHE A 503 -3.10 -61.49 -40.26
CA PHE A 503 -3.95 -60.41 -39.75
C PHE A 503 -4.21 -59.35 -40.82
N ARG A 504 -3.16 -58.74 -41.35
CA ARG A 504 -3.23 -57.69 -42.39
C ARG A 504 -4.38 -57.81 -43.40
N SER A 505 -4.55 -59.01 -43.97
CA SER A 505 -5.62 -59.26 -44.96
C SER A 505 -7.04 -59.25 -44.35
N LYS A 506 -7.23 -60.03 -43.28
CA LYS A 506 -8.51 -60.11 -42.57
C LYS A 506 -8.97 -58.71 -42.17
N VAL A 507 -8.06 -57.77 -42.33
CA VAL A 507 -8.35 -56.40 -42.01
C VAL A 507 -8.67 -55.65 -43.31
N LEU A 508 -7.69 -55.61 -44.22
CA LEU A 508 -7.81 -54.92 -45.50
C LEU A 508 -9.00 -55.33 -46.33
N LYS A 509 -9.15 -56.64 -46.54
CA LYS A 509 -10.26 -57.16 -47.33
C LYS A 509 -10.18 -56.55 -48.74
N ASP A 510 -11.34 -56.10 -49.25
CA ASP A 510 -11.42 -55.51 -50.57
C ASP A 510 -10.90 -54.09 -50.61
N LEU A 511 -9.75 -53.86 -50.00
CA LEU A 511 -9.15 -52.53 -49.98
C LEU A 511 -7.85 -52.43 -50.78
N PRO A 512 -7.67 -51.30 -51.47
CA PRO A 512 -6.51 -50.98 -52.30
C PRO A 512 -5.20 -51.00 -51.51
N ARG A 513 -4.31 -51.92 -51.85
CA ARG A 513 -3.02 -52.02 -51.17
C ARG A 513 -2.00 -51.26 -52.03
N VAL A 514 -1.34 -50.26 -51.46
CA VAL A 514 -0.34 -49.46 -52.19
C VAL A 514 0.79 -50.32 -52.73
N GLU A 515 1.30 -49.97 -53.91
CA GLU A 515 2.39 -50.73 -54.53
C GLU A 515 3.54 -49.83 -54.90
N GLY A 516 4.63 -49.95 -54.14
CA GLY A 516 5.83 -49.16 -54.38
C GLY A 516 5.91 -47.98 -53.43
N ARG A 517 6.90 -47.11 -53.63
CA ARG A 517 7.01 -45.92 -52.77
C ARG A 517 5.73 -45.14 -53.05
N PRO A 518 4.87 -44.96 -52.01
CA PRO A 518 3.62 -44.22 -52.19
C PRO A 518 3.75 -42.94 -53.04
N GLY A 519 4.69 -42.08 -52.65
CA GLY A 519 4.91 -40.83 -53.35
C GLY A 519 5.11 -40.98 -54.83
N ALA A 520 5.56 -42.16 -55.25
CA ALA A 520 5.80 -42.45 -56.67
C ALA A 520 4.51 -42.22 -57.47
N SER A 521 3.53 -43.10 -57.27
CA SER A 521 2.25 -43.06 -57.96
C SER A 521 1.49 -41.73 -57.84
N LEU A 522 2.12 -40.73 -57.24
CA LEU A 522 1.45 -39.44 -57.09
C LEU A 522 1.89 -38.46 -58.17
N PRO A 523 0.92 -37.94 -58.93
CA PRO A 523 1.21 -36.97 -60.00
C PRO A 523 1.73 -35.70 -59.32
N PRO A 524 2.62 -34.96 -59.98
CA PRO A 524 3.20 -33.72 -59.43
C PRO A 524 2.17 -32.73 -58.86
N LEU A 525 2.60 -31.50 -58.60
CA LEU A 525 1.67 -30.52 -58.06
C LEU A 525 1.93 -29.19 -58.75
N ASP A 526 1.06 -28.81 -59.66
CA ASP A 526 1.27 -27.56 -60.37
C ASP A 526 1.39 -26.42 -59.35
N LEU A 527 2.59 -25.85 -59.26
CA LEU A 527 2.86 -24.75 -58.32
C LEU A 527 2.27 -23.41 -58.74
N GLN A 528 2.11 -23.22 -60.05
CA GLN A 528 1.56 -21.98 -60.57
C GLN A 528 0.07 -22.00 -60.27
N ALA A 529 -0.55 -23.15 -60.51
CA ALA A 529 -1.97 -23.31 -60.23
C ALA A 529 -2.16 -22.91 -58.78
N LEU A 530 -1.30 -23.44 -57.90
CA LEU A 530 -1.34 -23.15 -56.47
C LEU A 530 -0.86 -21.73 -56.17
N GLU A 531 0.14 -21.26 -56.93
CA GLU A 531 0.67 -19.93 -56.72
C GLU A 531 -0.32 -18.78 -56.97
N LYS A 532 -0.88 -18.69 -58.18
CA LYS A 532 -1.85 -17.63 -58.47
C LYS A 532 -3.11 -17.89 -57.65
N GLU A 533 -3.33 -19.16 -57.29
CA GLU A 533 -4.48 -19.58 -56.49
C GLU A 533 -4.42 -19.00 -55.08
N LEU A 534 -3.21 -18.59 -54.68
CA LEU A 534 -2.97 -18.01 -53.35
C LEU A 534 -2.81 -16.49 -53.48
N VAL A 535 -2.16 -16.06 -54.56
CA VAL A 535 -1.97 -14.64 -54.81
C VAL A 535 -3.40 -14.13 -54.96
N ASP A 536 -4.13 -14.77 -55.86
CA ASP A 536 -5.52 -14.41 -56.14
C ASP A 536 -6.28 -14.15 -54.84
N ARG A 537 -5.98 -14.91 -53.79
CA ARG A 537 -6.66 -14.72 -52.51
C ARG A 537 -5.88 -13.90 -51.49
N HIS A 538 -5.04 -14.59 -50.71
CA HIS A 538 -4.26 -13.95 -49.66
C HIS A 538 -3.43 -12.72 -50.05
N GLY A 539 -3.21 -12.48 -51.34
CA GLY A 539 -2.45 -11.29 -51.73
C GLY A 539 -1.41 -11.42 -52.84
N GLU A 540 -0.94 -10.27 -53.32
CA GLU A 540 0.08 -10.20 -54.38
C GLU A 540 1.41 -10.33 -53.66
N GLU A 541 1.28 -10.77 -52.41
CA GLU A 541 2.41 -10.96 -51.52
C GLU A 541 2.97 -12.37 -51.58
N VAL A 542 2.12 -13.37 -51.34
CA VAL A 542 2.52 -14.77 -51.35
C VAL A 542 3.89 -15.00 -51.98
N THR A 543 4.75 -15.68 -51.23
CA THR A 543 6.10 -15.97 -51.70
C THR A 543 6.28 -17.46 -51.98
N PRO A 544 7.38 -17.81 -52.65
CA PRO A 544 7.62 -19.21 -52.95
C PRO A 544 7.40 -20.00 -51.68
N GLU A 545 7.96 -19.48 -50.60
CA GLU A 545 7.84 -20.12 -49.30
C GLU A 545 6.37 -20.39 -48.97
N ASP A 546 5.56 -19.33 -48.94
CA ASP A 546 4.14 -19.45 -48.64
C ASP A 546 3.50 -20.56 -49.45
N VAL A 547 3.84 -20.61 -50.74
CA VAL A 547 3.29 -21.62 -51.62
C VAL A 547 3.54 -23.01 -51.03
N LEU A 548 4.81 -23.27 -50.71
CA LEU A 548 5.20 -24.54 -50.12
C LEU A 548 4.42 -24.79 -48.83
N SER A 549 4.43 -23.81 -47.94
CA SER A 549 3.72 -23.98 -46.68
C SER A 549 2.30 -24.43 -46.98
N ALA A 550 1.61 -23.60 -47.76
CA ALA A 550 0.22 -23.85 -48.16
C ALA A 550 0.10 -25.27 -48.68
N ALA A 551 1.10 -25.65 -49.46
CA ALA A 551 1.15 -26.97 -50.04
C ALA A 551 1.10 -28.02 -48.94
N MET A 552 2.08 -28.01 -48.05
CA MET A 552 2.13 -28.99 -46.97
C MET A 552 0.93 -28.87 -46.04
N TYR A 553 0.58 -27.63 -45.71
CA TYR A 553 -0.52 -27.38 -44.80
C TYR A 553 -1.55 -26.42 -45.37
N PRO A 554 -2.43 -26.95 -46.23
CA PRO A 554 -3.50 -26.21 -46.91
C PRO A 554 -4.30 -25.34 -45.96
N ASP A 555 -5.08 -25.97 -45.10
CA ASP A 555 -5.90 -25.21 -44.17
C ASP A 555 -5.09 -24.45 -43.12
N VAL A 556 -4.39 -25.18 -42.26
CA VAL A 556 -3.58 -24.56 -41.22
C VAL A 556 -2.87 -23.31 -41.72
N PHE A 557 -2.31 -23.38 -42.92
CA PHE A 557 -1.65 -22.21 -43.49
C PHE A 557 -2.68 -21.12 -43.73
N ALA A 558 -3.76 -21.51 -44.38
CA ALA A 558 -4.83 -20.59 -44.70
C ALA A 558 -5.26 -19.83 -43.45
N HIS A 559 -5.61 -20.56 -42.40
CA HIS A 559 -6.05 -19.95 -41.14
C HIS A 559 -4.97 -19.04 -40.61
N PHE A 560 -3.76 -19.58 -40.59
CA PHE A 560 -2.64 -18.79 -40.13
C PHE A 560 -2.54 -17.48 -40.90
N LYS A 561 -2.83 -17.52 -42.20
CA LYS A 561 -2.75 -16.33 -43.04
C LYS A 561 -3.85 -15.33 -42.75
N ASP A 562 -5.08 -15.81 -42.63
CA ASP A 562 -6.21 -14.91 -42.33
C ASP A 562 -6.05 -14.26 -40.96
N PHE A 563 -5.51 -15.02 -40.02
CA PHE A 563 -5.32 -14.53 -38.67
C PHE A 563 -4.32 -13.40 -38.61
N THR A 564 -3.11 -13.66 -39.09
CA THR A 564 -2.07 -12.63 -39.10
C THR A 564 -2.54 -11.49 -39.96
N ALA A 565 -3.34 -11.84 -40.97
CA ALA A 565 -3.88 -10.85 -41.89
C ALA A 565 -4.48 -9.68 -41.13
N THR A 566 -5.38 -10.00 -40.21
CA THR A 566 -6.06 -9.00 -39.41
C THR A 566 -5.40 -8.64 -38.08
N PHE A 567 -4.42 -9.43 -37.63
CA PHE A 567 -3.77 -9.16 -36.34
C PHE A 567 -2.30 -8.73 -36.36
N GLY A 568 -1.78 -8.52 -37.57
CA GLY A 568 -0.40 -8.10 -37.71
C GLY A 568 0.62 -9.19 -37.39
N PRO A 569 1.88 -8.77 -37.17
CA PRO A 569 3.01 -9.63 -36.84
C PRO A 569 2.95 -10.07 -35.37
N LEU A 570 2.04 -10.99 -35.08
CA LEU A 570 1.91 -11.49 -33.74
C LEU A 570 3.17 -12.26 -33.35
N ASP A 571 4.13 -12.39 -34.26
CA ASP A 571 5.34 -13.12 -33.95
C ASP A 571 6.43 -12.25 -33.32
N SER A 572 6.23 -10.94 -33.38
CA SER A 572 7.19 -10.00 -32.81
C SER A 572 6.85 -9.72 -31.36
N LEU A 573 5.74 -10.30 -30.91
CA LEU A 573 5.26 -10.14 -29.54
C LEU A 573 6.00 -11.09 -28.62
N ASN A 574 6.50 -10.59 -27.49
CA ASN A 574 7.17 -11.49 -26.57
C ASN A 574 6.13 -12.49 -26.10
N THR A 575 6.58 -13.71 -25.83
CA THR A 575 5.70 -14.78 -25.40
C THR A 575 4.65 -14.44 -24.34
N ARG A 576 5.02 -13.65 -23.34
CA ARG A 576 4.09 -13.29 -22.27
C ARG A 576 2.84 -12.61 -22.80
N LEU A 577 3.03 -11.50 -23.50
CA LEU A 577 1.93 -10.74 -24.09
C LEU A 577 1.15 -11.63 -25.04
N PHE A 578 1.88 -12.40 -25.82
CA PHE A 578 1.26 -13.29 -26.77
C PHE A 578 0.30 -14.28 -26.12
N LEU A 579 0.71 -14.87 -25.01
CA LEU A 579 -0.10 -15.86 -24.32
C LEU A 579 -1.12 -15.25 -23.43
N GLN A 580 -0.61 -14.59 -22.41
CA GLN A 580 -1.41 -13.96 -21.38
C GLN A 580 -2.08 -12.66 -21.77
N GLY A 581 -1.53 -11.96 -22.76
CA GLY A 581 -2.11 -10.69 -23.15
C GLY A 581 -1.54 -9.61 -22.24
N PRO A 582 -1.88 -8.35 -22.48
CA PRO A 582 -1.34 -7.27 -21.64
C PRO A 582 -2.10 -7.05 -20.34
N LYS A 583 -1.41 -6.43 -19.38
CA LYS A 583 -1.99 -6.09 -18.08
C LYS A 583 -2.32 -4.61 -18.02
N ILE A 584 -3.58 -4.35 -17.73
CA ILE A 584 -4.15 -3.01 -17.62
C ILE A 584 -3.26 -2.05 -16.80
N ALA A 585 -2.72 -1.02 -17.45
CA ALA A 585 -1.86 -0.01 -16.81
C ALA A 585 -0.37 -0.33 -16.91
N GLU A 586 -0.05 -1.59 -17.20
CA GLU A 586 1.33 -2.01 -17.31
C GLU A 586 1.93 -1.52 -18.62
N GLU A 587 2.98 -0.73 -18.49
CA GLU A 587 3.70 -0.17 -19.62
C GLU A 587 4.49 -1.31 -20.22
N PHE A 588 4.59 -1.30 -21.54
CA PHE A 588 5.32 -2.34 -22.24
C PHE A 588 5.65 -1.88 -23.65
N GLU A 589 6.57 -2.56 -24.32
CA GLU A 589 6.94 -2.18 -25.67
C GLU A 589 7.17 -3.42 -26.52
N VAL A 590 7.03 -3.27 -27.83
CA VAL A 590 7.23 -4.37 -28.79
C VAL A 590 8.06 -3.84 -29.96
N GLU A 591 9.07 -4.61 -30.39
CA GLU A 591 9.88 -4.17 -31.52
C GLU A 591 9.29 -4.63 -32.85
N LEU A 592 8.48 -3.75 -33.44
CA LEU A 592 7.86 -4.00 -34.74
C LEU A 592 8.94 -3.57 -35.71
N GLU A 593 9.34 -4.47 -36.61
CA GLU A 593 10.37 -4.14 -37.57
C GLU A 593 11.60 -3.79 -36.76
N ARG A 594 12.12 -2.58 -36.96
CA ARG A 594 13.31 -2.18 -36.24
C ARG A 594 13.39 -0.66 -35.91
N GLY A 595 12.73 0.14 -36.74
CA GLY A 595 12.74 1.57 -36.52
C GLY A 595 11.73 1.97 -35.44
N LYS A 596 10.79 1.06 -35.15
CA LYS A 596 9.76 1.31 -34.15
C LYS A 596 10.03 0.50 -32.89
N THR A 597 9.67 1.07 -31.74
CA THR A 597 9.86 0.41 -30.47
C THR A 597 8.51 0.21 -29.82
N LEU A 598 7.54 1.06 -30.18
CA LEU A 598 6.18 0.99 -29.66
C LEU A 598 6.04 0.81 -28.14
N HIS A 599 5.78 1.91 -27.44
CA HIS A 599 5.59 1.85 -25.99
C HIS A 599 4.11 1.95 -25.73
N ILE A 600 3.55 0.87 -25.21
CA ILE A 600 2.13 0.80 -24.93
C ILE A 600 1.85 0.53 -23.48
N LYS A 601 0.67 0.95 -23.06
CA LYS A 601 0.18 0.77 -21.70
C LYS A 601 -1.31 0.59 -21.91
N ALA A 602 -1.85 -0.50 -21.40
CA ALA A 602 -3.27 -0.75 -21.53
C ALA A 602 -4.06 0.36 -20.83
N LEU A 603 -4.85 -0.01 -19.83
CA LEU A 603 -5.67 0.95 -19.08
C LEU A 603 -6.93 1.50 -19.74
N ALA A 604 -8.05 0.80 -19.48
CA ALA A 604 -9.40 1.11 -19.97
C ALA A 604 -9.99 0.09 -20.95
N VAL A 605 -11.07 -0.56 -20.49
CA VAL A 605 -11.86 -1.58 -21.21
C VAL A 605 -13.12 -1.61 -20.32
N SER A 606 -14.30 -1.94 -20.87
CA SER A 606 -15.51 -2.00 -20.03
C SER A 606 -16.84 -1.71 -20.73
N ASP A 607 -16.76 -1.35 -22.01
CA ASP A 607 -17.93 -0.99 -22.78
C ASP A 607 -18.82 -2.21 -22.97
N LEU A 608 -18.87 -3.00 -21.89
CA LEU A 608 -19.61 -4.25 -21.75
C LEU A 608 -20.73 -4.52 -22.74
N ASN A 609 -21.44 -3.47 -23.13
CA ASN A 609 -22.60 -3.65 -24.02
C ASN A 609 -22.54 -3.04 -25.42
N ARG A 610 -21.51 -2.27 -25.74
CA ARG A 610 -21.48 -1.64 -27.05
C ARG A 610 -21.94 -2.50 -28.24
N ALA A 611 -23.25 -2.57 -28.46
CA ALA A 611 -23.80 -3.34 -29.57
C ALA A 611 -23.29 -4.78 -29.52
N GLY A 612 -23.22 -5.34 -28.32
CA GLY A 612 -22.72 -6.70 -28.13
C GLY A 612 -21.21 -6.78 -28.25
N GLN A 613 -20.51 -5.77 -27.72
CA GLN A 613 -19.04 -5.74 -27.79
C GLN A 613 -18.37 -5.20 -26.54
N ARG A 614 -17.43 -4.28 -26.76
CA ARG A 614 -16.67 -3.66 -25.70
C ARG A 614 -15.55 -2.86 -26.34
N GLN A 615 -14.89 -2.01 -25.57
CA GLN A 615 -13.83 -1.21 -26.15
C GLN A 615 -12.70 -0.94 -25.15
N VAL A 616 -11.47 -1.12 -25.63
CA VAL A 616 -10.26 -0.92 -24.82
C VAL A 616 -9.41 0.20 -25.37
N ALA A 617 -8.68 0.87 -24.48
CA ALA A 617 -7.86 1.97 -24.90
C ALA A 617 -6.39 1.78 -24.54
N PHE A 618 -5.51 2.19 -25.44
CA PHE A 618 -4.10 2.08 -25.16
C PHE A 618 -3.47 3.44 -25.25
N GLU A 619 -2.31 3.58 -24.61
CA GLU A 619 -1.60 4.84 -24.60
C GLU A 619 -0.34 4.65 -25.42
N LEU A 620 -0.54 4.31 -26.69
CA LEU A 620 0.53 4.08 -27.66
C LEU A 620 1.51 5.23 -27.94
N ASN A 621 2.71 5.10 -27.41
CA ASN A 621 3.75 6.11 -27.56
C ASN A 621 3.27 7.44 -27.02
N GLY A 622 3.63 8.51 -27.75
CA GLY A 622 3.24 9.85 -27.34
C GLY A 622 1.75 10.11 -27.22
N GLN A 623 0.95 9.49 -28.10
CA GLN A 623 -0.49 9.70 -28.09
C GLN A 623 -1.19 8.55 -27.41
N LEU A 624 -2.45 8.37 -27.75
CA LEU A 624 -3.27 7.29 -27.21
C LEU A 624 -4.43 7.02 -28.15
N ARG A 625 -4.91 5.78 -28.13
CA ARG A 625 -6.02 5.39 -28.97
C ARG A 625 -6.67 4.12 -28.45
N SER A 626 -7.82 3.78 -29.01
CA SER A 626 -8.53 2.59 -28.57
C SER A 626 -9.09 1.82 -29.75
N ILE A 627 -9.16 0.51 -29.55
CA ILE A 627 -9.69 -0.40 -30.57
C ILE A 627 -10.94 -1.05 -29.95
N LEU A 628 -11.86 -1.48 -30.78
CA LEU A 628 -13.08 -2.09 -30.28
C LEU A 628 -12.99 -3.60 -30.40
N VAL A 629 -13.36 -4.32 -29.34
CA VAL A 629 -13.33 -5.79 -29.36
C VAL A 629 -14.73 -6.42 -29.21
N LYS A 630 -14.83 -7.73 -29.39
CA LYS A 630 -16.11 -8.42 -29.26
C LYS A 630 -16.02 -9.34 -28.05
N ASP A 631 -16.81 -9.09 -27.01
CA ASP A 631 -16.75 -9.90 -25.80
C ASP A 631 -16.99 -11.39 -25.97
N THR A 632 -17.56 -11.80 -27.09
CA THR A 632 -17.84 -13.23 -27.32
C THR A 632 -18.57 -13.75 -26.08
N GLN A 633 -19.35 -12.86 -25.46
CA GLN A 633 -20.08 -13.20 -24.25
C GLN A 633 -19.23 -14.19 -23.44
N ALA A 634 -17.99 -13.77 -23.18
CA ALA A 634 -17.01 -14.56 -22.43
C ALA A 634 -17.47 -14.77 -20.98
N GLN B 34 -13.24 -46.87 22.43
CA GLN B 34 -11.82 -46.79 21.96
C GLN B 34 -11.27 -45.38 22.13
N ASN B 35 -10.20 -45.24 22.92
CA ASN B 35 -9.61 -43.94 23.11
C ASN B 35 -8.68 -43.73 21.91
N ARG B 36 -8.03 -44.81 21.47
CA ARG B 36 -7.13 -44.71 20.32
C ARG B 36 -7.96 -43.99 19.25
N ALA B 37 -9.13 -44.56 18.99
CA ALA B 37 -10.09 -44.06 18.01
C ALA B 37 -10.39 -42.56 18.12
N GLN B 38 -11.27 -42.20 19.05
CA GLN B 38 -11.66 -40.81 19.24
C GLN B 38 -10.51 -39.77 19.21
N LYS B 39 -9.30 -40.19 19.60
CA LYS B 39 -8.15 -39.29 19.60
C LYS B 39 -7.84 -38.83 18.18
N LEU B 40 -7.91 -39.78 17.24
CA LEU B 40 -7.68 -39.53 15.82
C LEU B 40 -8.81 -38.71 15.25
N LEU B 41 -10.03 -39.09 15.59
CA LEU B 41 -11.21 -38.38 15.15
C LEU B 41 -10.99 -36.91 15.44
N HIS B 42 -10.85 -36.59 16.71
CA HIS B 42 -10.63 -35.23 17.12
C HIS B 42 -9.59 -34.57 16.20
N TYR B 43 -8.56 -35.31 15.85
CA TYR B 43 -7.51 -34.81 14.97
C TYR B 43 -8.09 -34.53 13.58
N LEU B 44 -8.63 -35.56 12.94
CA LEU B 44 -9.23 -35.41 11.62
C LEU B 44 -10.15 -34.20 11.61
N GLY B 45 -11.13 -34.22 12.52
CA GLY B 45 -12.07 -33.13 12.65
C GLY B 45 -11.33 -31.83 12.74
N HIS B 46 -10.35 -31.79 13.62
CA HIS B 46 -9.59 -30.57 13.78
C HIS B 46 -8.99 -30.08 12.47
N VAL B 47 -8.40 -31.00 11.71
CA VAL B 47 -7.80 -30.61 10.44
C VAL B 47 -8.88 -30.04 9.52
N MET B 48 -10.06 -30.63 9.53
CA MET B 48 -11.17 -30.16 8.71
C MET B 48 -11.48 -28.72 9.07
N VAL B 49 -11.72 -28.48 10.36
CA VAL B 49 -12.05 -27.14 10.84
C VAL B 49 -10.96 -26.08 10.69
N ASN B 50 -9.74 -26.42 11.12
CA ASN B 50 -8.60 -25.49 11.10
C ASN B 50 -7.57 -25.69 10.00
N GLY B 51 -7.69 -26.80 9.26
CA GLY B 51 -6.76 -27.06 8.19
C GLY B 51 -5.47 -27.66 8.66
N PRO B 52 -4.50 -27.84 7.74
CA PRO B 52 -3.15 -28.40 7.89
C PRO B 52 -2.41 -28.02 9.17
N THR B 53 -1.86 -29.04 9.82
CA THR B 53 -1.13 -28.88 11.06
C THR B 53 0.35 -28.58 10.81
N THR B 54 0.99 -29.40 9.96
CA THR B 54 2.40 -29.22 9.61
C THR B 54 2.48 -28.26 8.41
N PRO B 55 3.50 -27.40 8.37
CA PRO B 55 3.64 -26.45 7.27
C PRO B 55 3.60 -27.10 5.89
N ILE B 56 3.03 -26.36 4.95
CA ILE B 56 2.90 -26.82 3.58
C ILE B 56 3.48 -25.75 2.65
N PRO B 57 4.77 -25.87 2.31
CA PRO B 57 5.51 -24.94 1.44
C PRO B 57 4.88 -24.64 0.07
N VAL B 58 4.29 -25.66 -0.54
CA VAL B 58 3.67 -25.51 -1.85
C VAL B 58 2.18 -25.79 -1.71
N LYS B 59 1.36 -24.79 -2.04
CA LYS B 59 -0.08 -24.96 -1.96
C LYS B 59 -0.59 -25.97 -3.00
N ALA B 60 -0.78 -27.22 -2.55
CA ALA B 60 -1.27 -28.29 -3.40
C ALA B 60 -1.84 -29.40 -2.52
N SER B 61 -2.89 -30.05 -2.99
CA SER B 61 -3.49 -31.13 -2.23
C SER B 61 -2.89 -32.46 -2.66
N PRO B 62 -2.90 -33.47 -1.77
CA PRO B 62 -2.34 -34.78 -2.14
C PRO B 62 -3.14 -35.45 -3.23
N SER B 63 -2.45 -36.07 -4.18
CA SER B 63 -3.10 -36.76 -5.28
C SER B 63 -4.30 -37.55 -4.76
N PRO B 64 -5.39 -37.59 -5.53
CA PRO B 64 -6.61 -38.32 -5.15
C PRO B 64 -6.48 -39.81 -5.46
N THR B 65 -5.49 -40.12 -6.31
CA THR B 65 -5.20 -41.48 -6.72
C THR B 65 -4.33 -42.16 -5.63
N ASP B 66 -4.47 -43.48 -5.46
CA ASP B 66 -3.65 -44.18 -4.46
C ASP B 66 -2.58 -45.02 -5.07
N PRO B 67 -1.35 -44.91 -4.54
CA PRO B 67 -0.20 -45.68 -5.03
C PRO B 67 -0.51 -47.15 -5.27
N VAL B 68 -0.06 -47.65 -6.42
CA VAL B 68 -0.27 -49.05 -6.80
C VAL B 68 0.68 -50.02 -6.13
N VAL B 69 0.19 -50.75 -5.14
CA VAL B 69 1.00 -51.73 -4.42
C VAL B 69 0.94 -53.08 -5.12
N PRO B 70 2.05 -53.50 -5.73
CA PRO B 70 2.11 -54.78 -6.44
C PRO B 70 1.66 -55.93 -5.56
N ALA B 71 1.65 -57.12 -6.14
CA ALA B 71 1.24 -58.31 -5.41
C ALA B 71 2.51 -58.95 -4.87
N VAL B 72 2.39 -59.63 -3.74
CA VAL B 72 3.54 -60.28 -3.15
C VAL B 72 3.13 -61.63 -2.62
N PRO B 73 3.87 -62.68 -2.97
CA PRO B 73 3.46 -63.98 -2.45
C PRO B 73 3.37 -63.97 -0.92
N ILE B 74 2.57 -64.90 -0.40
CA ILE B 74 2.41 -65.05 1.03
C ILE B 74 3.62 -65.84 1.52
N GLY B 75 3.92 -65.74 2.81
CA GLY B 75 5.06 -66.46 3.33
C GLY B 75 6.30 -65.58 3.24
N PRO B 76 7.44 -66.04 3.80
CA PRO B 76 8.78 -65.41 3.87
C PRO B 76 9.46 -65.00 2.55
N PRO B 77 10.28 -63.91 2.61
CA PRO B 77 11.02 -63.39 1.44
C PRO B 77 12.11 -64.36 1.00
N PRO B 78 12.65 -64.15 -0.20
CA PRO B 78 13.71 -65.00 -0.75
C PRO B 78 15.02 -64.93 0.04
N ALA B 79 15.12 -64.00 0.98
CA ALA B 79 16.32 -63.88 1.78
C ALA B 79 17.51 -63.40 0.95
N GLY B 80 18.21 -62.41 1.48
CA GLY B 80 19.37 -61.84 0.81
C GLY B 80 20.56 -61.72 1.72
N PHE B 81 21.18 -60.54 1.72
CA PHE B 81 22.38 -60.31 2.54
C PHE B 81 22.22 -60.18 4.04
N ARG B 82 21.05 -59.74 4.51
CA ARG B 82 20.81 -59.59 5.94
C ARG B 82 21.05 -60.95 6.55
N ASP B 83 20.62 -61.97 5.81
CA ASP B 83 20.77 -63.34 6.25
C ASP B 83 22.25 -63.71 6.41
N ILE B 84 23.01 -63.61 5.33
CA ILE B 84 24.45 -63.90 5.38
C ILE B 84 25.04 -63.17 6.59
N LEU B 85 24.87 -61.84 6.60
CA LEU B 85 25.34 -60.98 7.69
C LEU B 85 25.23 -61.68 9.02
N LEU B 86 23.98 -61.91 9.44
CA LEU B 86 23.70 -62.59 10.69
C LEU B 86 24.44 -63.90 10.86
N ARG B 87 24.45 -64.69 9.80
CA ARG B 87 25.09 -65.99 9.82
C ARG B 87 26.60 -65.88 9.93
N GLU B 88 27.18 -64.73 9.57
CA GLU B 88 28.63 -64.63 9.65
C GLU B 88 29.28 -63.35 10.13
N GLY B 89 28.49 -62.42 10.64
CA GLY B 89 29.07 -61.18 11.13
C GLY B 89 29.49 -60.27 9.99
N PRO B 90 29.81 -59.00 10.29
CA PRO B 90 30.24 -58.02 9.29
C PRO B 90 31.53 -58.45 8.62
N GLU B 91 32.08 -59.57 9.06
CA GLU B 91 33.31 -60.09 8.51
C GLU B 91 32.98 -60.86 7.23
N GLY B 92 32.17 -61.91 7.37
CA GLY B 92 31.79 -62.71 6.23
C GLY B 92 30.97 -61.91 5.27
N PHE B 93 30.27 -60.94 5.82
CA PHE B 93 29.46 -60.07 5.01
C PHE B 93 30.30 -59.36 3.97
N ALA B 94 31.27 -58.57 4.45
CA ALA B 94 32.15 -57.80 3.58
C ALA B 94 32.77 -58.70 2.52
N ARG B 95 33.18 -59.90 2.90
CA ARG B 95 33.77 -60.82 1.95
C ARG B 95 32.77 -61.12 0.84
N ALA B 96 31.57 -61.56 1.24
CA ALA B 96 30.51 -61.88 0.29
C ALA B 96 30.25 -60.67 -0.62
N VAL B 97 30.24 -59.49 -0.02
CA VAL B 97 30.03 -58.27 -0.79
C VAL B 97 31.18 -58.17 -1.78
N ARG B 98 32.41 -58.20 -1.26
CA ARG B 98 33.60 -58.09 -2.08
C ARG B 98 33.78 -59.22 -3.08
N ASN B 99 33.16 -60.36 -2.82
CA ASN B 99 33.31 -61.48 -3.72
C ASN B 99 32.09 -61.72 -4.62
N HIS B 100 31.14 -60.79 -4.57
CA HIS B 100 29.95 -60.92 -5.40
C HIS B 100 30.28 -60.46 -6.82
N PRO B 101 29.97 -61.29 -7.82
CA PRO B 101 30.21 -61.02 -9.24
C PRO B 101 29.62 -59.72 -9.77
N GLY B 102 28.30 -59.66 -9.89
CA GLY B 102 27.67 -58.46 -10.40
C GLY B 102 27.82 -57.26 -9.49
N LEU B 103 27.38 -56.11 -10.00
CA LEU B 103 27.45 -54.89 -9.23
C LEU B 103 26.37 -54.92 -8.16
N LEU B 104 26.68 -54.41 -6.98
CA LEU B 104 25.69 -54.39 -5.93
C LEU B 104 25.15 -52.99 -5.83
N LEU B 105 23.93 -52.85 -5.31
CA LEU B 105 23.29 -51.55 -5.18
C LEU B 105 22.75 -51.35 -3.79
N MET B 106 22.28 -50.13 -3.52
CA MET B 106 21.64 -49.78 -2.27
C MET B 106 20.50 -48.83 -2.58
N ASP B 107 19.40 -49.01 -1.87
CA ASP B 107 18.24 -48.18 -2.12
C ASP B 107 18.15 -47.01 -1.17
N THR B 108 18.25 -45.83 -1.74
CA THR B 108 18.16 -44.61 -0.96
C THR B 108 16.75 -44.03 -1.09
N THR B 109 15.87 -44.77 -1.78
CA THR B 109 14.52 -44.30 -1.97
C THR B 109 13.82 -44.09 -0.64
N PHE B 110 14.17 -44.90 0.34
CA PHE B 110 13.56 -44.78 1.66
C PHE B 110 14.13 -43.66 2.53
N ARG B 111 15.24 -43.05 2.09
CA ARG B 111 15.89 -41.99 2.87
C ARG B 111 16.38 -40.78 2.04
N ASP B 112 17.57 -40.88 1.45
CA ASP B 112 18.13 -39.76 0.71
C ASP B 112 17.40 -39.37 -0.56
N ALA B 113 16.61 -40.29 -1.11
CA ALA B 113 15.89 -39.99 -2.34
C ALA B 113 14.84 -38.96 -2.06
N HIS B 114 14.06 -39.15 -1.00
CA HIS B 114 13.01 -38.17 -0.71
C HIS B 114 13.47 -37.03 0.16
N GLN B 115 14.65 -37.17 0.73
CA GLN B 115 15.17 -36.12 1.57
C GLN B 115 15.67 -34.99 0.67
N SER B 116 16.02 -35.38 -0.55
CA SER B 116 16.52 -34.44 -1.54
C SER B 116 15.38 -33.91 -2.40
N LEU B 117 14.36 -34.73 -2.65
CA LEU B 117 13.28 -34.29 -3.51
C LEU B 117 12.03 -33.81 -2.81
N LEU B 118 11.65 -34.48 -1.73
CA LEU B 118 10.43 -34.14 -1.02
C LEU B 118 10.58 -33.55 0.37
N ALA B 119 11.68 -32.86 0.61
CA ALA B 119 11.89 -32.26 1.90
C ALA B 119 11.81 -33.28 3.01
N THR B 120 12.35 -34.47 2.75
CA THR B 120 12.36 -35.56 3.74
C THR B 120 11.00 -35.75 4.44
N ARG B 121 9.92 -35.57 3.69
CA ARG B 121 8.58 -35.67 4.25
C ARG B 121 7.85 -37.01 4.12
N VAL B 122 8.47 -38.03 3.56
CA VAL B 122 7.79 -39.32 3.42
C VAL B 122 7.49 -40.00 4.76
N ARG B 123 6.23 -40.41 4.94
CA ARG B 123 5.78 -41.05 6.18
C ARG B 123 5.94 -42.56 6.27
N THR B 124 6.07 -43.04 7.52
CA THR B 124 6.22 -44.46 7.77
C THR B 124 5.15 -45.23 7.02
N HIS B 125 3.90 -44.76 7.12
CA HIS B 125 2.74 -45.40 6.47
C HIS B 125 3.00 -45.85 5.05
N ASP B 126 3.48 -44.91 4.23
CA ASP B 126 3.77 -45.20 2.83
C ASP B 126 5.03 -46.02 2.64
N LEU B 127 5.89 -46.06 3.65
CA LEU B 127 7.10 -46.87 3.57
C LEU B 127 6.78 -48.33 3.92
N LYS B 128 5.81 -48.53 4.82
CA LYS B 128 5.38 -49.86 5.23
C LYS B 128 4.69 -50.55 4.06
N LYS B 129 3.93 -49.77 3.30
CA LYS B 129 3.20 -50.30 2.17
C LYS B 129 4.00 -51.12 1.16
N ILE B 130 5.03 -50.53 0.57
CA ILE B 130 5.86 -51.21 -0.42
C ILE B 130 6.99 -52.07 0.17
N ALA B 131 7.05 -52.15 1.50
CA ALA B 131 8.07 -52.91 2.21
C ALA B 131 8.03 -54.39 1.87
N PRO B 132 6.86 -55.02 2.06
CA PRO B 132 6.78 -56.46 1.74
C PRO B 132 7.24 -56.71 0.32
N TYR B 133 6.83 -55.85 -0.60
CA TYR B 133 7.23 -56.00 -1.99
C TYR B 133 8.75 -56.08 -2.02
N VAL B 134 9.40 -55.06 -1.48
CA VAL B 134 10.85 -55.01 -1.45
C VAL B 134 11.49 -56.28 -0.92
N ALA B 135 11.07 -56.66 0.29
CA ALA B 135 11.58 -57.87 0.91
C ALA B 135 11.53 -59.03 -0.07
N HIS B 136 10.44 -59.12 -0.81
CA HIS B 136 10.25 -60.20 -1.77
C HIS B 136 10.97 -60.12 -3.09
N ASN B 137 11.11 -58.92 -3.63
CA ASN B 137 11.76 -58.75 -4.91
C ASN B 137 13.21 -58.30 -4.94
N PHE B 138 13.63 -57.52 -3.95
CA PHE B 138 15.01 -57.04 -3.93
C PHE B 138 15.88 -57.67 -2.86
N SER B 139 16.01 -58.99 -2.88
CA SER B 139 16.83 -59.67 -1.89
C SER B 139 18.33 -59.48 -2.19
N LYS B 140 18.67 -59.58 -3.48
CA LYS B 140 20.06 -59.43 -3.96
C LYS B 140 20.64 -58.10 -3.51
N LEU B 141 19.79 -57.26 -2.97
CA LEU B 141 20.18 -55.94 -2.50
C LEU B 141 21.28 -55.94 -1.43
N PHE B 142 22.26 -55.05 -1.58
CA PHE B 142 23.36 -54.92 -0.61
C PHE B 142 22.77 -54.44 0.74
N SER B 143 22.24 -53.23 0.74
CA SER B 143 21.61 -52.67 1.92
C SER B 143 20.44 -51.85 1.45
N MET B 144 19.74 -51.25 2.39
CA MET B 144 18.59 -50.43 2.07
C MET B 144 18.68 -49.20 2.93
N GLU B 145 18.93 -48.04 2.34
CA GLU B 145 18.98 -46.88 3.20
C GLU B 145 17.54 -46.47 3.44
N ASN B 146 17.18 -46.29 4.71
CA ASN B 146 15.82 -45.97 5.05
C ASN B 146 15.74 -45.27 6.38
N TRP B 147 16.91 -45.05 6.99
CA TRP B 147 16.94 -44.42 8.28
C TRP B 147 18.08 -43.44 8.39
N GLY B 148 18.12 -42.70 9.49
CA GLY B 148 19.19 -41.73 9.70
C GLY B 148 18.97 -40.47 8.89
N GLY B 149 20.00 -39.64 8.79
CA GLY B 149 19.87 -38.41 8.05
C GLY B 149 18.87 -37.49 8.71
N ALA B 150 18.16 -36.70 7.92
CA ALA B 150 17.18 -35.77 8.45
C ALA B 150 16.01 -36.47 9.10
N THR B 151 15.60 -37.59 8.50
CA THR B 151 14.48 -38.37 8.98
C THR B 151 14.22 -38.31 10.50
N PHE B 152 15.17 -38.77 11.32
CA PHE B 152 14.98 -38.76 12.78
C PHE B 152 14.37 -37.43 13.29
N ASP B 153 14.90 -36.30 12.80
CA ASP B 153 14.43 -34.97 13.19
C ASP B 153 13.00 -34.71 12.65
N VAL B 154 12.86 -34.79 11.32
CA VAL B 154 11.59 -34.55 10.64
C VAL B 154 10.48 -35.42 11.17
N ALA B 155 10.80 -36.66 11.47
CA ALA B 155 9.80 -37.61 11.96
C ALA B 155 9.02 -37.11 13.15
N MET B 156 9.61 -36.19 13.92
CA MET B 156 8.93 -35.67 15.09
C MET B 156 8.57 -34.23 14.83
N ARG B 157 9.51 -33.48 14.27
CA ARG B 157 9.28 -32.08 13.99
C ARG B 157 8.12 -31.80 13.00
N PHE B 158 7.95 -32.65 12.00
CA PHE B 158 6.90 -32.39 11.03
C PHE B 158 5.87 -33.48 10.78
N LEU B 159 6.26 -34.74 10.91
CA LEU B 159 5.32 -35.83 10.63
C LEU B 159 4.65 -36.37 11.88
N TYR B 160 5.14 -35.96 13.04
CA TYR B 160 4.59 -36.39 14.34
C TYR B 160 4.54 -37.91 14.53
N GLU B 161 5.53 -38.60 13.95
CA GLU B 161 5.65 -40.07 14.06
C GLU B 161 6.94 -40.32 14.85
N CYS B 162 7.11 -41.56 15.32
CA CYS B 162 8.33 -41.90 16.05
C CYS B 162 9.32 -42.59 15.10
N PRO B 163 10.56 -42.08 15.03
CA PRO B 163 11.60 -42.64 14.17
C PRO B 163 11.94 -44.10 14.52
N TRP B 164 11.84 -44.42 15.80
CA TRP B 164 12.12 -45.77 16.25
C TRP B 164 11.01 -46.68 15.71
N ARG B 165 9.76 -46.25 15.88
CA ARG B 165 8.63 -47.01 15.38
C ARG B 165 8.88 -47.34 13.93
N ARG B 166 9.22 -46.32 13.14
CA ARG B 166 9.49 -46.52 11.73
C ARG B 166 10.43 -47.71 11.55
N LEU B 167 11.59 -47.63 12.19
CA LEU B 167 12.58 -48.68 12.10
C LEU B 167 11.99 -50.04 12.44
N GLN B 168 11.44 -50.16 13.64
CA GLN B 168 10.84 -51.41 14.11
C GLN B 168 9.78 -51.99 13.18
N GLU B 169 8.87 -51.14 12.73
CA GLU B 169 7.80 -51.54 11.84
C GLU B 169 8.33 -52.10 10.52
N LEU B 170 9.38 -51.48 9.98
CA LEU B 170 9.98 -51.92 8.72
C LEU B 170 10.90 -53.13 8.85
N ARG B 171 11.64 -53.20 9.94
CA ARG B 171 12.55 -54.30 10.21
C ARG B 171 11.68 -55.54 10.20
N GLU B 172 10.47 -55.34 10.72
CA GLU B 172 9.46 -56.37 10.81
C GLU B 172 9.11 -56.88 9.42
N LEU B 173 8.82 -55.94 8.53
CA LEU B 173 8.43 -56.23 7.15
C LEU B 173 9.53 -56.68 6.18
N ILE B 174 10.79 -56.45 6.51
CA ILE B 174 11.87 -56.84 5.60
C ILE B 174 13.02 -57.42 6.39
N PRO B 175 12.91 -58.68 6.79
CA PRO B 175 13.94 -59.38 7.56
C PRO B 175 15.10 -59.94 6.72
N ASN B 176 14.98 -59.89 5.40
CA ASN B 176 16.03 -60.44 4.55
C ASN B 176 17.06 -59.44 4.01
N ILE B 177 16.70 -58.16 3.97
CA ILE B 177 17.58 -57.10 3.43
C ILE B 177 18.20 -56.20 4.50
N PRO B 178 19.52 -56.01 4.43
CA PRO B 178 20.26 -55.18 5.37
C PRO B 178 19.73 -53.74 5.45
N PHE B 179 19.73 -53.17 6.65
CA PHE B 179 19.24 -51.81 6.86
C PHE B 179 20.39 -50.87 7.04
N GLN B 180 20.46 -49.83 6.21
CA GLN B 180 21.55 -48.86 6.31
C GLN B 180 21.09 -47.47 6.69
N MET B 181 21.93 -46.75 7.44
CA MET B 181 21.62 -45.41 7.89
C MET B 181 22.83 -44.47 7.78
N LEU B 182 22.55 -43.17 7.66
CA LEU B 182 23.61 -42.16 7.58
C LEU B 182 23.84 -41.64 8.99
N LEU B 183 24.89 -42.12 9.63
CA LEU B 183 25.23 -41.71 11.00
C LEU B 183 26.35 -40.70 10.99
N ARG B 184 26.17 -39.58 11.67
CA ARG B 184 27.21 -38.53 11.70
C ARG B 184 28.16 -38.78 12.87
N GLY B 185 29.37 -39.18 12.53
CA GLY B 185 30.35 -39.46 13.57
C GLY B 185 30.22 -38.43 14.67
N ALA B 186 30.37 -37.16 14.28
CA ALA B 186 30.28 -36.04 15.21
C ALA B 186 29.10 -36.15 16.19
N ASN B 187 27.87 -36.22 15.68
CA ASN B 187 26.70 -36.28 16.56
C ASN B 187 25.52 -37.08 16.02
N ALA B 188 25.71 -38.39 15.86
CA ALA B 188 24.67 -39.29 15.37
C ALA B 188 23.61 -38.68 14.45
N VAL B 189 22.44 -38.41 15.00
CA VAL B 189 21.34 -37.83 14.22
C VAL B 189 20.79 -36.59 14.93
N GLY B 190 21.70 -35.84 15.52
CA GLY B 190 21.31 -34.62 16.22
C GLY B 190 21.87 -33.41 15.50
N TYR B 191 21.81 -32.26 16.16
CA TYR B 191 22.30 -31.03 15.57
C TYR B 191 23.49 -30.43 16.34
N THR B 192 23.69 -30.89 17.58
CA THR B 192 24.80 -30.39 18.41
C THR B 192 25.65 -31.49 19.03
N ASN B 193 26.75 -31.04 19.63
CA ASN B 193 27.69 -31.92 20.31
C ASN B 193 26.96 -32.56 21.48
N TYR B 194 27.04 -33.87 21.55
CA TYR B 194 26.42 -34.59 22.65
C TYR B 194 27.58 -35.38 23.25
N PRO B 195 27.60 -35.56 24.59
CA PRO B 195 28.69 -36.32 25.20
C PRO B 195 28.80 -37.71 24.52
N ASP B 196 30.02 -38.15 24.22
CA ASP B 196 30.24 -39.43 23.56
C ASP B 196 29.53 -40.65 24.16
N ASN B 197 29.07 -40.54 25.40
CA ASN B 197 28.37 -41.68 26.00
C ASN B 197 27.07 -41.95 25.26
N VAL B 198 26.53 -40.91 24.63
CA VAL B 198 25.27 -41.02 23.90
C VAL B 198 25.51 -41.61 22.53
N VAL B 199 26.63 -41.25 21.92
CA VAL B 199 26.95 -41.75 20.60
C VAL B 199 27.03 -43.27 20.58
N PHE B 200 27.48 -43.84 21.69
CA PHE B 200 27.58 -45.28 21.83
C PHE B 200 26.26 -45.90 22.20
N LYS B 201 25.50 -45.19 23.02
CA LYS B 201 24.20 -45.68 23.45
C LYS B 201 23.19 -45.61 22.29
N PHE B 202 23.42 -44.67 21.39
CA PHE B 202 22.55 -44.50 20.23
C PHE B 202 22.65 -45.68 19.30
N CYS B 203 23.86 -46.00 18.89
CA CYS B 203 24.08 -47.11 17.99
C CYS B 203 23.75 -48.43 18.68
N GLU B 204 23.88 -48.46 20.00
CA GLU B 204 23.59 -49.67 20.75
C GLU B 204 22.11 -50.00 20.59
N VAL B 205 21.27 -49.01 20.79
CA VAL B 205 19.83 -49.18 20.65
C VAL B 205 19.47 -49.44 19.18
N ALA B 206 19.94 -48.55 18.30
CA ALA B 206 19.68 -48.65 16.86
C ALA B 206 19.99 -50.05 16.32
N LYS B 207 21.14 -50.57 16.73
CA LYS B 207 21.61 -51.89 16.33
C LYS B 207 20.65 -53.00 16.74
N GLU B 208 20.17 -52.91 17.98
CA GLU B 208 19.24 -53.91 18.49
C GLU B 208 17.88 -53.77 17.84
N ASN B 209 17.49 -52.53 17.57
CA ASN B 209 16.21 -52.26 16.94
C ASN B 209 16.17 -52.73 15.48
N GLY B 210 17.33 -53.12 14.95
CA GLY B 210 17.36 -53.64 13.60
C GLY B 210 18.30 -52.98 12.61
N MET B 211 19.06 -52.00 13.08
CA MET B 211 19.98 -51.36 12.15
C MET B 211 21.21 -52.24 12.04
N ASP B 212 21.78 -52.29 10.84
CA ASP B 212 22.96 -53.10 10.57
C ASP B 212 24.19 -52.27 10.15
N VAL B 213 24.14 -51.77 8.91
CA VAL B 213 25.20 -50.96 8.33
C VAL B 213 25.12 -49.49 8.73
N PHE B 214 26.20 -48.97 9.28
CA PHE B 214 26.25 -47.58 9.69
C PHE B 214 27.20 -46.80 8.80
N ARG B 215 26.67 -45.83 8.08
CA ARG B 215 27.49 -45.01 7.22
C ARG B 215 27.85 -43.82 8.07
N VAL B 216 29.10 -43.74 8.49
CA VAL B 216 29.54 -42.64 9.33
C VAL B 216 30.30 -41.63 8.49
N PHE B 217 29.95 -40.34 8.59
CA PHE B 217 30.63 -39.34 7.80
C PHE B 217 30.95 -38.08 8.61
N ASP B 218 31.87 -37.28 8.09
CA ASP B 218 32.22 -36.03 8.76
C ASP B 218 32.26 -34.97 7.67
N SER B 219 31.52 -33.88 7.90
CA SER B 219 31.44 -32.80 6.94
C SER B 219 32.78 -32.21 6.49
N LEU B 220 33.82 -32.30 7.33
CA LEU B 220 35.13 -31.75 6.98
C LEU B 220 36.11 -32.91 6.86
N ASN B 221 35.60 -34.11 7.06
CA ASN B 221 36.41 -35.32 7.03
C ASN B 221 37.46 -35.22 8.12
N TYR B 222 37.02 -34.71 9.25
CA TYR B 222 37.85 -34.55 10.42
C TYR B 222 37.85 -35.87 11.17
N LEU B 223 38.86 -36.70 10.89
CA LEU B 223 39.00 -38.02 11.49
C LEU B 223 38.52 -38.23 12.91
N PRO B 224 38.91 -37.36 13.84
CA PRO B 224 38.47 -37.52 15.24
C PRO B 224 36.99 -37.80 15.37
N ASN B 225 36.17 -37.05 14.64
CA ASN B 225 34.72 -37.24 14.69
C ASN B 225 34.33 -38.53 13.99
N MET B 226 34.95 -38.79 12.83
CA MET B 226 34.67 -40.00 12.05
C MET B 226 35.01 -41.29 12.79
N LEU B 227 36.02 -41.24 13.63
CA LEU B 227 36.40 -42.42 14.38
C LEU B 227 35.44 -42.65 15.53
N LEU B 228 35.01 -41.57 16.18
CA LEU B 228 34.07 -41.70 17.28
C LEU B 228 32.84 -42.43 16.76
N GLY B 229 32.33 -41.99 15.61
CA GLY B 229 31.18 -42.63 15.03
C GLY B 229 31.48 -44.10 14.76
N MET B 230 32.58 -44.36 14.07
CA MET B 230 32.99 -45.73 13.74
C MET B 230 32.99 -46.61 14.98
N GLU B 231 33.52 -46.08 16.08
CA GLU B 231 33.59 -46.80 17.34
C GLU B 231 32.18 -47.29 17.75
N ALA B 232 31.34 -46.34 18.12
CA ALA B 232 29.97 -46.60 18.56
C ALA B 232 29.33 -47.62 17.64
N ALA B 233 29.54 -47.44 16.34
CA ALA B 233 28.99 -48.33 15.31
C ALA B 233 29.64 -49.70 15.37
N GLY B 234 30.97 -49.71 15.45
CA GLY B 234 31.69 -50.96 15.52
C GLY B 234 31.40 -51.65 16.82
N SER B 235 31.52 -50.91 17.91
CA SER B 235 31.27 -51.48 19.23
C SER B 235 29.88 -52.06 19.30
N ALA B 236 28.88 -51.28 18.87
CA ALA B 236 27.48 -51.73 18.89
C ALA B 236 27.38 -53.10 18.23
N GLY B 237 28.41 -53.49 17.48
CA GLY B 237 28.39 -54.77 16.82
C GLY B 237 27.76 -54.70 15.45
N GLY B 238 27.73 -53.50 14.86
CA GLY B 238 27.15 -53.36 13.54
C GLY B 238 28.24 -53.26 12.50
N VAL B 239 27.84 -53.19 11.24
CA VAL B 239 28.78 -53.05 10.12
C VAL B 239 29.21 -51.58 10.00
N VAL B 240 30.52 -51.36 10.04
CA VAL B 240 31.00 -50.00 9.93
C VAL B 240 31.32 -49.68 8.49
N GLU B 241 30.75 -48.59 8.00
CA GLU B 241 30.99 -48.14 6.64
C GLU B 241 31.40 -46.70 6.73
N ALA B 242 32.70 -46.47 6.91
CA ALA B 242 33.26 -45.14 7.02
C ALA B 242 33.09 -44.44 5.67
N ALA B 243 32.60 -43.21 5.73
CA ALA B 243 32.34 -42.43 4.53
C ALA B 243 33.20 -41.21 4.38
N ILE B 244 33.87 -41.15 3.23
CA ILE B 244 34.73 -40.03 2.90
C ILE B 244 33.90 -39.09 2.02
N SER B 245 33.84 -37.81 2.42
CA SER B 245 33.10 -36.79 1.68
C SER B 245 33.98 -36.25 0.54
N TYR B 246 33.48 -36.26 -0.69
CA TYR B 246 34.23 -35.81 -1.88
C TYR B 246 33.96 -34.35 -2.35
N THR B 247 35.05 -33.63 -2.72
CA THR B 247 35.04 -32.23 -3.24
C THR B 247 35.97 -32.06 -4.48
N GLY B 248 35.77 -30.98 -5.25
CA GLY B 248 36.62 -30.75 -6.41
C GLY B 248 36.58 -31.80 -7.51
N ASP B 249 37.76 -32.12 -8.04
CA ASP B 249 37.89 -33.10 -9.12
C ASP B 249 39.30 -33.66 -9.15
N VAL B 250 39.52 -34.79 -8.49
CA VAL B 250 40.83 -35.43 -8.42
C VAL B 250 41.48 -35.63 -9.79
N ALA B 251 40.67 -35.70 -10.83
CA ALA B 251 41.18 -35.88 -12.19
C ALA B 251 41.92 -34.61 -12.60
N ASP B 252 41.41 -33.48 -12.13
CA ASP B 252 41.98 -32.16 -12.40
C ASP B 252 43.18 -31.86 -11.49
N PRO B 253 44.41 -31.93 -12.05
CA PRO B 253 45.66 -31.67 -11.33
C PRO B 253 45.82 -30.26 -10.77
N SER B 254 45.06 -29.33 -11.33
CA SER B 254 45.07 -27.93 -10.88
C SER B 254 44.93 -27.88 -9.37
N ARG B 255 43.71 -28.21 -8.92
CA ARG B 255 43.39 -28.24 -7.51
C ARG B 255 44.07 -29.39 -6.81
N THR B 256 44.81 -29.04 -5.76
CA THR B 256 45.60 -29.98 -5.00
C THR B 256 45.23 -30.09 -3.53
N LYS B 257 44.34 -29.24 -3.05
CA LYS B 257 43.97 -29.32 -1.65
C LYS B 257 43.48 -30.73 -1.37
N TYR B 258 42.34 -31.08 -1.96
CA TYR B 258 41.77 -32.40 -1.81
C TYR B 258 42.17 -33.26 -3.00
N SER B 259 43.47 -33.40 -3.21
CA SER B 259 44.02 -34.19 -4.33
C SER B 259 43.75 -35.68 -4.13
N LEU B 260 44.10 -36.49 -5.11
CA LEU B 260 43.88 -37.93 -4.99
C LEU B 260 44.60 -38.47 -3.77
N GLN B 261 45.86 -38.09 -3.64
CA GLN B 261 46.66 -38.53 -2.52
C GLN B 261 46.13 -38.00 -1.19
N TYR B 262 45.17 -37.09 -1.24
CA TYR B 262 44.58 -36.58 -0.01
C TYR B 262 43.65 -37.69 0.49
N TYR B 263 42.78 -38.17 -0.40
CA TYR B 263 41.83 -39.22 -0.09
C TYR B 263 42.55 -40.53 0.21
N MET B 264 43.45 -40.93 -0.69
CA MET B 264 44.22 -42.14 -0.50
C MET B 264 44.78 -42.26 0.91
N GLY B 265 45.33 -41.16 1.41
CA GLY B 265 45.90 -41.16 2.74
C GLY B 265 44.83 -41.34 3.79
N LEU B 266 43.74 -40.59 3.64
CA LEU B 266 42.59 -40.65 4.55
C LEU B 266 42.06 -42.09 4.63
N ALA B 267 42.12 -42.80 3.50
CA ALA B 267 41.67 -44.18 3.46
C ALA B 267 42.49 -45.01 4.43
N GLU B 268 43.81 -44.91 4.33
CA GLU B 268 44.73 -45.65 5.22
C GLU B 268 44.28 -45.53 6.67
N GLU B 269 44.09 -44.29 7.14
CA GLU B 269 43.65 -44.03 8.51
C GLU B 269 42.38 -44.81 8.82
N LEU B 270 41.33 -44.48 8.09
CA LEU B 270 40.02 -45.10 8.28
C LEU B 270 40.06 -46.63 8.23
N VAL B 271 40.91 -47.19 7.36
CA VAL B 271 41.01 -48.65 7.26
C VAL B 271 41.76 -49.20 8.46
N ARG B 272 42.78 -48.46 8.90
CA ARG B 272 43.54 -48.90 10.05
C ARG B 272 42.62 -48.80 11.27
N ALA B 273 41.97 -47.66 11.43
CA ALA B 273 41.04 -47.45 12.54
C ALA B 273 40.01 -48.59 12.55
N GLY B 274 39.93 -49.30 11.42
CA GLY B 274 39.02 -50.42 11.27
C GLY B 274 37.64 -50.09 10.74
N THR B 275 37.39 -50.48 9.50
CA THR B 275 36.10 -50.28 8.83
C THR B 275 35.83 -51.49 7.93
N HIS B 276 34.62 -52.03 8.00
CA HIS B 276 34.26 -53.21 7.20
C HIS B 276 34.13 -52.86 5.74
N ILE B 277 33.46 -51.74 5.50
CA ILE B 277 33.23 -51.26 4.15
C ILE B 277 33.64 -49.83 4.07
N LEU B 278 34.12 -49.41 2.91
CA LEU B 278 34.51 -48.04 2.70
C LEU B 278 33.62 -47.42 1.63
N CYS B 279 33.04 -46.27 1.97
CA CYS B 279 32.16 -45.52 1.08
C CYS B 279 32.68 -44.12 0.75
N ILE B 280 32.34 -43.66 -0.45
CA ILE B 280 32.72 -42.34 -0.92
C ILE B 280 31.42 -41.54 -1.04
N LYS B 281 31.26 -40.54 -0.19
CA LYS B 281 30.06 -39.74 -0.19
C LYS B 281 30.14 -38.48 -1.06
N ASP B 282 29.82 -38.61 -2.34
CA ASP B 282 29.81 -37.45 -3.25
C ASP B 282 28.45 -36.80 -3.09
N MET B 283 28.28 -36.07 -2.01
CA MET B 283 27.00 -35.45 -1.67
C MET B 283 26.56 -34.34 -2.62
N ALA B 284 27.47 -33.89 -3.48
CA ALA B 284 27.15 -32.82 -4.41
C ALA B 284 27.09 -33.31 -5.86
N GLY B 285 27.42 -34.57 -6.10
CA GLY B 285 27.40 -35.11 -7.46
C GLY B 285 28.47 -34.49 -8.35
N LEU B 286 29.68 -34.42 -7.84
CA LEU B 286 30.78 -33.81 -8.57
C LEU B 286 31.63 -34.87 -9.22
N LEU B 287 31.39 -36.11 -8.85
CA LEU B 287 32.16 -37.20 -9.42
C LEU B 287 32.01 -37.37 -10.93
N LYS B 288 33.08 -37.11 -11.67
CA LYS B 288 33.04 -37.29 -13.11
C LYS B 288 33.54 -38.71 -13.35
N PRO B 289 33.21 -39.29 -14.51
CA PRO B 289 33.63 -40.65 -14.84
C PRO B 289 35.14 -40.81 -14.77
N THR B 290 35.84 -39.86 -15.35
CA THR B 290 37.30 -39.87 -15.39
C THR B 290 37.85 -39.86 -13.98
N ALA B 291 37.47 -38.86 -13.20
CA ALA B 291 37.92 -38.75 -11.82
C ALA B 291 37.62 -40.08 -11.13
N CYS B 292 36.45 -40.66 -11.47
CA CYS B 292 35.99 -41.93 -10.91
C CYS B 292 36.99 -43.05 -11.16
N THR B 293 37.12 -43.44 -12.42
CA THR B 293 38.05 -44.49 -12.82
C THR B 293 39.34 -44.36 -12.00
N MET B 294 39.86 -43.15 -11.97
CA MET B 294 41.09 -42.87 -11.23
C MET B 294 41.01 -43.27 -9.76
N LEU B 295 40.15 -42.55 -9.04
CA LEU B 295 39.95 -42.75 -7.61
C LEU B 295 39.78 -44.19 -7.18
N VAL B 296 38.73 -44.83 -7.69
CA VAL B 296 38.43 -46.21 -7.36
C VAL B 296 39.60 -47.15 -7.59
N SER B 297 40.13 -47.18 -8.83
CA SER B 297 41.25 -48.07 -9.15
C SER B 297 42.39 -47.93 -8.14
N SER B 298 42.96 -46.74 -7.99
CA SER B 298 44.05 -46.55 -7.04
C SER B 298 43.62 -47.01 -5.66
N LEU B 299 42.31 -47.07 -5.44
CA LEU B 299 41.76 -47.54 -4.17
C LEU B 299 41.70 -49.06 -4.13
N ARG B 300 41.21 -49.66 -5.22
CA ARG B 300 41.11 -51.13 -5.33
C ARG B 300 42.51 -51.71 -5.37
N ASP B 301 43.45 -50.91 -5.88
CA ASP B 301 44.84 -51.31 -5.98
C ASP B 301 45.36 -51.37 -4.55
N ARG B 302 45.37 -50.22 -3.88
CA ARG B 302 45.83 -50.16 -2.50
C ARG B 302 45.14 -51.15 -1.54
N PHE B 303 43.85 -51.42 -1.76
CA PHE B 303 43.12 -52.36 -0.91
C PHE B 303 42.35 -53.39 -1.73
N PRO B 304 43.08 -54.37 -2.29
CA PRO B 304 42.58 -55.46 -3.13
C PRO B 304 41.22 -56.04 -2.82
N ASP B 305 40.96 -56.33 -1.56
CA ASP B 305 39.67 -56.91 -1.21
C ASP B 305 38.82 -56.10 -0.24
N LEU B 306 38.99 -54.78 -0.28
CA LEU B 306 38.19 -53.90 0.56
C LEU B 306 36.93 -53.57 -0.22
N PRO B 307 35.75 -53.65 0.43
CA PRO B 307 34.45 -53.36 -0.20
C PRO B 307 34.29 -51.87 -0.43
N LEU B 308 34.02 -51.49 -1.68
CA LEU B 308 33.88 -50.08 -2.03
C LEU B 308 32.42 -49.72 -2.35
N HIS B 309 31.93 -48.66 -1.70
CA HIS B 309 30.55 -48.19 -1.84
C HIS B 309 30.54 -46.73 -2.30
N ILE B 310 29.88 -46.45 -3.42
CA ILE B 310 29.84 -45.09 -3.94
C ILE B 310 28.48 -44.42 -3.86
N HIS B 311 28.48 -43.18 -3.39
CA HIS B 311 27.26 -42.38 -3.26
C HIS B 311 27.41 -41.11 -4.08
N THR B 312 26.41 -40.80 -4.90
CA THR B 312 26.47 -39.58 -5.70
C THR B 312 25.07 -39.02 -5.88
N HIS B 313 24.99 -37.79 -6.37
CA HIS B 313 23.70 -37.15 -6.63
C HIS B 313 23.74 -36.70 -8.08
N ASP B 314 22.68 -37.01 -8.82
CA ASP B 314 22.60 -36.71 -10.25
C ASP B 314 22.55 -35.24 -10.62
N THR B 315 22.70 -34.38 -9.62
CA THR B 315 22.66 -32.94 -9.85
C THR B 315 23.39 -32.44 -11.10
N SER B 316 24.63 -32.85 -11.32
CA SER B 316 25.39 -32.39 -12.48
C SER B 316 24.84 -32.92 -13.80
N GLY B 317 24.50 -34.20 -13.78
CA GLY B 317 23.98 -34.86 -14.96
C GLY B 317 24.69 -36.16 -15.22
N ALA B 318 25.81 -36.37 -14.55
CA ALA B 318 26.60 -37.59 -14.69
C ALA B 318 25.98 -38.72 -13.91
N GLY B 319 26.32 -38.78 -12.63
CA GLY B 319 25.77 -39.81 -11.76
C GLY B 319 25.80 -41.21 -12.35
N VAL B 320 24.84 -41.53 -13.22
CA VAL B 320 24.77 -42.84 -13.85
C VAL B 320 26.09 -43.12 -14.56
N ALA B 321 26.47 -42.18 -15.43
CA ALA B 321 27.71 -42.31 -16.16
C ALA B 321 28.82 -42.52 -15.15
N ALA B 322 28.79 -41.72 -14.10
CA ALA B 322 29.79 -41.79 -13.05
C ALA B 322 29.83 -43.16 -12.38
N MET B 323 28.71 -43.59 -11.83
CA MET B 323 28.61 -44.89 -11.15
C MET B 323 29.05 -46.02 -12.04
N LEU B 324 28.65 -45.98 -13.31
CA LEU B 324 29.07 -47.02 -14.22
C LEU B 324 30.59 -47.11 -14.29
N ALA B 325 31.25 -45.97 -14.16
CA ALA B 325 32.70 -45.92 -14.21
C ALA B 325 33.26 -46.58 -12.97
N CYS B 326 32.73 -46.19 -11.82
CA CYS B 326 33.16 -46.75 -10.55
C CYS B 326 33.16 -48.27 -10.58
N ALA B 327 32.08 -48.84 -11.10
CA ALA B 327 31.99 -50.28 -11.18
C ALA B 327 33.13 -50.77 -12.06
N GLN B 328 33.18 -50.26 -13.28
CA GLN B 328 34.21 -50.61 -14.23
C GLN B 328 35.53 -50.79 -13.53
N ALA B 329 35.91 -49.78 -12.76
CA ALA B 329 37.17 -49.79 -12.04
C ALA B 329 37.22 -50.63 -10.77
N GLY B 330 36.18 -51.43 -10.53
CA GLY B 330 36.19 -52.27 -9.35
C GLY B 330 35.34 -51.94 -8.12
N ALA B 331 34.43 -50.97 -8.23
CA ALA B 331 33.57 -50.58 -7.10
C ALA B 331 32.58 -51.72 -6.82
N ASP B 332 32.38 -52.01 -5.54
CA ASP B 332 31.48 -53.10 -5.15
C ASP B 332 29.98 -52.78 -5.07
N VAL B 333 29.66 -51.55 -4.71
CA VAL B 333 28.26 -51.12 -4.58
C VAL B 333 28.13 -49.65 -5.00
N VAL B 334 26.92 -49.24 -5.38
CA VAL B 334 26.65 -47.85 -5.76
C VAL B 334 25.23 -47.51 -5.34
N ASP B 335 25.03 -46.31 -4.81
CA ASP B 335 23.70 -45.93 -4.35
C ASP B 335 22.75 -45.52 -5.47
N VAL B 336 21.52 -46.03 -5.43
CA VAL B 336 20.51 -45.68 -6.43
C VAL B 336 19.14 -45.50 -5.80
N ALA B 337 18.25 -44.85 -6.54
CA ALA B 337 16.90 -44.63 -6.08
C ALA B 337 15.94 -45.11 -7.16
N ALA B 338 14.69 -45.35 -6.79
CA ALA B 338 13.67 -45.79 -7.74
C ALA B 338 13.56 -44.73 -8.80
N ASP B 339 13.39 -45.14 -10.06
CA ASP B 339 13.27 -44.19 -11.17
C ASP B 339 12.43 -42.92 -10.89
N SER B 340 11.18 -43.09 -10.47
CA SER B 340 10.29 -41.97 -10.19
C SER B 340 10.81 -41.07 -9.07
N MET B 341 11.85 -41.53 -8.38
CA MET B 341 12.43 -40.77 -7.27
C MET B 341 13.92 -40.49 -7.47
N SER B 342 14.42 -40.74 -8.68
CA SER B 342 15.83 -40.51 -8.98
C SER B 342 15.92 -39.26 -9.81
N GLY B 343 17.13 -38.93 -10.26
CA GLY B 343 17.30 -37.75 -11.08
C GLY B 343 17.52 -36.51 -10.25
N MET B 344 17.94 -35.44 -10.91
CA MET B 344 18.20 -34.18 -10.23
C MET B 344 19.04 -34.34 -8.97
N THR B 345 18.65 -33.66 -7.90
CA THR B 345 19.40 -33.70 -6.65
C THR B 345 19.37 -35.05 -5.91
N SER B 346 18.67 -36.02 -6.48
CA SER B 346 18.60 -37.33 -5.86
C SER B 346 19.61 -38.24 -6.52
N GLN B 347 19.51 -39.53 -6.25
CA GLN B 347 20.44 -40.49 -6.83
C GLN B 347 20.05 -40.89 -8.23
N PRO B 348 21.01 -41.47 -8.96
CA PRO B 348 20.75 -41.90 -10.33
C PRO B 348 19.67 -42.95 -10.47
N SER B 349 19.04 -42.93 -11.63
CA SER B 349 17.98 -43.86 -11.97
C SER B 349 18.38 -45.29 -11.72
N MET B 350 17.80 -45.92 -10.70
CA MET B 350 18.10 -47.31 -10.39
C MET B 350 17.94 -48.13 -11.65
N GLY B 351 16.85 -47.89 -12.37
CA GLY B 351 16.54 -48.61 -13.59
C GLY B 351 17.50 -48.39 -14.74
N ALA B 352 18.11 -47.22 -14.75
CA ALA B 352 19.09 -46.88 -15.79
C ALA B 352 20.35 -47.69 -15.53
N LEU B 353 20.70 -47.82 -14.25
CA LEU B 353 21.87 -48.57 -13.84
C LEU B 353 21.69 -50.04 -14.17
N VAL B 354 20.62 -50.62 -13.63
CA VAL B 354 20.28 -52.03 -13.85
C VAL B 354 20.26 -52.36 -15.33
N ALA B 355 19.69 -51.45 -16.10
CA ALA B 355 19.56 -51.62 -17.53
C ALA B 355 20.92 -51.66 -18.25
N CYS B 356 21.71 -50.61 -18.05
CA CYS B 356 23.02 -50.50 -18.70
C CYS B 356 24.05 -51.49 -18.18
N THR B 357 23.69 -52.22 -17.13
CA THR B 357 24.62 -53.16 -16.52
C THR B 357 24.32 -54.61 -16.84
N ARG B 358 23.12 -54.92 -17.33
CA ARG B 358 22.80 -56.32 -17.67
C ARG B 358 23.48 -56.75 -18.96
N GLY B 359 23.75 -58.04 -19.08
CA GLY B 359 24.40 -58.55 -20.27
C GLY B 359 25.91 -58.41 -20.16
N THR B 360 26.35 -57.72 -19.11
CA THR B 360 27.77 -57.52 -18.89
C THR B 360 28.18 -58.28 -17.63
N PRO B 361 29.49 -58.42 -17.38
CA PRO B 361 29.93 -59.13 -16.18
C PRO B 361 29.55 -58.40 -14.88
N LEU B 362 29.01 -57.19 -14.98
CA LEU B 362 28.61 -56.43 -13.79
C LEU B 362 27.11 -56.49 -13.57
N ASP B 363 26.44 -57.34 -14.34
CA ASP B 363 24.99 -57.50 -14.26
C ASP B 363 24.51 -57.51 -12.82
N THR B 364 23.47 -56.72 -12.54
CA THR B 364 22.89 -56.63 -11.22
C THR B 364 21.92 -57.78 -11.00
N GLU B 365 21.51 -58.40 -12.11
CA GLU B 365 20.58 -59.52 -12.11
C GLU B 365 19.17 -59.16 -11.63
N VAL B 366 18.90 -57.87 -11.49
CA VAL B 366 17.59 -57.39 -11.03
C VAL B 366 16.59 -57.30 -12.19
N PRO B 367 15.47 -58.03 -12.09
CA PRO B 367 14.42 -58.06 -13.11
C PRO B 367 13.85 -56.69 -13.40
N MET B 368 14.12 -56.21 -14.61
CA MET B 368 13.61 -54.91 -15.03
C MET B 368 12.16 -54.76 -14.57
N GLU B 369 11.40 -55.81 -14.81
CA GLU B 369 10.00 -55.86 -14.42
C GLU B 369 9.79 -55.30 -13.03
N ARG B 370 10.56 -55.77 -12.07
CA ARG B 370 10.45 -55.33 -10.68
C ARG B 370 10.76 -53.85 -10.42
N VAL B 371 11.76 -53.31 -11.10
CA VAL B 371 12.10 -51.90 -10.90
C VAL B 371 10.94 -51.06 -11.44
N PHE B 372 10.18 -51.65 -12.36
CA PHE B 372 9.05 -50.97 -12.95
C PHE B 372 7.94 -50.83 -11.94
N ASP B 373 7.53 -51.96 -11.37
CA ASP B 373 6.45 -51.94 -10.38
C ASP B 373 6.84 -51.10 -9.18
N TYR B 374 8.11 -51.17 -8.80
CA TYR B 374 8.60 -50.42 -7.67
C TYR B 374 8.52 -48.92 -7.95
N SER B 375 8.96 -48.49 -9.13
CA SER B 375 8.88 -47.07 -9.50
C SER B 375 7.39 -46.71 -9.67
N GLU B 376 6.63 -47.65 -10.22
CA GLU B 376 5.20 -47.50 -10.42
C GLU B 376 4.59 -47.05 -9.10
N TYR B 377 4.92 -47.79 -8.03
CA TYR B 377 4.43 -47.47 -6.71
C TYR B 377 4.83 -46.07 -6.28
N TRP B 378 6.13 -45.75 -6.41
CA TRP B 378 6.62 -44.44 -6.00
C TRP B 378 6.11 -43.27 -6.76
N GLU B 379 5.86 -43.43 -8.04
CA GLU B 379 5.34 -42.30 -8.81
C GLU B 379 4.03 -41.85 -8.19
N GLY B 380 3.24 -42.81 -7.70
CA GLY B 380 1.96 -42.49 -7.11
C GLY B 380 2.05 -42.03 -5.67
N ALA B 381 2.93 -42.66 -4.90
CA ALA B 381 3.09 -42.27 -3.52
C ALA B 381 3.53 -40.79 -3.50
N ARG B 382 4.42 -40.42 -4.43
CA ARG B 382 4.94 -39.05 -4.52
C ARG B 382 3.85 -38.05 -4.83
N GLY B 383 2.79 -38.53 -5.48
CA GLY B 383 1.68 -37.66 -5.83
C GLY B 383 0.93 -37.19 -4.59
N LEU B 384 1.20 -37.85 -3.48
CA LEU B 384 0.57 -37.50 -2.21
C LEU B 384 1.36 -36.35 -1.58
N TYR B 385 2.63 -36.26 -1.94
CA TYR B 385 3.49 -35.21 -1.43
C TYR B 385 3.67 -34.12 -2.46
N ALA B 386 2.57 -33.70 -3.08
CA ALA B 386 2.61 -32.65 -4.07
C ALA B 386 2.95 -31.31 -3.41
N ALA B 387 2.69 -31.21 -2.11
CA ALA B 387 2.95 -29.98 -1.34
C ALA B 387 4.41 -29.73 -0.98
N PHE B 388 5.26 -30.73 -1.25
CA PHE B 388 6.70 -30.66 -0.94
C PHE B 388 7.57 -30.99 -2.14
N ASP B 389 6.97 -31.06 -3.32
CA ASP B 389 7.71 -31.40 -4.52
C ASP B 389 8.51 -30.23 -5.10
N CYS B 390 9.83 -30.39 -5.07
CA CYS B 390 10.75 -29.38 -5.57
C CYS B 390 10.51 -29.20 -7.06
N THR B 391 9.78 -30.16 -7.62
CA THR B 391 9.44 -30.20 -9.03
C THR B 391 8.75 -28.88 -9.41
N ALA B 392 8.11 -28.27 -8.42
CA ALA B 392 7.43 -27.01 -8.62
C ALA B 392 8.37 -25.92 -9.21
N THR B 393 9.60 -25.82 -8.68
CA THR B 393 10.56 -24.83 -9.16
C THR B 393 11.66 -25.49 -9.98
N MET B 394 12.07 -26.68 -9.57
CA MET B 394 13.11 -27.40 -10.30
C MET B 394 12.52 -28.29 -11.40
N LYS B 395 12.87 -28.01 -12.65
CA LYS B 395 12.39 -28.83 -13.76
C LYS B 395 13.51 -29.67 -14.37
N SER B 396 14.69 -29.66 -13.73
CA SER B 396 15.85 -30.44 -14.19
C SER B 396 17.12 -30.12 -13.38
N GLY B 397 18.18 -30.88 -13.65
CA GLY B 397 19.44 -30.68 -12.96
C GLY B 397 20.16 -29.42 -13.38
N ASN B 398 21.43 -29.31 -13.01
CA ASN B 398 22.21 -28.12 -13.34
C ASN B 398 23.70 -28.39 -13.13
N SER B 399 24.47 -28.37 -14.21
CA SER B 399 25.92 -28.61 -14.13
C SER B 399 26.75 -27.49 -13.47
N ASP B 400 26.12 -26.36 -13.16
CA ASP B 400 26.85 -25.25 -12.55
C ASP B 400 27.23 -25.66 -11.15
N VAL B 401 26.85 -26.88 -10.79
CA VAL B 401 27.15 -27.44 -9.48
C VAL B 401 28.67 -27.65 -9.38
N TYR B 402 29.27 -27.87 -10.55
CA TYR B 402 30.71 -28.09 -10.65
C TYR B 402 31.45 -26.83 -10.22
N GLU B 403 30.71 -25.76 -9.98
CA GLU B 403 31.32 -24.52 -9.60
C GLU B 403 31.01 -24.07 -8.19
N ASN B 404 29.73 -24.10 -7.80
CA ASN B 404 29.37 -23.65 -6.46
C ASN B 404 29.54 -24.75 -5.43
N GLU B 405 29.57 -25.99 -5.90
CA GLU B 405 29.75 -27.12 -5.00
C GLU B 405 28.66 -27.24 -3.93
N ILE B 406 27.43 -26.84 -4.27
CA ILE B 406 26.30 -26.93 -3.34
C ILE B 406 25.75 -28.36 -3.37
N PRO B 407 25.70 -29.03 -2.21
CA PRO B 407 25.20 -30.40 -2.18
C PRO B 407 23.76 -30.52 -2.66
N GLY B 408 23.39 -31.71 -3.10
CA GLY B 408 22.04 -31.95 -3.60
C GLY B 408 20.91 -31.34 -2.81
N GLY B 409 20.79 -31.71 -1.55
CA GLY B 409 19.72 -31.19 -0.71
C GLY B 409 19.64 -29.67 -0.64
N GLN B 410 20.74 -29.04 -0.22
CA GLN B 410 20.82 -27.61 -0.09
C GLN B 410 20.51 -26.88 -1.38
N TYR B 411 20.90 -27.49 -2.49
CA TYR B 411 20.64 -26.88 -3.78
C TYR B 411 19.15 -26.72 -3.95
N THR B 412 18.46 -27.85 -3.90
CA THR B 412 17.02 -27.90 -4.03
C THR B 412 16.31 -26.82 -3.20
N ASN B 413 16.69 -26.71 -1.93
CA ASN B 413 16.08 -25.78 -1.00
C ASN B 413 16.27 -24.33 -1.38
N LEU B 414 17.52 -23.96 -1.64
CA LEU B 414 17.87 -22.60 -2.03
C LEU B 414 17.17 -22.24 -3.35
N HIS B 415 17.11 -23.22 -4.26
CA HIS B 415 16.46 -23.02 -5.55
C HIS B 415 14.97 -22.79 -5.34
N PHE B 416 14.33 -23.65 -4.55
CA PHE B 416 12.92 -23.47 -4.27
C PHE B 416 12.76 -22.12 -3.61
N GLN B 417 13.61 -21.85 -2.62
CA GLN B 417 13.57 -20.58 -1.92
C GLN B 417 13.49 -19.37 -2.84
N ALA B 418 14.55 -19.15 -3.59
CA ALA B 418 14.60 -18.05 -4.53
C ALA B 418 13.33 -18.01 -5.38
N HIS B 419 13.17 -19.03 -6.21
CA HIS B 419 12.04 -19.13 -7.12
C HIS B 419 10.64 -19.15 -6.50
N SER B 420 10.48 -19.74 -5.32
CA SER B 420 9.16 -19.78 -4.71
C SER B 420 8.68 -18.37 -4.38
N MET B 421 9.60 -17.41 -4.44
CA MET B 421 9.28 -16.02 -4.14
C MET B 421 9.71 -15.13 -5.30
N GLY B 422 9.55 -15.65 -6.52
CA GLY B 422 9.95 -14.89 -7.69
C GLY B 422 11.32 -14.25 -7.51
N LEU B 423 12.34 -15.08 -7.24
CA LEU B 423 13.69 -14.55 -7.07
C LEU B 423 14.76 -15.42 -7.73
N GLY B 424 14.39 -16.08 -8.82
CA GLY B 424 15.37 -16.89 -9.52
C GLY B 424 16.55 -16.03 -9.92
N SER B 425 16.28 -14.78 -10.29
CA SER B 425 17.31 -13.81 -10.68
C SER B 425 18.37 -13.74 -9.57
N LYS B 426 17.86 -13.78 -8.34
CA LYS B 426 18.67 -13.75 -7.13
C LYS B 426 19.60 -14.95 -7.03
N PHE B 427 19.02 -16.14 -7.18
CA PHE B 427 19.75 -17.40 -7.07
C PHE B 427 21.14 -17.38 -7.71
N LYS B 428 21.27 -16.76 -8.88
CA LYS B 428 22.58 -16.72 -9.51
C LYS B 428 23.53 -16.11 -8.48
N GLU B 429 23.17 -14.90 -8.03
CA GLU B 429 23.93 -14.14 -7.05
C GLU B 429 24.42 -14.95 -5.85
N VAL B 430 23.49 -15.57 -5.12
CA VAL B 430 23.84 -16.35 -3.95
C VAL B 430 24.83 -17.46 -4.28
N LYS B 431 24.65 -18.11 -5.42
CA LYS B 431 25.55 -19.18 -5.81
C LYS B 431 26.96 -18.61 -5.86
N LYS B 432 27.06 -17.35 -6.25
CA LYS B 432 28.35 -16.70 -6.36
C LYS B 432 28.91 -16.39 -4.97
N ALA B 433 28.02 -16.02 -4.06
CA ALA B 433 28.43 -15.72 -2.69
C ALA B 433 28.85 -17.03 -2.05
N TYR B 434 28.18 -18.11 -2.42
CA TYR B 434 28.49 -19.41 -1.87
C TYR B 434 29.94 -19.74 -2.16
N VAL B 435 30.38 -19.52 -3.39
CA VAL B 435 31.75 -19.83 -3.75
C VAL B 435 32.72 -18.94 -2.97
N GLU B 436 32.43 -17.66 -2.91
CA GLU B 436 33.27 -16.74 -2.17
C GLU B 436 33.27 -17.04 -0.70
N ALA B 437 32.10 -17.37 -0.17
CA ALA B 437 31.98 -17.71 1.24
C ALA B 437 32.84 -18.93 1.54
N ASN B 438 32.72 -19.95 0.68
CA ASN B 438 33.47 -21.18 0.84
C ASN B 438 34.96 -20.93 0.70
N GLN B 439 35.33 -20.13 -0.31
CA GLN B 439 36.75 -19.84 -0.50
C GLN B 439 37.24 -19.04 0.70
N MET B 440 36.36 -18.19 1.21
CA MET B 440 36.63 -17.33 2.34
C MET B 440 36.87 -18.10 3.63
N LEU B 441 36.34 -19.31 3.71
CA LEU B 441 36.53 -20.10 4.92
C LEU B 441 37.65 -21.14 4.71
N GLY B 442 38.39 -20.97 3.62
CA GLY B 442 39.49 -21.85 3.30
C GLY B 442 39.19 -23.00 2.35
N ASP B 443 38.19 -22.82 1.49
CA ASP B 443 37.78 -23.85 0.52
C ASP B 443 37.38 -25.11 1.28
N LEU B 444 36.08 -25.36 1.38
CA LEU B 444 35.63 -26.49 2.15
C LEU B 444 34.90 -27.64 1.48
N ILE B 445 34.61 -28.62 2.33
CA ILE B 445 33.86 -29.81 2.00
C ILE B 445 32.51 -29.43 2.58
N LYS B 446 31.52 -29.26 1.73
CA LYS B 446 30.20 -28.85 2.20
C LYS B 446 29.14 -29.95 2.28
N VAL B 447 28.88 -30.42 3.50
CA VAL B 447 27.87 -31.44 3.80
C VAL B 447 27.13 -30.83 5.00
N THR B 448 25.97 -31.39 5.37
CA THR B 448 25.14 -30.86 6.46
C THR B 448 25.82 -29.90 7.43
N PRO B 449 26.71 -30.40 8.30
CA PRO B 449 27.28 -29.39 9.19
C PRO B 449 27.89 -28.20 8.40
N SER B 450 29.11 -28.39 7.90
CA SER B 450 29.84 -27.38 7.14
C SER B 450 29.03 -26.62 6.10
N SER B 451 28.49 -27.37 5.15
CA SER B 451 27.70 -26.83 4.03
C SER B 451 26.67 -25.77 4.39
N LYS B 452 26.06 -25.88 5.56
CA LYS B 452 25.08 -24.88 5.92
C LYS B 452 25.72 -23.64 6.53
N ILE B 453 27.00 -23.74 6.89
CA ILE B 453 27.73 -22.60 7.46
C ILE B 453 28.15 -21.67 6.34
N VAL B 454 28.53 -22.27 5.21
CA VAL B 454 28.94 -21.50 4.02
C VAL B 454 27.68 -20.82 3.52
N GLY B 455 26.55 -21.51 3.72
CA GLY B 455 25.27 -21.00 3.29
C GLY B 455 25.00 -19.67 3.96
N ASP B 456 24.90 -19.71 5.27
CA ASP B 456 24.65 -18.52 6.06
C ASP B 456 25.60 -17.40 5.67
N LEU B 457 26.88 -17.72 5.58
CA LEU B 457 27.88 -16.73 5.22
C LEU B 457 27.64 -16.17 3.83
N ALA B 458 27.35 -17.06 2.88
CA ALA B 458 27.08 -16.63 1.51
C ALA B 458 25.89 -15.67 1.50
N GLN B 459 24.83 -16.03 2.21
CA GLN B 459 23.63 -15.19 2.29
C GLN B 459 23.90 -13.92 3.08
N PHE B 460 24.71 -14.03 4.12
CA PHE B 460 25.01 -12.88 4.94
C PHE B 460 25.59 -11.81 4.01
N MET B 461 26.66 -12.19 3.31
CA MET B 461 27.33 -11.28 2.40
C MET B 461 26.35 -10.67 1.40
N VAL B 462 25.70 -11.51 0.61
CA VAL B 462 24.76 -11.04 -0.40
C VAL B 462 23.76 -10.05 0.16
N GLN B 463 23.04 -10.47 1.20
CA GLN B 463 22.01 -9.66 1.83
C GLN B 463 22.54 -8.39 2.51
N ASN B 464 23.87 -8.24 2.50
CA ASN B 464 24.51 -7.07 3.07
C ASN B 464 25.48 -6.43 2.09
N GLY B 465 25.41 -6.86 0.83
CA GLY B 465 26.28 -6.33 -0.20
C GLY B 465 27.75 -6.31 0.21
N LEU B 466 28.30 -7.51 0.39
CA LEU B 466 29.69 -7.68 0.80
C LEU B 466 30.56 -8.52 -0.13
N SER B 467 31.41 -7.84 -0.89
CA SER B 467 32.31 -8.54 -1.78
C SER B 467 33.19 -9.40 -0.88
N ARG B 468 33.90 -10.38 -1.44
CA ARG B 468 34.72 -11.21 -0.58
C ARG B 468 35.77 -10.32 0.05
N ALA B 469 36.10 -9.22 -0.62
CA ALA B 469 37.10 -8.29 -0.10
C ALA B 469 36.49 -7.46 1.04
N GLU B 470 35.34 -6.86 0.78
CA GLU B 470 34.64 -6.08 1.80
C GLU B 470 34.33 -6.99 2.99
N ALA B 471 33.93 -8.23 2.71
CA ALA B 471 33.61 -9.19 3.75
C ALA B 471 34.80 -9.42 4.69
N GLU B 472 35.98 -9.65 4.09
CA GLU B 472 37.22 -9.92 4.83
C GLU B 472 37.83 -8.69 5.51
N ALA B 473 38.10 -7.64 4.73
CA ALA B 473 38.69 -6.43 5.28
C ALA B 473 37.87 -5.90 6.47
N GLN B 474 36.54 -5.85 6.29
CA GLN B 474 35.63 -5.36 7.33
C GLN B 474 35.31 -6.45 8.37
N ALA B 475 36.00 -7.59 8.30
CA ALA B 475 35.79 -8.73 9.22
C ALA B 475 36.08 -8.40 10.68
N GLU B 476 37.06 -7.51 10.90
CA GLU B 476 37.47 -7.07 12.24
C GLU B 476 36.23 -6.89 13.13
N GLU B 477 35.09 -6.61 12.48
CA GLU B 477 33.81 -6.45 13.17
C GLU B 477 32.58 -6.25 12.29
N LEU B 478 31.78 -7.32 12.24
CA LEU B 478 30.50 -7.40 11.51
C LEU B 478 29.82 -8.53 12.28
N SER B 479 28.49 -8.65 12.22
CA SER B 479 27.85 -9.72 12.97
C SER B 479 27.65 -11.04 12.23
N PHE B 480 28.75 -11.62 11.75
CA PHE B 480 28.72 -12.89 11.01
C PHE B 480 27.83 -13.92 11.70
N PRO B 481 27.19 -14.75 10.89
CA PRO B 481 26.29 -15.78 11.40
C PRO B 481 26.83 -16.57 12.60
N ARG B 482 25.93 -16.89 13.54
CA ARG B 482 26.25 -17.64 14.74
C ARG B 482 26.92 -18.94 14.33
N SER B 483 26.45 -19.50 13.22
CA SER B 483 27.01 -20.75 12.67
C SER B 483 28.46 -20.57 12.20
N VAL B 484 28.73 -19.40 11.60
CA VAL B 484 30.05 -19.09 11.09
C VAL B 484 31.04 -18.86 12.21
N VAL B 485 30.60 -18.19 13.27
CA VAL B 485 31.47 -17.91 14.39
C VAL B 485 31.85 -19.22 15.11
N GLU B 486 30.86 -20.03 15.43
CA GLU B 486 31.12 -21.30 16.10
C GLU B 486 32.00 -22.23 15.22
N PHE B 487 31.91 -22.09 13.91
CA PHE B 487 32.72 -22.93 13.01
C PHE B 487 34.19 -22.62 13.22
N LEU B 488 34.50 -21.33 13.18
CA LEU B 488 35.85 -20.85 13.36
C LEU B 488 36.36 -21.18 14.75
N GLN B 489 35.44 -21.48 15.66
CA GLN B 489 35.77 -21.88 17.03
C GLN B 489 35.90 -23.39 17.05
N GLY B 490 35.72 -23.99 15.87
CA GLY B 490 35.85 -25.43 15.69
C GLY B 490 34.80 -26.32 16.30
N TYR B 491 33.70 -25.77 16.77
CA TYR B 491 32.63 -26.58 17.37
C TYR B 491 32.28 -27.83 16.58
N ILE B 492 32.62 -27.84 15.29
CA ILE B 492 32.37 -28.98 14.42
C ILE B 492 33.67 -29.77 14.23
N GLY B 493 34.74 -29.06 13.90
CA GLY B 493 36.01 -29.71 13.70
C GLY B 493 37.02 -28.76 13.11
N VAL B 494 38.18 -29.31 12.74
CA VAL B 494 39.27 -28.53 12.15
C VAL B 494 39.40 -28.80 10.67
N PRO B 495 39.14 -27.77 9.85
CA PRO B 495 39.23 -27.88 8.40
C PRO B 495 40.65 -28.23 7.90
N HIS B 496 40.72 -29.21 7.00
CA HIS B 496 41.98 -29.65 6.41
C HIS B 496 42.67 -28.48 5.71
N GLY B 497 43.84 -28.09 6.20
CA GLY B 497 44.56 -26.97 5.65
C GLY B 497 44.47 -25.83 6.66
N GLY B 498 43.74 -26.10 7.74
CA GLY B 498 43.56 -25.13 8.81
C GLY B 498 42.51 -24.08 8.53
N PHE B 499 42.22 -23.27 9.54
CA PHE B 499 41.23 -22.19 9.42
C PHE B 499 41.90 -21.04 8.69
N PRO B 500 41.11 -20.18 8.04
CA PRO B 500 41.63 -19.01 7.30
C PRO B 500 42.03 -17.96 8.35
N GLU B 501 43.13 -18.24 9.03
CA GLU B 501 43.63 -17.42 10.12
C GLU B 501 43.71 -15.93 9.97
N PRO B 502 44.33 -15.43 8.88
CA PRO B 502 44.40 -13.97 8.77
C PRO B 502 43.04 -13.32 9.06
N PHE B 503 42.00 -14.12 8.83
CA PHE B 503 40.60 -13.77 8.98
C PHE B 503 40.05 -14.32 10.29
N ARG B 504 40.04 -15.64 10.40
CA ARG B 504 39.52 -16.35 11.57
C ARG B 504 39.64 -15.59 12.87
N SER B 505 40.83 -15.07 13.12
CA SER B 505 41.10 -14.33 14.35
C SER B 505 40.38 -13.00 14.42
N LYS B 506 40.60 -12.14 13.41
CA LYS B 506 39.95 -10.81 13.36
C LYS B 506 38.46 -10.98 13.58
N VAL B 507 38.01 -12.22 13.49
CA VAL B 507 36.61 -12.54 13.66
C VAL B 507 36.33 -12.96 15.10
N LEU B 508 37.06 -13.97 15.56
CA LEU B 508 36.93 -14.55 16.91
C LEU B 508 37.21 -13.57 18.05
N LYS B 509 38.33 -12.84 17.97
CA LYS B 509 38.68 -11.91 19.03
C LYS B 509 38.79 -12.61 20.41
N ASP B 510 38.19 -12.00 21.43
CA ASP B 510 38.22 -12.56 22.79
C ASP B 510 37.21 -13.69 22.96
N LEU B 511 37.21 -14.62 22.00
CA LEU B 511 36.27 -15.74 22.05
C LEU B 511 37.00 -17.08 22.18
N PRO B 512 36.43 -17.98 22.99
CA PRO B 512 36.90 -19.34 23.29
C PRO B 512 37.04 -20.26 22.06
N ARG B 513 38.27 -20.69 21.79
CA ARG B 513 38.55 -21.58 20.66
C ARG B 513 38.59 -23.03 21.19
N VAL B 514 37.70 -23.88 20.66
CA VAL B 514 37.63 -25.29 21.04
C VAL B 514 38.93 -26.05 20.72
N GLU B 515 39.41 -26.81 21.70
CA GLU B 515 40.65 -27.59 21.59
C GLU B 515 40.40 -29.12 21.65
N GLY B 516 40.58 -29.78 20.51
CA GLY B 516 40.36 -31.22 20.44
C GLY B 516 38.97 -31.55 19.91
N ARG B 517 38.64 -32.83 19.82
CA ARG B 517 37.32 -33.24 19.34
C ARG B 517 36.37 -32.61 20.36
N PRO B 518 35.50 -31.70 19.91
CA PRO B 518 34.54 -31.02 20.81
C PRO B 518 33.81 -31.97 21.79
N GLY B 519 33.36 -33.10 21.25
CA GLY B 519 32.64 -34.07 22.06
C GLY B 519 33.42 -34.58 23.25
N ALA B 520 34.74 -34.61 23.11
CA ALA B 520 35.59 -35.07 24.19
C ALA B 520 35.36 -34.26 25.47
N SER B 521 35.66 -32.97 25.43
CA SER B 521 35.49 -32.08 26.58
C SER B 521 34.08 -32.03 27.18
N LEU B 522 33.15 -32.81 26.62
CA LEU B 522 31.77 -32.84 27.10
C LEU B 522 31.53 -33.96 28.11
N PRO B 523 31.09 -33.59 29.33
CA PRO B 523 30.80 -34.56 30.41
C PRO B 523 29.64 -35.42 29.96
N PRO B 524 29.62 -36.71 30.32
CA PRO B 524 28.55 -37.64 29.94
C PRO B 524 27.12 -37.07 30.14
N LEU B 525 26.12 -37.91 29.93
CA LEU B 525 24.73 -37.48 30.08
C LEU B 525 24.00 -38.47 30.95
N ASP B 526 23.69 -38.08 32.18
CA ASP B 526 23.00 -38.99 33.08
C ASP B 526 21.66 -39.39 32.45
N LEU B 527 21.61 -40.63 31.97
CA LEU B 527 20.44 -41.18 31.29
C LEU B 527 19.23 -41.40 32.21
N GLN B 528 19.52 -41.71 33.46
CA GLN B 528 18.48 -41.96 34.44
C GLN B 528 17.88 -40.62 34.80
N ALA B 529 18.76 -39.65 34.98
CA ALA B 529 18.32 -38.30 35.31
C ALA B 529 17.29 -37.93 34.25
N LEU B 530 17.65 -38.20 33.01
CA LEU B 530 16.78 -37.90 31.89
C LEU B 530 15.63 -38.90 31.83
N GLU B 531 15.91 -40.16 32.16
CA GLU B 531 14.88 -41.17 32.10
C GLU B 531 13.72 -40.89 33.04
N LYS B 532 13.99 -40.78 34.34
CA LYS B 532 12.91 -40.51 35.30
C LYS B 532 12.30 -39.15 35.01
N GLU B 533 13.14 -38.26 34.49
CA GLU B 533 12.72 -36.91 34.15
C GLU B 533 11.64 -36.92 33.08
N LEU B 534 11.63 -37.96 32.27
CA LEU B 534 10.65 -38.09 31.19
C LEU B 534 9.47 -38.89 31.68
N VAL B 535 9.78 -39.99 32.36
CA VAL B 535 8.76 -40.87 32.94
C VAL B 535 7.88 -39.96 33.79
N ASP B 536 8.54 -39.28 34.73
CA ASP B 536 7.89 -38.36 35.62
C ASP B 536 6.89 -37.51 34.86
N ARG B 537 7.24 -37.13 33.64
CA ARG B 537 6.33 -36.31 32.86
C ARG B 537 5.45 -37.10 31.88
N HIS B 538 5.96 -37.26 30.67
CA HIS B 538 5.21 -37.95 29.61
C HIS B 538 4.52 -39.29 29.96
N GLY B 539 4.95 -39.97 31.02
CA GLY B 539 4.32 -41.23 31.37
C GLY B 539 5.24 -42.35 31.86
N GLU B 540 4.65 -43.45 32.29
CA GLU B 540 5.40 -44.61 32.79
C GLU B 540 5.72 -45.51 31.58
N GLU B 541 5.53 -44.91 30.41
CA GLU B 541 5.73 -45.56 29.13
C GLU B 541 7.15 -45.37 28.56
N VAL B 542 7.59 -44.11 28.51
CA VAL B 542 8.92 -43.73 27.96
C VAL B 542 9.87 -44.92 27.86
N THR B 543 10.38 -45.15 26.66
CA THR B 543 11.28 -46.27 26.43
C THR B 543 12.72 -45.80 26.25
N PRO B 544 13.68 -46.74 26.35
CA PRO B 544 15.09 -46.35 26.17
C PRO B 544 15.15 -45.46 24.94
N GLU B 545 14.47 -45.90 23.89
CA GLU B 545 14.40 -45.17 22.62
C GLU B 545 14.00 -43.73 22.90
N ASP B 546 12.77 -43.53 23.39
CA ASP B 546 12.29 -42.18 23.70
C ASP B 546 13.36 -41.33 24.39
N VAL B 547 14.03 -41.94 25.36
CA VAL B 547 15.09 -41.26 26.11
C VAL B 547 16.08 -40.64 25.15
N LEU B 548 16.62 -41.48 24.26
CA LEU B 548 17.58 -41.06 23.26
C LEU B 548 17.04 -39.95 22.37
N SER B 549 15.80 -40.13 21.93
CA SER B 549 15.15 -39.15 21.09
C SER B 549 15.17 -37.82 21.83
N ALA B 550 14.53 -37.80 23.00
CA ALA B 550 14.47 -36.60 23.81
C ALA B 550 15.88 -36.01 23.95
N ALA B 551 16.85 -36.89 24.18
CA ALA B 551 18.23 -36.46 24.33
C ALA B 551 18.62 -35.59 23.14
N MET B 552 18.72 -36.22 21.97
CA MET B 552 19.11 -35.49 20.76
C MET B 552 18.17 -34.33 20.44
N TYR B 553 16.86 -34.56 20.60
CA TYR B 553 15.85 -33.54 20.33
C TYR B 553 14.91 -33.24 21.51
N PRO B 554 15.45 -32.53 22.52
CA PRO B 554 14.73 -32.14 23.73
C PRO B 554 13.33 -31.60 23.44
N ASP B 555 13.27 -30.39 22.90
CA ASP B 555 12.00 -29.76 22.59
C ASP B 555 11.17 -30.55 21.56
N VAL B 556 11.68 -30.61 20.34
CA VAL B 556 11.00 -31.31 19.24
C VAL B 556 10.37 -32.61 19.71
N PHE B 557 11.12 -33.35 20.52
CA PHE B 557 10.61 -34.61 21.04
C PHE B 557 9.41 -34.30 21.94
N ALA B 558 9.63 -33.39 22.87
CA ALA B 558 8.60 -32.96 23.82
C ALA B 558 7.28 -32.64 23.13
N HIS B 559 7.35 -31.72 22.17
CA HIS B 559 6.17 -31.30 21.43
C HIS B 559 5.59 -32.51 20.77
N PHE B 560 6.44 -33.21 20.04
CA PHE B 560 6.01 -34.42 19.35
C PHE B 560 5.22 -35.35 20.28
N LYS B 561 5.66 -35.44 21.52
CA LYS B 561 5.00 -36.30 22.50
C LYS B 561 3.63 -35.76 22.94
N ASP B 562 3.57 -34.49 23.31
CA ASP B 562 2.31 -33.90 23.76
C ASP B 562 1.26 -33.98 22.64
N PHE B 563 1.70 -33.77 21.41
CA PHE B 563 0.83 -33.79 20.25
C PHE B 563 0.20 -35.17 20.10
N THR B 564 1.04 -36.17 19.89
CA THR B 564 0.55 -37.53 19.73
C THR B 564 -0.25 -37.87 20.96
N ALA B 565 0.20 -37.35 22.08
CA ALA B 565 -0.45 -37.59 23.36
C ALA B 565 -1.95 -37.39 23.25
N THR B 566 -2.35 -36.21 22.75
CA THR B 566 -3.76 -35.86 22.60
C THR B 566 -4.42 -36.28 21.28
N PHE B 567 -3.60 -36.59 20.28
CA PHE B 567 -4.12 -36.96 18.99
C PHE B 567 -3.96 -38.42 18.54
N GLY B 568 -3.46 -39.27 19.43
CA GLY B 568 -3.30 -40.66 19.07
C GLY B 568 -2.20 -40.95 18.07
N PRO B 569 -2.25 -42.13 17.42
CA PRO B 569 -1.27 -42.59 16.44
C PRO B 569 -1.43 -41.92 15.07
N LEU B 570 -1.14 -40.63 15.01
CA LEU B 570 -1.24 -39.92 13.75
C LEU B 570 -0.33 -40.53 12.70
N ASP B 571 0.38 -41.60 13.05
CA ASP B 571 1.28 -42.21 12.09
C ASP B 571 0.69 -43.40 11.34
N SER B 572 -0.50 -43.81 11.76
CA SER B 572 -1.21 -44.93 11.13
C SER B 572 -2.16 -44.36 10.11
N LEU B 573 -2.17 -43.03 10.00
CA LEU B 573 -3.04 -42.33 9.05
C LEU B 573 -2.39 -42.30 7.68
N ASN B 574 -3.17 -42.54 6.62
CA ASN B 574 -2.59 -42.47 5.29
C ASN B 574 -2.26 -40.99 5.02
N THR B 575 -1.13 -40.75 4.36
CA THR B 575 -0.68 -39.40 4.07
C THR B 575 -1.78 -38.41 3.64
N ARG B 576 -2.76 -38.89 2.89
CA ARG B 576 -3.81 -37.98 2.45
C ARG B 576 -4.59 -37.42 3.63
N LEU B 577 -5.16 -38.30 4.44
CA LEU B 577 -5.93 -37.84 5.59
C LEU B 577 -5.07 -37.03 6.50
N PHE B 578 -3.79 -37.37 6.54
CA PHE B 578 -2.84 -36.69 7.41
C PHE B 578 -2.65 -35.22 7.05
N LEU B 579 -2.40 -34.98 5.77
CA LEU B 579 -2.16 -33.64 5.26
C LEU B 579 -3.41 -32.81 5.06
N GLN B 580 -4.26 -33.31 4.18
CA GLN B 580 -5.51 -32.68 3.76
C GLN B 580 -6.70 -32.93 4.68
N GLY B 581 -6.59 -33.92 5.56
CA GLY B 581 -7.69 -34.20 6.45
C GLY B 581 -8.80 -34.90 5.67
N PRO B 582 -9.86 -35.39 6.34
CA PRO B 582 -10.95 -36.08 5.64
C PRO B 582 -11.92 -35.16 4.87
N LYS B 583 -12.61 -35.76 3.90
CA LYS B 583 -13.61 -35.07 3.09
C LYS B 583 -15.05 -35.44 3.52
N ILE B 584 -15.79 -34.40 3.89
CA ILE B 584 -17.17 -34.54 4.35
C ILE B 584 -18.00 -35.49 3.51
N ALA B 585 -18.44 -36.61 4.09
CA ALA B 585 -19.28 -37.61 3.42
C ALA B 585 -18.52 -38.74 2.75
N GLU B 586 -17.20 -38.57 2.64
CA GLU B 586 -16.34 -39.57 2.02
C GLU B 586 -16.00 -40.67 3.02
N GLU B 587 -16.40 -41.88 2.67
CA GLU B 587 -16.16 -43.05 3.50
C GLU B 587 -14.65 -43.36 3.45
N PHE B 588 -14.09 -43.75 4.60
CA PHE B 588 -12.68 -44.09 4.66
C PHE B 588 -12.41 -44.97 5.86
N GLU B 589 -11.21 -45.53 5.91
CA GLU B 589 -10.81 -46.39 7.02
C GLU B 589 -9.34 -46.20 7.39
N VAL B 590 -9.00 -46.55 8.62
CA VAL B 590 -7.62 -46.42 9.09
C VAL B 590 -7.29 -47.67 9.92
N GLU B 591 -6.16 -48.31 9.61
CA GLU B 591 -5.76 -49.52 10.34
C GLU B 591 -5.01 -49.21 11.61
N LEU B 592 -5.78 -49.04 12.68
CA LEU B 592 -5.21 -48.76 13.98
C LEU B 592 -4.79 -50.13 14.49
N GLU B 593 -3.52 -50.26 14.84
CA GLU B 593 -3.04 -51.53 15.38
C GLU B 593 -3.19 -52.54 14.26
N ARG B 594 -4.07 -53.51 14.46
CA ARG B 594 -4.27 -54.54 13.46
C ARG B 594 -5.64 -55.25 13.60
N GLY B 595 -6.20 -55.19 14.81
CA GLY B 595 -7.50 -55.80 15.08
C GLY B 595 -8.66 -54.91 14.68
N LYS B 596 -8.38 -53.62 14.52
CA LYS B 596 -9.37 -52.63 14.11
C LYS B 596 -9.12 -52.11 12.69
N THR B 597 -10.19 -51.84 11.97
CA THR B 597 -10.08 -51.33 10.61
C THR B 597 -10.62 -49.90 10.61
N LEU B 598 -11.51 -49.62 11.56
CA LEU B 598 -12.11 -48.30 11.69
C LEU B 598 -12.61 -47.69 10.38
N HIS B 599 -13.90 -47.85 10.10
CA HIS B 599 -14.48 -47.28 8.90
C HIS B 599 -15.16 -45.99 9.34
N ILE B 600 -14.67 -44.88 8.83
CA ILE B 600 -15.22 -43.59 9.19
C ILE B 600 -15.70 -42.82 7.97
N LYS B 601 -16.67 -41.94 8.22
CA LYS B 601 -17.23 -41.10 7.20
C LYS B 601 -17.45 -39.81 7.97
N ALA B 602 -17.05 -38.69 7.38
CA ALA B 602 -17.21 -37.40 8.01
C ALA B 602 -18.69 -37.02 7.99
N LEU B 603 -19.00 -35.89 7.36
CA LEU B 603 -20.37 -35.40 7.24
C LEU B 603 -20.98 -34.76 8.47
N ALA B 604 -20.87 -33.44 8.54
CA ALA B 604 -21.40 -32.58 9.61
C ALA B 604 -20.35 -31.88 10.47
N VAL B 605 -20.40 -30.56 10.38
CA VAL B 605 -19.53 -29.61 11.07
C VAL B 605 -20.33 -28.34 10.79
N SER B 606 -20.27 -27.33 11.67
CA SER B 606 -21.01 -26.08 11.44
C SER B 606 -21.41 -25.33 12.69
N ASP B 607 -21.11 -25.91 13.85
CA ASP B 607 -21.45 -25.33 15.12
C ASP B 607 -20.58 -24.08 15.37
N LEU B 608 -20.49 -23.30 14.30
CA LEU B 608 -19.74 -22.06 14.21
C LEU B 608 -19.49 -21.32 15.54
N ASN B 609 -20.52 -21.17 16.36
CA ASN B 609 -20.34 -20.39 17.59
C ASN B 609 -20.24 -21.08 18.93
N ARG B 610 -20.44 -22.40 19.00
CA ARG B 610 -20.40 -23.12 20.29
C ARG B 610 -19.27 -22.69 21.24
N ALA B 611 -19.52 -21.61 21.99
CA ALA B 611 -18.59 -21.04 22.98
C ALA B 611 -17.23 -20.78 22.33
N GLY B 612 -17.26 -20.22 21.12
CA GLY B 612 -16.03 -19.94 20.38
C GLY B 612 -15.40 -21.21 19.80
N GLN B 613 -16.22 -22.15 19.30
CA GLN B 613 -15.70 -23.42 18.75
C GLN B 613 -16.45 -23.90 17.53
N ARG B 614 -16.93 -25.15 17.62
CA ARG B 614 -17.65 -25.82 16.56
C ARG B 614 -17.66 -27.32 16.88
N GLN B 615 -18.46 -28.08 16.14
CA GLN B 615 -18.55 -29.53 16.37
C GLN B 615 -18.80 -30.37 15.09
N VAL B 616 -17.98 -31.40 14.91
CA VAL B 616 -18.10 -32.27 13.74
C VAL B 616 -18.53 -33.65 14.17
N ALA B 617 -19.11 -34.40 13.23
CA ALA B 617 -19.60 -35.74 13.51
C ALA B 617 -19.15 -36.75 12.49
N PHE B 618 -18.78 -37.92 12.98
CA PHE B 618 -18.36 -39.00 12.12
C PHE B 618 -19.28 -40.19 12.38
N GLU B 619 -19.31 -41.13 11.44
CA GLU B 619 -20.17 -42.30 11.55
C GLU B 619 -19.28 -43.52 11.68
N LEU B 620 -18.46 -43.51 12.73
CA LEU B 620 -17.50 -44.57 13.04
C LEU B 620 -18.04 -45.99 13.15
N ASN B 621 -17.71 -46.79 12.14
CA ASN B 621 -18.17 -48.16 12.07
C ASN B 621 -19.69 -48.21 12.18
N GLY B 622 -20.19 -49.25 12.84
CA GLY B 622 -21.63 -49.42 12.99
C GLY B 622 -22.34 -48.24 13.63
N GLN B 623 -21.65 -47.50 14.47
CA GLN B 623 -22.25 -46.36 15.14
C GLN B 623 -21.80 -45.04 14.58
N LEU B 624 -21.98 -44.01 15.40
CA LEU B 624 -21.62 -42.66 15.04
C LEU B 624 -21.43 -41.83 16.29
N ARG B 625 -20.60 -40.79 16.18
CA ARG B 625 -20.33 -39.91 17.31
C ARG B 625 -19.73 -38.62 16.78
N SER B 626 -19.59 -37.63 17.65
CA SER B 626 -19.05 -36.34 17.24
C SER B 626 -18.04 -35.78 18.24
N ILE B 627 -17.03 -35.08 17.74
CA ILE B 627 -15.99 -34.48 18.56
C ILE B 627 -16.14 -32.97 18.41
N LEU B 628 -15.75 -32.22 19.42
CA LEU B 628 -15.87 -30.76 19.39
C LEU B 628 -14.51 -30.09 19.16
N VAL B 629 -14.44 -29.26 18.12
CA VAL B 629 -13.19 -28.61 17.77
C VAL B 629 -13.19 -27.13 18.12
N LYS B 630 -12.05 -26.47 17.94
CA LYS B 630 -11.91 -25.04 18.19
C LYS B 630 -11.55 -24.40 16.85
N ASP B 631 -12.47 -23.58 16.32
CA ASP B 631 -12.28 -22.95 15.02
C ASP B 631 -11.04 -22.04 14.88
N THR B 632 -10.45 -21.66 16.01
CA THR B 632 -9.26 -20.80 16.00
C THR B 632 -9.55 -19.61 15.12
N GLN B 633 -10.84 -19.23 15.08
CA GLN B 633 -11.34 -18.14 14.24
C GLN B 633 -10.56 -18.13 12.92
N ALA B 634 -10.54 -19.29 12.27
CA ALA B 634 -9.84 -19.54 11.00
C ALA B 634 -10.41 -18.70 9.85
N GLN C 34 31.71 34.19 26.47
CA GLN C 34 30.31 34.08 27.02
C GLN C 34 29.74 32.67 26.82
N ASN C 35 29.47 31.96 27.92
CA ASN C 35 28.90 30.63 27.80
C ASN C 35 27.42 30.79 27.52
N ARG C 36 26.84 31.89 28.04
CA ARG C 36 25.43 32.18 27.80
C ARG C 36 25.28 32.13 26.28
N ALA C 37 26.09 32.97 25.61
CA ALA C 37 26.10 33.08 24.15
C ALA C 37 26.15 31.75 23.38
N GLN C 38 27.33 31.13 23.32
CA GLN C 38 27.51 29.86 22.62
C GLN C 38 26.46 28.81 22.92
N LYS C 39 25.87 28.84 24.11
CA LYS C 39 24.85 27.84 24.43
C LYS C 39 23.66 27.99 23.48
N LEU C 40 23.26 29.24 23.26
CA LEU C 40 22.16 29.56 22.38
C LEU C 40 22.55 29.23 20.96
N LEU C 41 23.74 29.69 20.55
CA LEU C 41 24.25 29.43 19.22
C LEU C 41 24.03 27.97 18.83
N HIS C 42 24.56 27.09 19.67
CA HIS C 42 24.46 25.67 19.48
C HIS C 42 22.98 25.33 19.22
N TYR C 43 22.11 25.91 20.02
CA TYR C 43 20.68 25.71 19.89
C TYR C 43 20.22 26.12 18.49
N LEU C 44 20.46 27.39 18.16
CA LEU C 44 20.09 27.93 16.86
C LEU C 44 20.67 27.05 15.77
N GLY C 45 21.97 26.81 15.84
CA GLY C 45 22.60 25.97 14.85
C GLY C 45 21.82 24.69 14.71
N HIS C 46 21.59 24.07 15.85
CA HIS C 46 20.87 22.81 15.88
C HIS C 46 19.52 22.88 15.17
N VAL C 47 18.71 23.88 15.53
CA VAL C 47 17.40 24.04 14.91
C VAL C 47 17.62 24.14 13.39
N MET C 48 18.66 24.86 13.01
CA MET C 48 18.97 24.99 11.60
C MET C 48 19.19 23.62 10.96
N VAL C 49 20.07 22.84 11.55
CA VAL C 49 20.40 21.52 11.03
C VAL C 49 19.30 20.49 11.19
N ASN C 50 18.71 20.42 12.37
CA ASN C 50 17.69 19.41 12.63
C ASN C 50 16.22 19.87 12.64
N GLY C 51 16.00 21.18 12.61
CA GLY C 51 14.64 21.69 12.60
C GLY C 51 13.98 21.84 13.95
N PRO C 52 12.71 22.26 13.99
CA PRO C 52 11.90 22.47 15.18
C PRO C 52 12.09 21.45 16.28
N THR C 53 12.22 21.96 17.52
CA THR C 53 12.42 21.16 18.72
C THR C 53 11.10 20.76 19.39
N THR C 54 10.20 21.74 19.52
CA THR C 54 8.87 21.52 20.10
C THR C 54 7.92 21.17 18.94
N PRO C 55 6.96 20.29 19.19
CA PRO C 55 6.02 19.91 18.13
C PRO C 55 5.30 21.09 17.49
N ILE C 56 5.01 20.93 16.19
CA ILE C 56 4.34 21.95 15.38
C ILE C 56 3.15 21.31 14.67
N PRO C 57 1.97 21.30 15.33
CA PRO C 57 0.70 20.75 14.86
C PRO C 57 0.24 21.18 13.48
N VAL C 58 0.54 22.41 13.12
CA VAL C 58 0.16 22.91 11.81
C VAL C 58 1.46 23.31 11.10
N LYS C 59 1.64 22.85 9.87
CA LYS C 59 2.85 23.20 9.13
C LYS C 59 2.79 24.63 8.58
N ALA C 60 3.36 25.57 9.33
CA ALA C 60 3.38 26.95 8.94
C ALA C 60 4.53 27.64 9.65
N SER C 61 5.19 28.56 8.96
CA SER C 61 6.30 29.28 9.57
C SER C 61 5.81 30.58 10.21
N PRO C 62 6.50 31.03 11.26
CA PRO C 62 6.12 32.26 11.96
C PRO C 62 6.17 33.46 11.05
N SER C 63 5.14 34.30 11.10
CA SER C 63 5.08 35.50 10.28
C SER C 63 6.44 36.18 10.22
N PRO C 64 6.80 36.70 9.04
CA PRO C 64 8.08 37.39 8.91
C PRO C 64 7.98 38.82 9.44
N THR C 65 6.74 39.27 9.62
CA THR C 65 6.44 40.60 10.14
C THR C 65 6.53 40.57 11.69
N ASP C 66 6.96 41.67 12.33
CA ASP C 66 7.08 41.71 13.79
C ASP C 66 5.97 42.54 14.38
N PRO C 67 5.40 42.09 15.51
CA PRO C 67 4.32 42.83 16.16
C PRO C 67 4.68 44.27 16.43
N VAL C 68 3.70 45.15 16.22
CA VAL C 68 3.83 46.58 16.42
C VAL C 68 3.71 46.98 17.88
N VAL C 69 4.84 47.34 18.49
CA VAL C 69 4.83 47.75 19.88
C VAL C 69 4.62 49.26 19.98
N PRO C 70 3.43 49.69 20.43
CA PRO C 70 3.13 51.11 20.55
C PRO C 70 4.19 51.85 21.37
N ALA C 71 4.02 53.17 21.48
CA ALA C 71 4.96 54.00 22.23
C ALA C 71 4.49 54.13 23.66
N VAL C 72 5.43 54.28 24.58
CA VAL C 72 5.09 54.43 25.98
C VAL C 72 5.97 55.48 26.64
N PRO C 73 5.37 56.42 27.38
CA PRO C 73 6.21 57.42 28.02
C PRO C 73 7.21 56.72 28.93
N ILE C 74 8.29 57.43 29.25
CA ILE C 74 9.34 56.91 30.13
C ILE C 74 8.84 57.14 31.54
N GLY C 75 9.40 56.41 32.50
CA GLY C 75 8.97 56.61 33.85
C GLY C 75 7.78 55.73 34.17
N PRO C 76 7.43 55.61 35.47
CA PRO C 76 6.33 54.82 36.05
C PRO C 76 4.91 55.00 35.48
N PRO C 77 4.10 53.93 35.53
CA PRO C 77 2.72 53.87 35.04
C PRO C 77 1.79 54.76 35.85
N PRO C 78 0.56 54.99 35.34
CA PRO C 78 -0.45 55.83 35.98
C PRO C 78 -1.02 55.21 37.27
N ALA C 79 -0.57 54.00 37.60
CA ALA C 79 -1.03 53.32 38.82
C ALA C 79 -2.54 53.02 38.88
N GLY C 80 -2.88 51.73 39.01
CA GLY C 80 -4.27 51.32 39.08
C GLY C 80 -4.68 50.67 40.39
N PHE C 81 -5.28 49.48 40.30
CA PHE C 81 -5.75 48.76 41.48
C PHE C 81 -4.69 48.05 42.31
N ARG C 82 -3.64 47.54 41.68
CA ARG C 82 -2.59 46.85 42.42
C ARG C 82 -2.14 47.77 43.53
N ASP C 83 -2.14 49.07 43.25
CA ASP C 83 -1.72 50.05 44.25
C ASP C 83 -2.67 50.05 45.43
N ILE C 84 -3.96 50.26 45.15
CA ILE C 84 -4.99 50.26 46.18
C ILE C 84 -4.80 48.99 47.00
N LEU C 85 -4.89 47.84 46.33
CA LEU C 85 -4.72 46.54 46.97
C LEU C 85 -3.68 46.61 48.09
N LEU C 86 -2.43 46.86 47.72
CA LEU C 86 -1.31 46.95 48.65
C LEU C 86 -1.53 47.96 49.73
N ARG C 87 -2.14 49.08 49.39
CA ARG C 87 -2.40 50.13 50.33
C ARG C 87 -3.53 49.81 51.36
N GLU C 88 -4.32 48.77 51.11
CA GLU C 88 -5.41 48.43 52.03
C GLU C 88 -5.78 46.95 52.16
N GLY C 89 -5.00 46.07 51.55
CA GLY C 89 -5.34 44.66 51.63
C GLY C 89 -6.54 44.33 50.74
N PRO C 90 -6.81 43.05 50.54
CA PRO C 90 -7.91 42.54 49.71
C PRO C 90 -9.22 42.99 50.30
N GLU C 91 -9.14 43.67 51.43
CA GLU C 91 -10.32 44.14 52.12
C GLU C 91 -10.81 45.42 51.47
N GLY C 92 -9.94 46.42 51.45
CA GLY C 92 -10.30 47.70 50.85
C GLY C 92 -10.39 47.58 49.34
N PHE C 93 -9.69 46.59 48.82
CA PHE C 93 -9.69 46.32 47.40
C PHE C 93 -11.11 45.96 46.98
N ALA C 94 -11.65 44.89 47.59
CA ALA C 94 -12.99 44.42 47.29
C ALA C 94 -13.96 45.59 47.30
N ARG C 95 -13.87 46.41 48.34
CA ARG C 95 -14.75 47.57 48.45
C ARG C 95 -14.60 48.49 47.25
N ALA C 96 -13.36 48.92 46.96
CA ALA C 96 -13.10 49.81 45.83
C ALA C 96 -13.65 49.22 44.54
N VAL C 97 -13.51 47.90 44.41
CA VAL C 97 -14.01 47.18 43.26
C VAL C 97 -15.53 47.23 43.23
N ARG C 98 -16.15 46.89 44.36
CA ARG C 98 -17.61 46.89 44.50
C ARG C 98 -18.19 48.31 44.45
N ASN C 99 -17.37 49.30 44.77
CA ASN C 99 -17.85 50.67 44.76
C ASN C 99 -17.44 51.46 43.51
N HIS C 100 -16.82 50.77 42.55
CA HIS C 100 -16.41 51.42 41.31
C HIS C 100 -17.64 51.57 40.40
N PRO C 101 -17.87 52.79 39.88
CA PRO C 101 -18.98 53.15 39.00
C PRO C 101 -19.10 52.33 37.73
N GLY C 102 -18.18 52.55 36.80
CA GLY C 102 -18.23 51.83 35.54
C GLY C 102 -17.90 50.35 35.68
N LEU C 103 -18.14 49.62 34.60
CA LEU C 103 -17.84 48.21 34.59
C LEU C 103 -16.33 48.02 34.65
N LEU C 104 -15.89 46.99 35.37
CA LEU C 104 -14.48 46.69 35.45
C LEU C 104 -14.25 45.44 34.60
N LEU C 105 -13.03 45.27 34.10
CA LEU C 105 -12.69 44.13 33.25
C LEU C 105 -11.45 43.40 33.71
N MET C 106 -11.13 42.32 33.03
CA MET C 106 -9.92 41.56 33.30
C MET C 106 -9.38 41.10 31.97
N ASP C 107 -8.06 41.11 31.85
CA ASP C 107 -7.44 40.70 30.60
C ASP C 107 -6.96 39.27 30.64
N THR C 108 -7.61 38.43 29.86
CA THR C 108 -7.23 37.03 29.79
C THR C 108 -6.29 36.81 28.63
N THR C 109 -6.07 37.86 27.85
CA THR C 109 -5.20 37.76 26.69
C THR C 109 -3.88 37.14 27.09
N PHE C 110 -3.45 37.40 28.32
CA PHE C 110 -2.18 36.85 28.77
C PHE C 110 -2.28 35.42 29.27
N ARG C 111 -3.49 34.88 29.35
CA ARG C 111 -3.66 33.52 29.82
C ARG C 111 -4.66 32.68 29.04
N ASP C 112 -5.94 32.82 29.38
CA ASP C 112 -7.00 32.02 28.75
C ASP C 112 -7.29 32.32 27.29
N ALA C 113 -6.93 33.51 26.82
CA ALA C 113 -7.18 33.89 25.44
C ALA C 113 -6.35 33.05 24.48
N HIS C 114 -5.05 32.94 24.73
CA HIS C 114 -4.20 32.16 23.83
C HIS C 114 -4.24 30.68 24.19
N GLN C 115 -4.76 30.38 25.37
CA GLN C 115 -4.84 29.00 25.80
C GLN C 115 -5.97 28.37 25.00
N SER C 116 -6.92 29.20 24.62
CA SER C 116 -8.07 28.73 23.85
C SER C 116 -7.83 28.77 22.33
N LEU C 117 -7.09 29.75 21.87
CA LEU C 117 -6.84 29.89 20.44
C LEU C 117 -5.48 29.42 19.93
N LEU C 118 -4.46 29.45 20.76
CA LEU C 118 -3.12 29.07 20.33
C LEU C 118 -2.46 27.92 21.09
N ALA C 119 -3.24 26.98 21.60
CA ALA C 119 -2.66 25.86 22.31
C ALA C 119 -1.73 26.32 23.43
N THR C 120 -2.15 27.36 24.14
CA THR C 120 -1.37 27.90 25.26
C THR C 120 0.11 27.97 24.93
N ARG C 121 0.44 28.41 23.73
CA ARG C 121 1.84 28.47 23.34
C ARG C 121 2.54 29.82 23.42
N VAL C 122 1.88 30.89 23.85
CA VAL C 122 2.53 32.20 23.92
C VAL C 122 3.72 32.24 24.88
N ARG C 123 4.82 32.80 24.39
CA ARG C 123 6.06 32.87 25.15
C ARG C 123 6.27 34.16 25.94
N THR C 124 6.99 34.01 27.04
CA THR C 124 7.29 35.14 27.92
C THR C 124 7.73 36.32 27.08
N HIS C 125 8.75 36.09 26.25
CA HIS C 125 9.31 37.13 25.40
C HIS C 125 8.28 38.08 24.81
N ASP C 126 7.27 37.50 24.16
CA ASP C 126 6.24 38.30 23.53
C ASP C 126 5.29 38.93 24.54
N LEU C 127 5.24 38.34 25.73
CA LEU C 127 4.40 38.89 26.80
C LEU C 127 5.12 40.10 27.42
N LYS C 128 6.44 40.01 27.55
CA LYS C 128 7.23 41.10 28.13
C LYS C 128 7.14 42.33 27.25
N LYS C 129 7.09 42.12 25.93
CA LYS C 129 7.04 43.21 24.98
C LYS C 129 5.96 44.27 25.21
N ILE C 130 4.70 43.84 25.20
CA ILE C 130 3.58 44.75 25.36
C ILE C 130 3.24 45.07 26.81
N ALA C 131 3.97 44.46 27.72
CA ALA C 131 3.75 44.68 29.14
C ALA C 131 3.76 46.16 29.51
N PRO C 132 4.88 46.86 29.21
CA PRO C 132 5.02 48.29 29.51
C PRO C 132 3.84 49.10 29.01
N TYR C 133 3.34 48.72 27.84
CA TYR C 133 2.20 49.40 27.26
C TYR C 133 0.99 49.22 28.15
N VAL C 134 0.74 47.97 28.50
CA VAL C 134 -0.39 47.64 29.37
C VAL C 134 -0.32 48.46 30.64
N ALA C 135 0.79 48.31 31.33
CA ALA C 135 1.00 49.04 32.57
C ALA C 135 0.59 50.51 32.40
N HIS C 136 1.00 51.13 31.31
CA HIS C 136 0.72 52.54 31.07
C HIS C 136 -0.68 52.90 30.60
N ASN C 137 -1.32 51.98 29.88
CA ASN C 137 -2.64 52.28 29.33
C ASN C 137 -3.85 51.67 30.00
N PHE C 138 -3.68 50.52 30.64
CA PHE C 138 -4.81 49.88 31.30
C PHE C 138 -4.70 49.81 32.82
N SER C 139 -4.47 50.95 33.46
CA SER C 139 -4.34 50.98 34.91
C SER C 139 -5.69 50.73 35.56
N LYS C 140 -6.75 51.32 34.98
CA LYS C 140 -8.12 51.19 35.49
C LYS C 140 -8.52 49.72 35.54
N LEU C 141 -7.66 48.87 34.98
CA LEU C 141 -7.89 47.43 34.92
C LEU C 141 -8.05 46.74 36.29
N PHE C 142 -9.09 45.93 36.42
CA PHE C 142 -9.35 45.18 37.66
C PHE C 142 -8.16 44.28 37.98
N SER C 143 -7.93 43.33 37.08
CA SER C 143 -6.82 42.41 37.21
C SER C 143 -6.35 42.04 35.81
N MET C 144 -5.35 41.18 35.75
CA MET C 144 -4.80 40.76 34.49
C MET C 144 -4.53 39.28 34.55
N GLU C 145 -5.33 38.47 33.88
CA GLU C 145 -5.03 37.06 33.95
C GLU C 145 -3.86 36.87 33.03
N ASN C 146 -2.80 36.28 33.58
CA ASN C 146 -1.57 36.07 32.84
C ASN C 146 -0.77 34.90 33.36
N TRP C 147 -1.33 34.19 34.33
CA TRP C 147 -0.63 33.06 34.89
C TRP C 147 -1.59 31.93 35.26
N GLY C 148 -1.05 30.82 35.74
CA GLY C 148 -1.90 29.69 36.10
C GLY C 148 -2.49 29.05 34.85
N GLY C 149 -3.40 28.11 35.02
CA GLY C 149 -3.97 27.45 33.87
C GLY C 149 -2.99 26.45 33.29
N ALA C 150 -3.05 26.22 31.99
CA ALA C 150 -2.15 25.28 31.38
C ALA C 150 -0.73 25.81 31.34
N THR C 151 -0.61 27.14 31.25
CA THR C 151 0.69 27.81 31.17
C THR C 151 1.84 27.21 31.97
N PHE C 152 1.65 26.94 33.27
CA PHE C 152 2.70 26.37 34.12
C PHE C 152 3.26 25.06 33.55
N ASP C 153 2.36 24.22 33.05
CA ASP C 153 2.77 22.97 32.44
C ASP C 153 3.49 23.31 31.12
N VAL C 154 2.75 23.90 30.17
CA VAL C 154 3.27 24.24 28.85
C VAL C 154 4.64 24.94 28.82
N ALA C 155 4.84 25.87 29.74
CA ALA C 155 6.08 26.63 29.81
C ALA C 155 7.32 25.76 29.86
N MET C 156 7.18 24.56 30.41
CA MET C 156 8.31 23.68 30.54
C MET C 156 8.24 22.56 29.53
N ARG C 157 7.05 22.01 29.35
CA ARG C 157 6.87 20.91 28.40
C ARG C 157 7.06 21.30 26.91
N PHE C 158 6.71 22.53 26.55
CA PHE C 158 6.81 22.94 25.15
C PHE C 158 7.62 24.18 24.81
N LEU C 159 7.61 25.16 25.70
CA LEU C 159 8.33 26.41 25.44
C LEU C 159 9.70 26.45 26.09
N TYR C 160 9.98 25.51 26.97
CA TYR C 160 11.26 25.40 27.67
C TYR C 160 11.68 26.68 28.42
N GLU C 161 10.68 27.38 28.95
CA GLU C 161 10.92 28.60 29.71
C GLU C 161 10.52 28.30 31.15
N CYS C 162 10.91 29.15 32.10
CA CYS C 162 10.53 28.92 33.49
C CYS C 162 9.28 29.73 33.80
N PRO C 163 8.21 29.06 34.30
CA PRO C 163 6.94 29.73 34.64
C PRO C 163 7.11 30.82 35.70
N TRP C 164 8.04 30.60 36.61
CA TRP C 164 8.31 31.58 37.65
C TRP C 164 8.97 32.80 37.03
N ARG C 165 9.92 32.57 36.12
CA ARG C 165 10.59 33.69 35.43
C ARG C 165 9.56 34.60 34.78
N ARG C 166 8.57 34.00 34.13
CA ARG C 166 7.53 34.77 33.45
C ARG C 166 6.80 35.71 34.39
N LEU C 167 6.45 35.22 35.58
CA LEU C 167 5.76 36.03 36.58
C LEU C 167 6.63 37.19 37.06
N GLN C 168 7.84 36.86 37.51
CA GLN C 168 8.79 37.84 38.00
C GLN C 168 9.10 38.91 36.94
N GLU C 169 9.42 38.45 35.72
CA GLU C 169 9.75 39.34 34.61
C GLU C 169 8.62 40.35 34.34
N LEU C 170 7.39 39.86 34.34
CA LEU C 170 6.22 40.68 34.08
C LEU C 170 5.82 41.54 35.28
N ARG C 171 5.91 40.96 36.48
CA ARG C 171 5.57 41.67 37.70
C ARG C 171 6.43 42.91 37.71
N GLU C 172 7.64 42.74 37.20
CA GLU C 172 8.63 43.80 37.11
C GLU C 172 8.13 44.91 36.20
N LEU C 173 7.62 44.53 35.04
CA LEU C 173 7.12 45.47 34.03
C LEU C 173 5.78 46.15 34.31
N ILE C 174 4.91 45.53 35.10
CA ILE C 174 3.60 46.12 35.37
C ILE C 174 3.32 46.11 36.86
N PRO C 175 3.87 47.08 37.58
CA PRO C 175 3.71 47.20 39.02
C PRO C 175 2.39 47.85 39.46
N ASN C 176 1.57 48.29 38.49
CA ASN C 176 0.32 48.98 38.83
C ASN C 176 -0.98 48.19 38.59
N ILE C 177 -0.90 47.09 37.86
CA ILE C 177 -2.10 46.29 37.60
C ILE C 177 -2.05 44.93 38.26
N PRO C 178 -3.12 44.55 38.96
CA PRO C 178 -3.26 43.28 39.68
C PRO C 178 -3.01 42.05 38.81
N PHE C 179 -2.37 41.04 39.39
CA PHE C 179 -2.07 39.79 38.67
C PHE C 179 -2.95 38.65 39.14
N GLN C 180 -3.75 38.11 38.22
CA GLN C 180 -4.65 37.02 38.55
C GLN C 180 -4.28 35.74 37.86
N MET C 181 -4.59 34.62 38.52
CA MET C 181 -4.26 33.32 38.00
C MET C 181 -5.37 32.32 38.26
N LEU C 182 -5.48 31.32 37.39
CA LEU C 182 -6.48 30.28 37.55
C LEU C 182 -5.84 29.17 38.37
N LEU C 183 -6.19 29.11 39.64
CA LEU C 183 -5.67 28.10 40.55
C LEU C 183 -6.75 27.03 40.74
N ARG C 184 -6.36 25.76 40.72
CA ARG C 184 -7.33 24.68 40.91
C ARG C 184 -7.30 24.24 42.37
N GLY C 185 -8.33 24.59 43.13
CA GLY C 185 -8.36 24.22 44.53
C GLY C 185 -7.75 22.84 44.75
N ALA C 186 -8.27 21.88 44.00
CA ALA C 186 -7.83 20.49 44.06
C ALA C 186 -6.30 20.36 44.03
N ASN C 187 -5.67 20.76 42.93
CA ASN C 187 -4.21 20.64 42.82
C ASN C 187 -3.55 21.80 42.05
N ALA C 188 -3.62 22.99 42.64
CA ALA C 188 -3.03 24.21 42.09
C ALA C 188 -2.92 24.24 40.58
N VAL C 189 -1.73 23.91 40.07
CA VAL C 189 -1.44 23.92 38.63
C VAL C 189 -0.78 22.58 38.16
N GLY C 190 -1.16 21.50 38.86
CA GLY C 190 -0.62 20.19 38.54
C GLY C 190 -1.70 19.28 38.02
N TYR C 191 -1.34 18.04 37.71
CA TYR C 191 -2.31 17.11 37.13
C TYR C 191 -2.81 16.01 38.03
N THR C 192 -2.22 15.93 39.23
CA THR C 192 -2.56 14.91 40.23
C THR C 192 -2.54 15.44 41.64
N ASN C 193 -3.28 14.70 42.48
CA ASN C 193 -3.39 14.98 43.91
C ASN C 193 -1.98 15.16 44.56
N TYR C 194 -1.79 16.29 45.20
CA TYR C 194 -0.53 16.53 45.86
C TYR C 194 -0.88 16.76 47.34
N PRO C 195 0.00 16.34 48.27
CA PRO C 195 -0.33 16.57 49.69
C PRO C 195 -0.65 18.06 49.94
N ASP C 196 -1.66 18.33 50.76
CA ASP C 196 -2.07 19.70 51.02
C ASP C 196 -0.94 20.65 51.43
N ASN C 197 0.18 20.12 51.90
CA ASN C 197 1.27 21.01 52.32
C ASN C 197 1.82 21.82 51.17
N VAL C 198 1.76 21.25 49.96
CA VAL C 198 2.27 21.89 48.75
C VAL C 198 1.37 23.01 48.26
N VAL C 199 0.05 22.78 48.26
CA VAL C 199 -0.91 23.79 47.80
C VAL C 199 -0.70 25.10 48.55
N PHE C 200 -0.40 25.01 49.85
CA PHE C 200 -0.19 26.22 50.63
C PHE C 200 1.14 26.83 50.33
N LYS C 201 2.13 25.95 50.08
CA LYS C 201 3.49 26.40 49.78
C LYS C 201 3.53 27.02 48.37
N PHE C 202 2.70 26.48 47.48
CA PHE C 202 2.63 26.98 46.13
C PHE C 202 2.20 28.44 46.15
N CYS C 203 1.02 28.68 46.71
CA CYS C 203 0.46 30.03 46.80
C CYS C 203 1.34 30.94 47.64
N GLU C 204 2.07 30.35 48.59
CA GLU C 204 2.95 31.12 49.45
C GLU C 204 3.99 31.76 48.55
N VAL C 205 4.61 30.93 47.72
CA VAL C 205 5.64 31.38 46.79
C VAL C 205 5.04 32.28 45.72
N ALA C 206 3.97 31.80 45.08
CA ALA C 206 3.30 32.55 44.02
C ALA C 206 2.92 33.95 44.49
N LYS C 207 2.46 34.05 45.72
CA LYS C 207 2.06 35.33 46.31
C LYS C 207 3.24 36.31 46.43
N GLU C 208 4.37 35.80 46.90
CA GLU C 208 5.57 36.61 47.08
C GLU C 208 6.18 37.00 45.75
N ASN C 209 6.16 36.07 44.79
CA ASN C 209 6.68 36.34 43.46
C ASN C 209 5.88 37.39 42.71
N GLY C 210 4.70 37.74 43.22
CA GLY C 210 3.92 38.78 42.57
C GLY C 210 2.46 38.50 42.26
N MET C 211 1.99 37.31 42.59
CA MET C 211 0.58 36.97 42.33
C MET C 211 -0.32 37.62 43.40
N ASP C 212 -1.47 38.09 42.97
CA ASP C 212 -2.39 38.74 43.88
C ASP C 212 -3.73 38.01 44.00
N VAL C 213 -4.55 38.10 42.96
CA VAL C 213 -5.83 37.46 42.97
C VAL C 213 -5.75 36.01 42.54
N PHE C 214 -6.34 35.13 43.34
CA PHE C 214 -6.35 33.72 43.03
C PHE C 214 -7.77 33.23 42.75
N ARG C 215 -7.98 32.80 41.52
CA ARG C 215 -9.28 32.28 41.07
C ARG C 215 -9.23 30.79 41.26
N VAL C 216 -9.85 30.32 42.33
CA VAL C 216 -9.87 28.89 42.65
C VAL C 216 -11.18 28.32 42.13
N PHE C 217 -11.10 27.16 41.48
CA PHE C 217 -12.28 26.49 40.92
C PHE C 217 -12.20 24.98 41.11
N ASP C 218 -13.33 24.32 40.88
CA ASP C 218 -13.38 22.88 40.99
C ASP C 218 -14.26 22.42 39.86
N SER C 219 -13.73 21.49 39.08
CA SER C 219 -14.44 20.94 37.93
C SER C 219 -15.78 20.30 38.28
N LEU C 220 -16.02 19.99 39.55
CA LEU C 220 -17.30 19.38 39.97
C LEU C 220 -17.96 20.25 41.03
N ASN C 221 -17.33 21.38 41.32
CA ASN C 221 -17.80 22.32 42.33
C ASN C 221 -17.94 21.58 43.64
N TYR C 222 -17.00 20.66 43.86
CA TYR C 222 -16.94 19.86 45.06
C TYR C 222 -16.21 20.73 46.07
N LEU C 223 -17.00 21.43 46.90
CA LEU C 223 -16.50 22.35 47.93
C LEU C 223 -15.21 22.00 48.67
N PRO C 224 -15.06 20.75 49.07
CA PRO C 224 -13.84 20.33 49.78
C PRO C 224 -12.56 20.80 49.09
N ASN C 225 -12.48 20.57 47.79
CA ASN C 225 -11.30 20.98 47.04
C ASN C 225 -11.25 22.50 46.91
N MET C 226 -12.43 23.09 46.67
CA MET C 226 -12.55 24.55 46.52
C MET C 226 -12.12 25.33 47.76
N LEU C 227 -12.35 24.75 48.93
CA LEU C 227 -11.96 25.42 50.16
C LEU C 227 -10.46 25.30 50.44
N LEU C 228 -9.88 24.16 50.12
CA LEU C 228 -8.45 23.97 50.33
C LEU C 228 -7.70 25.01 49.53
N GLY C 229 -8.14 25.24 48.29
CA GLY C 229 -7.50 26.22 47.46
C GLY C 229 -7.66 27.58 48.11
N MET C 230 -8.90 27.94 48.44
CA MET C 230 -9.22 29.21 49.07
C MET C 230 -8.33 29.44 50.28
N GLU C 231 -8.12 28.37 51.04
CA GLU C 231 -7.27 28.41 52.23
C GLU C 231 -5.89 28.92 51.81
N ALA C 232 -5.15 28.05 51.14
CA ALA C 232 -3.83 28.33 50.65
C ALA C 232 -3.75 29.72 50.09
N ALA C 233 -4.75 30.09 49.29
CA ALA C 233 -4.80 31.43 48.66
C ALA C 233 -5.05 32.52 49.68
N GLY C 234 -5.98 32.27 50.59
CA GLY C 234 -6.29 33.25 51.61
C GLY C 234 -5.18 33.37 52.65
N SER C 235 -4.59 32.25 53.01
CA SER C 235 -3.52 32.23 54.00
C SER C 235 -2.27 32.83 53.40
N ALA C 236 -2.02 32.57 52.12
CA ALA C 236 -0.83 33.10 51.47
C ALA C 236 -0.83 34.64 51.56
N GLY C 237 -1.99 35.19 51.89
CA GLY C 237 -2.11 36.63 52.02
C GLY C 237 -2.62 37.26 50.74
N GLY C 238 -3.18 36.44 49.85
CA GLY C 238 -3.68 36.97 48.60
C GLY C 238 -5.18 37.10 48.53
N VAL C 239 -5.67 37.73 47.46
CA VAL C 239 -7.10 37.91 47.24
C VAL C 239 -7.71 36.59 46.78
N VAL C 240 -8.74 36.13 47.49
CA VAL C 240 -9.39 34.89 47.13
C VAL C 240 -10.61 35.18 46.28
N GLU C 241 -10.64 34.60 45.08
CA GLU C 241 -11.75 34.76 44.17
C GLU C 241 -12.28 33.37 43.84
N ALA C 242 -13.17 32.88 44.69
CA ALA C 242 -13.76 31.57 44.51
C ALA C 242 -14.58 31.57 43.20
N ALA C 243 -14.37 30.54 42.39
CA ALA C 243 -15.07 30.43 41.14
C ALA C 243 -16.04 29.24 41.07
N ILE C 244 -17.29 29.57 40.77
CA ILE C 244 -18.34 28.56 40.62
C ILE C 244 -18.42 28.27 39.11
N SER C 245 -18.28 27.00 38.74
CA SER C 245 -18.34 26.59 37.35
C SER C 245 -19.82 26.43 36.92
N TYR C 246 -20.20 27.01 35.78
CA TYR C 246 -21.58 26.98 35.26
C TYR C 246 -21.93 25.96 34.14
N THR C 247 -23.05 25.26 34.31
CA THR C 247 -23.58 24.25 33.35
C THR C 247 -25.09 24.50 33.09
N GLY C 248 -25.58 24.03 31.96
CA GLY C 248 -26.99 24.19 31.65
C GLY C 248 -27.48 25.60 31.40
N ASP C 249 -28.65 25.90 31.94
CA ASP C 249 -29.27 27.22 31.74
C ASP C 249 -30.29 27.49 32.82
N VAL C 250 -29.86 28.17 33.87
CA VAL C 250 -30.71 28.51 35.01
C VAL C 250 -32.00 29.20 34.61
N ALA C 251 -32.07 29.71 33.39
CA ALA C 251 -33.27 30.39 32.91
C ALA C 251 -34.29 29.32 32.59
N ASP C 252 -33.79 28.16 32.16
CA ASP C 252 -34.61 27.01 31.79
C ASP C 252 -35.04 26.15 33.01
N PRO C 253 -36.32 26.27 33.43
CA PRO C 253 -36.91 25.55 34.55
C PRO C 253 -36.85 24.05 34.39
N SER C 254 -36.81 23.61 33.14
CA SER C 254 -36.74 22.19 32.83
C SER C 254 -35.66 21.49 33.64
N ARG C 255 -34.42 21.87 33.38
CA ARG C 255 -33.30 21.30 34.08
C ARG C 255 -33.23 21.86 35.50
N THR C 256 -33.13 20.93 36.44
CA THR C 256 -33.12 21.27 37.86
C THR C 256 -31.91 20.81 38.68
N LYS C 257 -31.06 19.96 38.10
CA LYS C 257 -29.89 19.48 38.85
C LYS C 257 -29.03 20.67 39.31
N TYR C 258 -28.60 21.49 38.36
CA TYR C 258 -27.82 22.69 38.68
C TYR C 258 -28.75 23.90 38.51
N SER C 259 -29.87 23.86 39.22
CA SER C 259 -30.84 24.94 39.15
C SER C 259 -30.26 26.21 39.70
N LEU C 260 -31.03 27.29 39.63
CA LEU C 260 -30.57 28.57 40.14
C LEU C 260 -30.26 28.41 41.62
N GLN C 261 -31.20 27.80 42.32
CA GLN C 261 -31.06 27.58 43.74
C GLN C 261 -29.90 26.66 44.08
N TYR C 262 -29.30 26.07 43.04
CA TYR C 262 -28.14 25.21 43.24
C TYR C 262 -26.97 26.13 43.46
N TYR C 263 -26.80 27.07 42.54
CA TYR C 263 -25.71 28.01 42.61
C TYR C 263 -25.85 28.85 43.85
N MET C 264 -27.04 29.43 44.05
CA MET C 264 -27.29 30.26 45.21
C MET C 264 -26.81 29.62 46.53
N GLY C 265 -27.10 28.35 46.71
CA GLY C 265 -26.66 27.69 47.93
C GLY C 265 -25.14 27.65 47.98
N LEU C 266 -24.55 27.15 46.90
CA LEU C 266 -23.11 27.03 46.77
C LEU C 266 -22.42 28.36 47.09
N ALA C 267 -23.06 29.47 46.76
CA ALA C 267 -22.48 30.78 47.04
C ALA C 267 -22.40 30.98 48.55
N GLU C 268 -23.49 30.73 49.26
CA GLU C 268 -23.52 30.89 50.71
C GLU C 268 -22.29 30.24 51.33
N GLU C 269 -22.09 28.97 51.01
CA GLU C 269 -20.96 28.21 51.53
C GLU C 269 -19.64 28.90 51.24
N LEU C 270 -19.41 29.17 49.96
CA LEU C 270 -18.20 29.82 49.51
C LEU C 270 -18.00 31.19 50.18
N VAL C 271 -19.08 31.94 50.39
CA VAL C 271 -18.98 33.25 51.03
C VAL C 271 -18.71 33.09 52.54
N ARG C 272 -19.35 32.10 53.15
CA ARG C 272 -19.13 31.84 54.58
C ARG C 272 -17.69 31.35 54.71
N ALA C 273 -17.29 30.40 53.85
CA ALA C 273 -15.94 29.86 53.85
C ALA C 273 -14.94 31.00 53.81
N GLY C 274 -15.42 32.14 53.32
CA GLY C 274 -14.62 33.36 53.23
C GLY C 274 -13.95 33.57 51.89
N THR C 275 -14.50 34.49 51.10
CA THR C 275 -13.95 34.83 49.79
C THR C 275 -14.11 36.34 49.61
N HIS C 276 -13.09 36.98 49.03
CA HIS C 276 -13.12 38.42 48.80
C HIS C 276 -13.99 38.74 47.60
N ILE C 277 -13.79 37.99 46.53
CA ILE C 277 -14.54 38.19 45.29
C ILE C 277 -15.17 36.88 44.86
N LEU C 278 -16.37 36.97 44.30
CA LEU C 278 -17.04 35.79 43.82
C LEU C 278 -17.09 35.81 42.31
N CYS C 279 -16.67 34.71 41.70
CA CYS C 279 -16.64 34.60 40.24
C CYS C 279 -17.46 33.43 39.74
N ILE C 280 -18.02 33.59 38.53
CA ILE C 280 -18.80 32.54 37.87
C ILE C 280 -18.06 32.12 36.61
N LYS C 281 -17.47 30.92 36.64
CA LYS C 281 -16.68 30.42 35.53
C LYS C 281 -17.49 29.65 34.47
N ASP C 282 -18.08 30.39 33.54
CA ASP C 282 -18.84 29.76 32.47
C ASP C 282 -17.81 29.40 31.41
N MET C 283 -17.05 28.33 31.66
CA MET C 283 -15.99 27.90 30.75
C MET C 283 -16.42 27.33 29.41
N ALA C 284 -17.73 27.12 29.23
CA ALA C 284 -18.26 26.58 27.98
C ALA C 284 -19.02 27.66 27.20
N GLY C 285 -19.19 28.82 27.81
CA GLY C 285 -19.91 29.89 27.14
C GLY C 285 -21.36 29.49 26.98
N LEU C 286 -21.99 29.08 28.07
CA LEU C 286 -23.39 28.67 28.04
C LEU C 286 -24.31 29.75 28.58
N LEU C 287 -23.72 30.74 29.24
CA LEU C 287 -24.50 31.82 29.80
C LEU C 287 -25.29 32.62 28.77
N LYS C 288 -26.62 32.57 28.88
CA LYS C 288 -27.48 33.34 28.00
C LYS C 288 -27.81 34.62 28.75
N PRO C 289 -28.12 35.70 28.02
CA PRO C 289 -28.45 36.97 28.66
C PRO C 289 -29.56 36.87 29.69
N THR C 290 -30.65 36.18 29.34
CA THR C 290 -31.75 36.02 30.26
C THR C 290 -31.26 35.26 31.50
N ALA C 291 -30.65 34.10 31.28
CA ALA C 291 -30.14 33.31 32.39
C ALA C 291 -29.24 34.23 33.21
N CYS C 292 -28.47 35.05 32.51
CA CYS C 292 -27.56 35.99 33.15
C CYS C 292 -28.31 36.90 34.11
N THR C 293 -29.12 37.79 33.55
CA THR C 293 -29.90 38.75 34.35
C THR C 293 -30.38 38.09 35.64
N MET C 294 -30.98 36.91 35.47
CA MET C 294 -31.51 36.16 36.60
C MET C 294 -30.46 35.84 37.65
N LEU C 295 -29.44 35.08 37.24
CA LEU C 295 -28.38 34.64 38.13
C LEU C 295 -27.72 35.77 38.91
N VAL C 296 -27.17 36.75 38.20
CA VAL C 296 -26.50 37.87 38.84
C VAL C 296 -27.41 38.63 39.80
N SER C 297 -28.59 39.02 39.36
CA SER C 297 -29.48 39.76 40.24
C SER C 297 -29.71 39.01 41.54
N SER C 298 -30.33 37.83 41.49
CA SER C 298 -30.57 37.06 42.71
C SER C 298 -29.32 36.97 43.59
N LEU C 299 -28.16 37.15 42.95
CA LEU C 299 -26.88 37.10 43.65
C LEU C 299 -26.60 38.45 44.30
N ARG C 300 -26.74 39.53 43.51
CA ARG C 300 -26.51 40.89 44.01
C ARG C 300 -27.50 41.20 45.11
N ASP C 301 -28.66 40.55 45.03
CA ASP C 301 -29.72 40.71 46.03
C ASP C 301 -29.21 40.08 47.32
N ARG C 302 -28.95 38.78 47.24
CA ARG C 302 -28.48 38.05 48.40
C ARG C 302 -27.18 38.62 48.99
N PHE C 303 -26.28 39.13 48.16
CA PHE C 303 -25.03 39.69 48.69
C PHE C 303 -24.79 41.08 48.12
N PRO C 304 -25.56 42.07 48.62
CA PRO C 304 -25.54 43.49 48.23
C PRO C 304 -24.19 44.10 47.87
N ASP C 305 -23.17 43.86 48.69
CA ASP C 305 -21.85 44.41 48.43
C ASP C 305 -20.70 43.40 48.25
N LEU C 306 -21.02 42.28 47.60
CA LEU C 306 -20.05 41.25 47.31
C LEU C 306 -19.59 41.49 45.89
N PRO C 307 -18.27 41.41 45.64
CA PRO C 307 -17.75 41.63 44.28
C PRO C 307 -18.04 40.46 43.32
N LEU C 308 -18.72 40.75 42.21
CA LEU C 308 -19.08 39.73 41.22
C LEU C 308 -18.23 39.80 39.96
N HIS C 309 -17.62 38.66 39.62
CA HIS C 309 -16.75 38.57 38.45
C HIS C 309 -17.24 37.48 37.48
N ILE C 310 -17.47 37.84 36.21
CA ILE C 310 -17.99 36.87 35.24
C ILE C 310 -17.00 36.45 34.15
N HIS C 311 -16.87 35.15 33.95
CA HIS C 311 -15.95 34.62 32.94
C HIS C 311 -16.74 33.79 31.94
N THR C 312 -16.70 34.18 30.67
CA THR C 312 -17.43 33.45 29.65
C THR C 312 -16.57 33.21 28.40
N HIS C 313 -17.00 32.32 27.52
CA HIS C 313 -16.28 32.06 26.29
C HIS C 313 -17.29 32.31 25.17
N ASP C 314 -16.86 33.02 24.14
CA ASP C 314 -17.71 33.37 23.00
C ASP C 314 -18.12 32.22 22.09
N THR C 315 -17.89 30.99 22.53
CA THR C 315 -18.21 29.80 21.73
C THR C 315 -19.64 29.75 21.16
N SER C 316 -20.63 30.12 21.95
CA SER C 316 -22.00 30.08 21.47
C SER C 316 -22.28 31.23 20.54
N GLY C 317 -21.71 32.38 20.87
CA GLY C 317 -21.93 33.55 20.05
C GLY C 317 -22.54 34.67 20.88
N ALA C 318 -22.81 34.40 22.15
CA ALA C 318 -23.38 35.39 23.05
C ALA C 318 -22.22 36.16 23.64
N GLY C 319 -21.64 35.61 24.69
CA GLY C 319 -20.50 36.22 25.34
C GLY C 319 -20.64 37.71 25.60
N VAL C 320 -20.55 38.52 24.56
CA VAL C 320 -20.67 39.95 24.74
C VAL C 320 -22.07 40.31 25.23
N ALA C 321 -23.10 39.91 24.48
CA ALA C 321 -24.46 40.20 24.90
C ALA C 321 -24.63 39.68 26.31
N ALA C 322 -24.09 38.50 26.58
CA ALA C 322 -24.17 37.88 27.90
C ALA C 322 -23.60 38.83 28.92
N MET C 323 -22.28 39.02 28.89
CA MET C 323 -21.60 39.92 29.82
C MET C 323 -22.31 41.25 30.02
N LEU C 324 -22.77 41.85 28.93
CA LEU C 324 -23.48 43.12 29.02
C LEU C 324 -24.65 43.01 29.95
N ALA C 325 -25.31 41.86 29.91
CA ALA C 325 -26.47 41.57 30.74
C ALA C 325 -26.04 41.47 32.20
N CYS C 326 -24.91 40.82 32.42
CA CYS C 326 -24.37 40.65 33.75
C CYS C 326 -24.15 41.99 34.41
N ALA C 327 -23.49 42.90 33.68
CA ALA C 327 -23.22 44.24 34.18
C ALA C 327 -24.53 44.90 34.56
N GLN C 328 -25.48 44.88 33.61
CA GLN C 328 -26.82 45.45 33.77
C GLN C 328 -27.41 45.09 35.12
N ALA C 329 -27.37 43.81 35.44
CA ALA C 329 -27.93 43.30 36.68
C ALA C 329 -27.06 43.52 37.93
N GLY C 330 -25.93 44.21 37.79
CA GLY C 330 -25.08 44.49 38.93
C GLY C 330 -23.74 43.80 39.03
N ALA C 331 -23.28 43.13 37.96
CA ALA C 331 -21.98 42.45 37.98
C ALA C 331 -20.88 43.50 37.98
N ASP C 332 -19.86 43.27 38.81
CA ASP C 332 -18.76 44.21 38.98
C ASP C 332 -17.62 44.15 37.99
N VAL C 333 -17.35 42.96 37.47
CA VAL C 333 -16.26 42.75 36.51
C VAL C 333 -16.60 41.62 35.54
N VAL C 334 -16.00 41.69 34.35
CA VAL C 334 -16.21 40.68 33.34
C VAL C 334 -14.89 40.44 32.61
N ASP C 335 -14.60 39.17 32.32
CA ASP C 335 -13.39 38.80 31.62
C ASP C 335 -13.47 39.10 30.10
N VAL C 336 -12.41 39.69 29.54
CA VAL C 336 -12.34 40.00 28.10
C VAL C 336 -10.93 39.77 27.53
N ALA C 337 -10.85 39.68 26.21
CA ALA C 337 -9.57 39.46 25.54
C ALA C 337 -9.45 40.48 24.41
N ALA C 338 -8.22 40.80 24.03
CA ALA C 338 -7.95 41.74 22.95
C ALA C 338 -8.78 41.30 21.77
N ASP C 339 -9.22 42.26 20.95
CA ASP C 339 -10.02 41.93 19.77
C ASP C 339 -9.41 40.81 18.94
N SER C 340 -8.18 41.01 18.47
CA SER C 340 -7.48 40.02 17.66
C SER C 340 -7.31 38.64 18.31
N MET C 341 -7.59 38.57 19.61
CA MET C 341 -7.48 37.33 20.39
C MET C 341 -8.80 36.93 21.04
N SER C 342 -9.86 37.65 20.69
CA SER C 342 -11.18 37.38 21.26
C SER C 342 -12.02 36.63 20.24
N GLY C 343 -13.24 36.28 20.64
CA GLY C 343 -14.14 35.58 19.74
C GLY C 343 -14.02 34.08 19.91
N MET C 344 -14.86 33.35 19.18
CA MET C 344 -14.86 31.90 19.21
C MET C 344 -14.66 31.37 20.63
N THR C 345 -13.88 30.29 20.74
CA THR C 345 -13.61 29.65 22.04
C THR C 345 -12.87 30.50 23.10
N SER C 346 -12.58 31.74 22.75
CA SER C 346 -11.90 32.65 23.66
C SER C 346 -12.94 33.60 24.20
N GLN C 347 -12.49 34.60 24.95
CA GLN C 347 -13.41 35.55 25.55
C GLN C 347 -13.94 36.58 24.55
N PRO C 348 -15.02 37.27 24.92
CA PRO C 348 -15.61 38.28 24.05
C PRO C 348 -14.69 39.45 23.74
N SER C 349 -14.96 40.11 22.63
CA SER C 349 -14.19 41.28 22.18
C SER C 349 -14.10 42.40 23.21
N MET C 350 -12.90 42.60 23.75
CA MET C 350 -12.70 43.65 24.72
C MET C 350 -13.21 44.98 24.16
N GLY C 351 -12.91 45.24 22.90
CA GLY C 351 -13.32 46.48 22.27
C GLY C 351 -14.81 46.58 22.08
N ALA C 352 -15.45 45.44 21.88
CA ALA C 352 -16.88 45.40 21.69
C ALA C 352 -17.58 45.73 23.00
N LEU C 353 -16.99 45.28 24.11
CA LEU C 353 -17.52 45.54 25.44
C LEU C 353 -17.33 47.03 25.76
N VAL C 354 -16.08 47.50 25.65
CA VAL C 354 -15.74 48.90 25.91
C VAL C 354 -16.58 49.82 25.03
N ALA C 355 -16.79 49.43 23.78
CA ALA C 355 -17.56 50.23 22.85
C ALA C 355 -19.02 50.32 23.25
N CYS C 356 -19.65 49.17 23.46
CA CYS C 356 -21.06 49.13 23.83
C CYS C 356 -21.36 49.66 25.23
N THR C 357 -20.31 49.84 26.02
CA THR C 357 -20.48 50.29 27.38
C THR C 357 -20.28 51.78 27.60
N ARG C 358 -19.58 52.46 26.69
CA ARG C 358 -19.37 53.89 26.88
C ARG C 358 -20.62 54.71 26.58
N GLY C 359 -20.75 55.83 27.30
CA GLY C 359 -21.90 56.69 27.11
C GLY C 359 -22.96 56.32 28.12
N THR C 360 -22.75 55.17 28.76
CA THR C 360 -23.68 54.67 29.77
C THR C 360 -23.07 54.71 31.16
N PRO C 361 -23.89 54.47 32.19
CA PRO C 361 -23.40 54.49 33.56
C PRO C 361 -22.44 53.35 33.86
N LEU C 362 -22.24 52.47 32.89
CA LEU C 362 -21.34 51.35 33.08
C LEU C 362 -20.04 51.58 32.33
N ASP C 363 -19.90 52.77 31.77
CA ASP C 363 -18.72 53.13 30.99
C ASP C 363 -17.45 52.59 31.62
N THR C 364 -16.62 51.97 30.79
CA THR C 364 -15.36 51.40 31.25
C THR C 364 -14.30 52.50 31.31
N GLU C 365 -14.55 53.57 30.56
CA GLU C 365 -13.65 54.72 30.50
C GLU C 365 -12.32 54.41 29.81
N VAL C 366 -12.23 53.25 29.16
CA VAL C 366 -11.01 52.85 28.47
C VAL C 366 -11.03 53.38 27.05
N PRO C 367 -10.01 54.19 26.68
CA PRO C 367 -9.81 54.83 25.37
C PRO C 367 -9.78 53.83 24.23
N MET C 368 -10.79 53.91 23.37
CA MET C 368 -10.88 52.99 22.24
C MET C 368 -9.50 52.90 21.60
N GLU C 369 -8.92 54.06 21.33
CA GLU C 369 -7.61 54.15 20.73
C GLU C 369 -6.64 53.10 21.28
N ARG C 370 -6.61 52.96 22.60
CA ARG C 370 -5.70 52.02 23.27
C ARG C 370 -5.99 50.55 22.99
N VAL C 371 -7.26 50.17 22.96
CA VAL C 371 -7.59 48.78 22.70
C VAL C 371 -7.13 48.48 21.26
N PHE C 372 -7.16 49.50 20.42
CA PHE C 372 -6.76 49.38 19.03
C PHE C 372 -5.30 49.02 18.97
N ASP C 373 -4.46 49.86 19.58
CA ASP C 373 -3.03 49.61 19.56
C ASP C 373 -2.70 48.28 20.23
N TYR C 374 -3.47 47.93 21.24
CA TYR C 374 -3.24 46.70 21.96
C TYR C 374 -3.57 45.52 21.06
N SER C 375 -4.75 45.55 20.42
CA SER C 375 -5.15 44.48 19.50
C SER C 375 -4.21 44.49 18.31
N GLU C 376 -3.79 45.69 17.90
CA GLU C 376 -2.87 45.87 16.80
C GLU C 376 -1.64 45.01 17.09
N TYR C 377 -1.11 45.13 18.30
CA TYR C 377 0.07 44.36 18.71
C TYR C 377 -0.11 42.87 18.67
N TRP C 378 -1.28 42.42 19.10
CA TRP C 378 -1.62 41.01 19.16
C TRP C 378 -1.96 40.38 17.83
N GLU C 379 -2.49 41.15 16.89
CA GLU C 379 -2.79 40.58 15.60
C GLU C 379 -1.46 40.14 14.99
N GLY C 380 -0.43 40.95 15.17
CA GLY C 380 0.87 40.62 14.62
C GLY C 380 1.55 39.54 15.45
N ALA C 381 1.47 39.67 16.77
CA ALA C 381 2.09 38.70 17.66
C ALA C 381 1.56 37.31 17.33
N ARG C 382 0.27 37.25 17.01
CA ARG C 382 -0.40 35.99 16.68
C ARG C 382 0.10 35.39 15.37
N GLY C 383 0.69 36.25 14.53
CA GLY C 383 1.21 35.81 13.26
C GLY C 383 2.43 34.94 13.40
N LEU C 384 3.07 35.01 14.57
CA LEU C 384 4.25 34.21 14.84
C LEU C 384 3.83 32.79 15.23
N TYR C 385 2.63 32.68 15.79
CA TYR C 385 2.11 31.40 16.23
C TYR C 385 1.19 30.79 15.18
N ALA C 386 1.56 30.94 13.91
CA ALA C 386 0.75 30.40 12.83
C ALA C 386 0.62 28.88 12.92
N ALA C 387 1.63 28.23 13.49
CA ALA C 387 1.64 26.77 13.60
C ALA C 387 0.71 26.18 14.65
N PHE C 388 0.04 27.02 15.43
CA PHE C 388 -0.83 26.53 16.50
C PHE C 388 -2.19 27.19 16.41
N ASP C 389 -2.38 28.00 15.39
CA ASP C 389 -3.63 28.71 15.22
C ASP C 389 -4.77 27.77 14.87
N CYS C 390 -5.78 27.72 15.73
CA CYS C 390 -6.95 26.89 15.52
C CYS C 390 -7.71 27.43 14.33
N THR C 391 -7.34 28.64 13.93
CA THR C 391 -7.97 29.30 12.81
C THR C 391 -7.90 28.42 11.56
N ALA C 392 -6.92 27.50 11.55
CA ALA C 392 -6.71 26.59 10.45
C ALA C 392 -7.91 25.70 10.19
N THR C 393 -8.58 25.26 11.25
CA THR C 393 -9.74 24.41 11.07
C THR C 393 -11.03 25.13 11.48
N MET C 394 -10.97 25.91 12.55
CA MET C 394 -12.13 26.64 13.04
C MET C 394 -12.21 28.00 12.39
N LYS C 395 -13.29 28.27 11.66
CA LYS C 395 -13.41 29.58 11.03
C LYS C 395 -14.51 30.42 11.70
N SER C 396 -15.10 29.89 12.78
CA SER C 396 -16.15 30.62 13.51
C SER C 396 -16.59 29.85 14.74
N GLY C 397 -17.55 30.41 15.47
CA GLY C 397 -18.08 29.79 16.67
C GLY C 397 -19.12 28.74 16.31
N ASN C 398 -19.80 28.19 17.31
CA ASN C 398 -20.80 27.17 17.07
C ASN C 398 -21.77 27.00 18.24
N SER C 399 -23.03 27.40 18.02
CA SER C 399 -24.05 27.34 19.06
C SER C 399 -24.45 25.94 19.50
N ASP C 400 -23.93 24.91 18.83
CA ASP C 400 -24.27 23.54 19.21
C ASP C 400 -23.63 23.21 20.54
N VAL C 401 -22.89 24.19 21.06
CA VAL C 401 -22.21 24.07 22.34
C VAL C 401 -23.29 24.01 23.41
N TYR C 402 -24.46 24.53 23.07
CA TYR C 402 -25.61 24.57 23.95
C TYR C 402 -26.14 23.17 24.12
N GLU C 403 -25.49 22.21 23.47
CA GLU C 403 -25.94 20.84 23.56
C GLU C 403 -24.89 19.90 24.09
N ASN C 404 -23.68 20.03 23.59
CA ASN C 404 -22.59 19.15 24.03
C ASN C 404 -21.87 19.67 25.27
N GLU C 405 -22.05 20.95 25.57
CA GLU C 405 -21.43 21.54 26.74
C GLU C 405 -19.93 21.33 26.78
N ILE C 406 -19.30 21.19 25.62
CA ILE C 406 -17.86 21.03 25.57
C ILE C 406 -17.26 22.41 25.80
N PRO C 407 -16.38 22.53 26.80
CA PRO C 407 -15.76 23.82 27.09
C PRO C 407 -14.94 24.36 25.91
N GLY C 408 -14.79 25.68 25.87
CA GLY C 408 -14.04 26.32 24.81
C GLY C 408 -12.76 25.65 24.36
N GLY C 409 -11.80 25.53 25.27
CA GLY C 409 -10.53 24.90 24.95
C GLY C 409 -10.63 23.51 24.36
N GLN C 410 -11.30 22.61 25.06
CA GLN C 410 -11.49 21.24 24.61
C GLN C 410 -12.16 21.19 23.24
N TYR C 411 -13.06 22.14 22.97
CA TYR C 411 -13.77 22.20 21.70
C TYR C 411 -12.77 22.37 20.55
N THR C 412 -12.00 23.43 20.68
CA THR C 412 -10.99 23.75 19.70
C THR C 412 -10.14 22.55 19.34
N ASN C 413 -9.61 21.91 20.38
CA ASN C 413 -8.73 20.76 20.22
C ASN C 413 -9.37 19.62 19.47
N LEU C 414 -10.56 19.24 19.92
CA LEU C 414 -11.30 18.15 19.29
C LEU C 414 -11.61 18.50 17.84
N HIS C 415 -12.06 19.73 17.62
CA HIS C 415 -12.37 20.20 16.29
C HIS C 415 -11.12 20.14 15.40
N PHE C 416 -10.03 20.71 15.88
CA PHE C 416 -8.79 20.67 15.13
C PHE C 416 -8.45 19.22 14.84
N GLN C 417 -8.57 18.36 15.87
CA GLN C 417 -8.29 16.93 15.76
C GLN C 417 -8.96 16.22 14.59
N ALA C 418 -10.29 16.23 14.62
CA ALA C 418 -11.08 15.62 13.57
C ALA C 418 -10.66 16.18 12.19
N HIS C 419 -10.90 17.48 12.00
CA HIS C 419 -10.60 18.19 10.76
C HIS C 419 -9.15 18.15 10.29
N SER C 420 -8.21 18.21 11.23
CA SER C 420 -6.77 18.16 10.93
C SER C 420 -6.42 16.80 10.29
N MET C 421 -7.35 15.86 10.35
CA MET C 421 -7.15 14.55 9.78
C MET C 421 -8.34 14.21 8.90
N GLY C 422 -8.86 15.22 8.20
CA GLY C 422 -10.00 15.01 7.33
C GLY C 422 -11.08 14.16 7.99
N LEU C 423 -11.56 14.62 9.14
CA LEU C 423 -12.60 13.88 9.85
C LEU C 423 -13.71 14.73 10.45
N GLY C 424 -14.01 15.86 9.82
CA GLY C 424 -15.08 16.71 10.31
C GLY C 424 -16.35 15.89 10.50
N SER C 425 -16.65 15.09 9.49
CA SER C 425 -17.83 14.23 9.55
C SER C 425 -17.85 13.56 10.92
N LYS C 426 -16.67 13.09 11.34
CA LYS C 426 -16.48 12.41 12.61
C LYS C 426 -16.90 13.26 13.81
N PHE C 427 -16.45 14.51 13.81
CA PHE C 427 -16.74 15.41 14.90
C PHE C 427 -18.21 15.41 15.36
N LYS C 428 -19.14 15.36 14.40
CA LYS C 428 -20.54 15.35 14.79
C LYS C 428 -20.69 14.20 15.77
N GLU C 429 -20.37 13.01 15.29
CA GLU C 429 -20.45 11.78 16.07
C GLU C 429 -19.88 11.90 17.48
N VAL C 430 -18.63 12.34 17.59
CA VAL C 430 -18.01 12.46 18.90
C VAL C 430 -18.79 13.42 19.80
N LYS C 431 -19.35 14.48 19.22
CA LYS C 431 -20.09 15.42 20.03
C LYS C 431 -21.31 14.73 20.62
N LYS C 432 -21.79 13.71 19.93
CA LYS C 432 -22.95 12.95 20.37
C LYS C 432 -22.59 11.95 21.48
N ALA C 433 -21.38 11.43 21.42
CA ALA C 433 -20.89 10.51 22.42
C ALA C 433 -20.62 11.33 23.67
N TYR C 434 -20.10 12.54 23.49
CA TYR C 434 -19.81 13.41 24.61
C TYR C 434 -21.06 13.58 25.48
N VAL C 435 -22.18 13.93 24.87
CA VAL C 435 -23.40 14.16 25.61
C VAL C 435 -23.84 12.90 26.33
N GLU C 436 -23.75 11.76 25.65
CA GLU C 436 -24.15 10.48 26.25
C GLU C 436 -23.19 10.10 27.36
N ALA C 437 -21.91 10.40 27.15
CA ALA C 437 -20.85 10.10 28.10
C ALA C 437 -21.10 10.91 29.34
N ASN C 438 -21.41 12.18 29.13
CA ASN C 438 -21.67 13.09 30.22
C ASN C 438 -22.91 12.62 30.96
N GLN C 439 -23.95 12.27 30.22
CA GLN C 439 -25.18 11.83 30.85
C GLN C 439 -24.94 10.53 31.59
N MET C 440 -24.09 9.69 31.00
CA MET C 440 -23.73 8.39 31.53
C MET C 440 -23.01 8.42 32.88
N LEU C 441 -22.33 9.53 33.17
CA LEU C 441 -21.61 9.65 34.43
C LEU C 441 -22.43 10.51 35.41
N GLY C 442 -23.68 10.75 35.03
CA GLY C 442 -24.59 11.53 35.85
C GLY C 442 -24.67 13.02 35.56
N ASP C 443 -24.67 13.40 34.28
CA ASP C 443 -24.74 14.81 33.88
C ASP C 443 -23.74 15.60 34.73
N LEU C 444 -22.63 16.02 34.11
CA LEU C 444 -21.64 16.71 34.89
C LEU C 444 -21.36 18.16 34.51
N ILE C 445 -20.36 18.69 35.21
CA ILE C 445 -19.84 20.03 35.01
C ILE C 445 -18.50 19.67 34.38
N LYS C 446 -18.33 20.01 33.12
CA LYS C 446 -17.10 19.66 32.41
C LYS C 446 -16.05 20.78 32.28
N VAL C 447 -15.01 20.68 33.11
CA VAL C 447 -13.89 21.64 33.11
C VAL C 447 -12.67 20.74 33.22
N THR C 448 -11.48 21.31 32.97
CA THR C 448 -10.24 20.52 32.98
C THR C 448 -10.26 19.15 33.63
N PRO C 449 -10.39 19.10 34.95
CA PRO C 449 -10.39 17.71 35.43
C PRO C 449 -11.51 16.90 34.77
N SER C 450 -12.75 17.15 35.21
CA SER C 450 -13.94 16.45 34.74
C SER C 450 -14.11 16.38 33.22
N SER C 451 -14.19 17.55 32.58
CA SER C 451 -14.37 17.64 31.14
C SER C 451 -13.52 16.70 30.28
N LYS C 452 -12.32 16.36 30.75
CA LYS C 452 -11.46 15.48 29.97
C LYS C 452 -11.78 14.00 30.17
N ILE C 453 -12.53 13.69 31.23
CA ILE C 453 -12.95 12.32 31.54
C ILE C 453 -14.14 11.97 30.66
N VAL C 454 -15.04 12.93 30.50
CA VAL C 454 -16.20 12.73 29.66
C VAL C 454 -15.69 12.57 28.22
N GLY C 455 -14.57 13.21 27.94
CA GLY C 455 -13.99 13.15 26.62
C GLY C 455 -13.48 11.77 26.30
N ASP C 456 -12.65 11.24 27.19
CA ASP C 456 -12.09 9.91 27.02
C ASP C 456 -13.20 8.90 26.83
N LEU C 457 -14.22 9.00 27.69
CA LEU C 457 -15.37 8.09 27.62
C LEU C 457 -16.11 8.22 26.29
N ALA C 458 -16.35 9.48 25.88
CA ALA C 458 -17.03 9.76 24.62
C ALA C 458 -16.27 9.13 23.44
N GLN C 459 -14.94 9.24 23.46
CA GLN C 459 -14.08 8.69 22.43
C GLN C 459 -13.96 7.18 22.53
N PHE C 460 -13.99 6.67 23.75
CA PHE C 460 -13.92 5.24 23.97
C PHE C 460 -15.12 4.63 23.25
N MET C 461 -16.30 5.07 23.65
CA MET C 461 -17.52 4.57 23.04
C MET C 461 -17.50 4.63 21.51
N VAL C 462 -17.36 5.84 20.96
CA VAL C 462 -17.36 6.03 19.50
C VAL C 462 -16.42 5.12 18.75
N GLN C 463 -15.18 5.07 19.23
CA GLN C 463 -14.16 4.26 18.61
C GLN C 463 -14.37 2.75 18.85
N ASN C 464 -15.38 2.42 19.66
CA ASN C 464 -15.72 1.03 19.93
C ASN C 464 -17.20 0.80 19.62
N GLY C 465 -17.79 1.75 18.88
CA GLY C 465 -19.19 1.65 18.52
C GLY C 465 -20.04 1.20 19.68
N LEU C 466 -20.15 2.06 20.69
CA LEU C 466 -20.92 1.70 21.86
C LEU C 466 -22.03 2.69 22.16
N SER C 467 -23.28 2.26 21.99
CA SER C 467 -24.41 3.11 22.29
C SER C 467 -24.35 3.32 23.80
N ARG C 468 -24.98 4.35 24.35
CA ARG C 468 -24.93 4.52 25.79
C ARG C 468 -25.50 3.24 26.44
N ALA C 469 -26.50 2.63 25.80
CA ALA C 469 -27.11 1.39 26.31
C ALA C 469 -26.11 0.23 26.30
N GLU C 470 -25.43 0.05 25.16
CA GLU C 470 -24.41 -1.00 25.02
C GLU C 470 -23.28 -0.71 26.02
N ALA C 471 -22.91 0.56 26.10
CA ALA C 471 -21.87 1.01 27.01
C ALA C 471 -22.23 0.66 28.45
N GLU C 472 -23.46 0.98 28.86
CA GLU C 472 -23.90 0.73 30.23
C GLU C 472 -24.18 -0.74 30.56
N ALA C 473 -24.95 -1.42 29.72
CA ALA C 473 -25.29 -2.82 29.95
C ALA C 473 -24.01 -3.68 29.96
N GLN C 474 -23.13 -3.46 28.98
CA GLN C 474 -21.87 -4.20 28.87
C GLN C 474 -20.80 -3.63 29.81
N ALA C 475 -21.22 -2.75 30.73
CA ALA C 475 -20.30 -2.11 31.68
C ALA C 475 -19.67 -3.06 32.68
N GLU C 476 -20.38 -4.14 33.00
CA GLU C 476 -19.90 -5.15 33.95
C GLU C 476 -18.41 -5.45 33.66
N GLU C 477 -18.04 -5.36 32.38
CA GLU C 477 -16.66 -5.60 31.96
C GLU C 477 -16.34 -5.10 30.55
N LEU C 478 -15.51 -4.05 30.52
CA LEU C 478 -15.01 -3.39 29.32
C LEU C 478 -13.81 -2.62 29.89
N SER C 479 -12.84 -2.26 29.04
CA SER C 479 -11.68 -1.55 29.54
C SER C 479 -11.74 -0.02 29.50
N PHE C 480 -12.75 0.55 30.18
CA PHE C 480 -12.97 2.00 30.26
C PHE C 480 -11.70 2.77 30.61
N PRO C 481 -11.53 3.96 30.01
CA PRO C 481 -10.34 4.79 30.25
C PRO C 481 -9.91 4.94 31.70
N ARG C 482 -8.60 4.85 31.91
CA ARG C 482 -8.00 5.00 33.22
C ARG C 482 -8.66 6.18 33.94
N SER C 483 -8.81 7.29 33.22
CA SER C 483 -9.41 8.52 33.74
C SER C 483 -10.84 8.32 34.24
N VAL C 484 -11.63 7.56 33.49
CA VAL C 484 -13.01 7.32 33.87
C VAL C 484 -13.10 6.46 35.11
N VAL C 485 -12.23 5.47 35.21
CA VAL C 485 -12.23 4.59 36.36
C VAL C 485 -11.85 5.40 37.58
N GLU C 486 -10.74 6.11 37.49
CA GLU C 486 -10.29 6.91 38.61
C GLU C 486 -11.36 7.93 39.04
N PHE C 487 -12.16 8.40 38.10
CA PHE C 487 -13.20 9.38 38.42
C PHE C 487 -14.25 8.77 39.33
N LEU C 488 -14.70 7.58 38.95
CA LEU C 488 -15.72 6.84 39.69
C LEU C 488 -15.19 6.43 41.04
N GLN C 489 -13.88 6.50 41.18
CA GLN C 489 -13.21 6.21 42.44
C GLN C 489 -13.07 7.54 43.17
N GLY C 490 -13.61 8.61 42.56
CA GLY C 490 -13.58 9.92 43.15
C GLY C 490 -12.25 10.63 43.30
N TYR C 491 -11.18 10.10 42.71
CA TYR C 491 -9.86 10.74 42.82
C TYR C 491 -9.88 12.26 42.66
N ILE C 492 -10.88 12.76 41.95
CA ILE C 492 -11.04 14.21 41.75
C ILE C 492 -12.02 14.76 42.79
N GLY C 493 -13.14 14.07 42.96
CA GLY C 493 -14.15 14.48 43.92
C GLY C 493 -15.47 13.73 43.82
N VAL C 494 -16.50 14.30 44.43
CA VAL C 494 -17.84 13.72 44.42
C VAL C 494 -18.84 14.55 43.62
N PRO C 495 -19.27 14.02 42.46
CA PRO C 495 -20.24 14.73 41.61
C PRO C 495 -21.58 15.00 42.31
N HIS C 496 -22.06 16.24 42.21
CA HIS C 496 -23.33 16.65 42.81
C HIS C 496 -24.49 15.83 42.25
N GLY C 497 -25.04 14.97 43.10
CA GLY C 497 -26.10 14.08 42.67
C GLY C 497 -25.54 12.67 42.76
N GLY C 498 -24.30 12.60 43.25
CA GLY C 498 -23.61 11.34 43.42
C GLY C 498 -23.17 10.71 42.12
N PHE C 499 -22.50 9.58 42.22
CA PHE C 499 -22.03 8.83 41.05
C PHE C 499 -23.18 8.02 40.45
N PRO C 500 -23.08 7.65 39.16
CA PRO C 500 -24.15 6.86 38.52
C PRO C 500 -23.97 5.42 38.99
N GLU C 501 -24.35 5.18 40.24
CA GLU C 501 -24.19 3.87 40.89
C GLU C 501 -24.62 2.58 40.20
N PRO C 502 -25.83 2.54 39.61
CA PRO C 502 -26.22 1.28 38.96
C PRO C 502 -25.10 0.84 38.03
N PHE C 503 -24.38 1.85 37.56
CA PHE C 503 -23.27 1.69 36.66
C PHE C 503 -21.94 1.68 37.44
N ARG C 504 -21.60 2.82 38.05
CA ARG C 504 -20.36 2.99 38.83
C ARG C 504 -19.77 1.74 39.45
N SER C 505 -20.59 1.00 40.17
CA SER C 505 -20.16 -0.22 40.83
C SER C 505 -19.79 -1.32 39.84
N LYS C 506 -20.71 -1.63 38.92
CA LYS C 506 -20.51 -2.65 37.89
C LYS C 506 -19.18 -2.38 37.19
N VAL C 507 -18.68 -1.16 37.42
CA VAL C 507 -17.44 -0.71 36.84
C VAL C 507 -16.30 -1.01 37.84
N LEU C 508 -16.36 -0.32 38.97
CA LEU C 508 -15.36 -0.42 40.04
C LEU C 508 -15.01 -1.84 40.51
N LYS C 509 -16.04 -2.66 40.75
CA LYS C 509 -15.82 -4.01 41.23
C LYS C 509 -14.91 -3.95 42.49
N ASP C 510 -13.93 -4.86 42.54
CA ASP C 510 -12.97 -4.94 43.66
C ASP C 510 -11.89 -3.86 43.64
N LEU C 511 -12.32 -2.63 43.38
CA LEU C 511 -11.41 -1.50 43.32
C LEU C 511 -11.66 -0.49 44.44
N PRO C 512 -10.57 0.04 45.00
CA PRO C 512 -10.48 1.03 46.08
C PRO C 512 -11.18 2.33 45.75
N ARG C 513 -12.23 2.63 46.50
CA ARG C 513 -13.01 3.85 46.32
C ARG C 513 -12.55 4.91 47.35
N VAL C 514 -11.96 6.01 46.87
CA VAL C 514 -11.48 7.07 47.78
C VAL C 514 -12.61 7.57 48.71
N GLU C 515 -12.24 7.94 49.93
CA GLU C 515 -13.23 8.44 50.89
C GLU C 515 -12.80 9.80 51.47
N GLY C 516 -13.52 10.85 51.09
CA GLY C 516 -13.18 12.19 51.56
C GLY C 516 -12.30 12.94 50.55
N ARG C 517 -11.95 14.20 50.83
CA ARG C 517 -11.09 14.97 49.92
C ARG C 517 -9.80 14.17 49.69
N PRO C 518 -9.55 13.72 48.44
CA PRO C 518 -8.36 12.93 48.11
C PRO C 518 -7.06 13.46 48.71
N GLY C 519 -6.86 14.78 48.58
CA GLY C 519 -5.67 15.42 49.09
C GLY C 519 -5.47 15.20 50.58
N ALA C 520 -6.57 15.03 51.30
CA ALA C 520 -6.51 14.82 52.74
C ALA C 520 -5.68 13.59 53.14
N SER C 521 -6.05 12.43 52.59
CA SER C 521 -5.37 11.17 52.89
C SER C 521 -3.92 11.09 52.42
N LEU C 522 -3.46 12.16 51.76
CA LEU C 522 -2.08 12.19 51.26
C LEU C 522 -1.04 12.76 52.24
N PRO C 523 -0.02 11.95 52.58
CA PRO C 523 1.04 12.35 53.50
C PRO C 523 1.77 13.52 52.86
N PRO C 524 2.17 14.53 53.66
CA PRO C 524 2.88 15.70 53.12
C PRO C 524 3.99 15.36 52.11
N LEU C 525 4.82 16.36 51.78
CA LEU C 525 5.92 16.14 50.82
C LEU C 525 7.20 16.79 51.34
N ASP C 526 8.16 15.97 51.79
CA ASP C 526 9.42 16.51 52.29
C ASP C 526 10.13 17.38 51.25
N LEU C 527 10.01 18.70 51.40
CA LEU C 527 10.60 19.65 50.46
C LEU C 527 12.13 19.65 50.49
N GLN C 528 12.69 19.25 51.61
CA GLN C 528 14.14 19.22 51.77
C GLN C 528 14.61 17.97 51.05
N ALA C 529 13.91 16.86 51.29
CA ALA C 529 14.24 15.59 50.66
C ALA C 529 14.28 15.87 49.16
N LEU C 530 13.28 16.59 48.67
CA LEU C 530 13.21 16.96 47.27
C LEU C 530 14.27 18.02 46.95
N GLU C 531 14.36 19.03 47.80
CA GLU C 531 15.30 20.12 47.58
C GLU C 531 16.75 19.66 47.38
N LYS C 532 17.34 18.98 48.37
CA LYS C 532 18.72 18.55 48.22
C LYS C 532 18.76 17.55 47.07
N GLU C 533 17.64 16.86 46.87
CA GLU C 533 17.52 15.86 45.81
C GLU C 533 17.66 16.48 44.42
N LEU C 534 17.38 17.77 44.33
CA LEU C 534 17.49 18.52 43.08
C LEU C 534 18.82 19.28 43.03
N VAL C 535 19.19 19.88 44.16
CA VAL C 535 20.43 20.62 44.28
C VAL C 535 21.53 19.65 43.91
N ASP C 536 21.48 18.50 44.57
CA ASP C 536 22.45 17.43 44.36
C ASP C 536 22.67 17.17 42.85
N ARG C 537 21.57 17.13 42.08
CA ARG C 537 21.65 16.90 40.62
C ARG C 537 21.81 18.19 39.79
N HIS C 538 20.69 18.77 39.37
CA HIS C 538 20.67 19.98 38.56
C HIS C 538 21.56 21.16 38.98
N GLY C 539 22.04 21.20 40.23
CA GLY C 539 22.91 22.32 40.63
C GLY C 539 22.73 22.96 42.01
N GLU C 540 23.65 23.85 42.38
CA GLU C 540 23.59 24.53 43.68
C GLU C 540 22.77 25.80 43.45
N GLU C 541 22.03 25.75 42.35
CA GLU C 541 21.18 26.85 41.91
C GLU C 541 19.71 26.71 42.32
N VAL C 542 19.17 25.52 42.13
CA VAL C 542 17.76 25.23 42.45
C VAL C 542 17.18 26.19 43.49
N THR C 543 16.03 26.80 43.16
CA THR C 543 15.38 27.75 44.05
C THR C 543 14.06 27.20 44.59
N PRO C 544 13.49 27.86 45.62
CA PRO C 544 12.22 27.39 46.19
C PRO C 544 11.30 27.09 45.02
N GLU C 545 11.23 28.06 44.12
CA GLU C 545 10.42 27.95 42.93
C GLU C 545 10.66 26.60 42.25
N ASP C 546 11.85 26.38 41.72
CA ASP C 546 12.20 25.12 41.05
C ASP C 546 11.71 23.88 41.78
N VAL C 547 11.86 23.89 43.09
CA VAL C 547 11.44 22.78 43.93
C VAL C 547 9.95 22.51 43.69
N LEU C 548 9.14 23.56 43.77
CA LEU C 548 7.71 23.46 43.53
C LEU C 548 7.44 22.89 42.12
N SER C 549 8.06 23.50 41.11
CA SER C 549 7.91 23.06 39.73
C SER C 549 8.12 21.55 39.70
N ALA C 550 9.34 21.15 40.04
CA ALA C 550 9.72 19.74 40.07
C ALA C 550 8.65 18.96 40.80
N ALA C 551 8.17 19.52 41.91
CA ALA C 551 7.15 18.86 42.68
C ALA C 551 5.96 18.57 41.78
N MET C 552 5.31 19.62 41.29
CA MET C 552 4.13 19.47 40.44
C MET C 552 4.42 18.70 39.15
N TYR C 553 5.57 19.01 38.55
CA TYR C 553 5.96 18.36 37.30
C TYR C 553 7.34 17.71 37.36
N PRO C 554 7.39 16.52 37.97
CA PRO C 554 8.61 15.75 38.12
C PRO C 554 9.42 15.70 36.84
N ASP C 555 8.98 14.84 35.92
CA ASP C 555 9.69 14.70 34.67
C ASP C 555 9.76 15.98 33.85
N VAL C 556 8.62 16.45 33.41
CA VAL C 556 8.57 17.67 32.62
C VAL C 556 9.62 18.68 33.09
N PHE C 557 9.66 18.91 34.40
CA PHE C 557 10.61 19.86 34.97
C PHE C 557 12.03 19.40 34.67
N ALA C 558 12.31 18.15 35.03
CA ALA C 558 13.62 17.54 34.81
C ALA C 558 14.14 17.78 33.37
N HIS C 559 13.41 17.29 32.37
CA HIS C 559 13.79 17.44 30.96
C HIS C 559 14.00 18.91 30.69
N PHE C 560 13.01 19.74 31.04
CA PHE C 560 13.09 21.19 30.85
C PHE C 560 14.40 21.76 31.43
N LYS C 561 14.86 21.17 32.53
CA LYS C 561 16.07 21.65 33.17
C LYS C 561 17.29 21.21 32.39
N ASP C 562 17.33 19.95 32.01
CA ASP C 562 18.46 19.43 31.26
C ASP C 562 18.59 20.17 29.94
N PHE C 563 17.46 20.41 29.30
CA PHE C 563 17.43 21.10 28.02
C PHE C 563 18.07 22.50 28.10
N THR C 564 17.52 23.34 28.97
CA THR C 564 18.03 24.70 29.14
C THR C 564 19.47 24.63 29.60
N ALA C 565 19.74 23.58 30.39
CA ALA C 565 21.06 23.36 30.94
C ALA C 565 22.12 23.48 29.86
N THR C 566 21.87 22.79 28.75
CA THR C 566 22.80 22.77 27.61
C THR C 566 22.56 23.84 26.51
N PHE C 567 21.36 24.44 26.49
CA PHE C 567 20.99 25.43 25.47
C PHE C 567 20.75 26.86 25.96
N GLY C 568 21.18 27.15 27.18
CA GLY C 568 21.01 28.49 27.71
C GLY C 568 19.57 28.95 27.84
N PRO C 569 19.36 30.27 28.00
CA PRO C 569 18.07 30.94 28.15
C PRO C 569 17.28 30.98 26.87
N LEU C 570 16.76 29.84 26.46
CA LEU C 570 15.99 29.77 25.22
C LEU C 570 14.74 30.64 25.30
N ASP C 571 14.52 31.29 26.44
CA ASP C 571 13.34 32.13 26.62
C ASP C 571 13.58 33.61 26.30
N SER C 572 14.83 33.98 26.04
CA SER C 572 15.15 35.35 25.70
C SER C 572 15.14 35.48 24.19
N LEU C 573 14.83 34.35 23.54
CA LEU C 573 14.77 34.28 22.08
C LEU C 573 13.39 34.69 21.59
N ASN C 574 13.34 35.54 20.57
CA ASN C 574 12.05 35.94 20.02
C ASN C 574 11.46 34.65 19.43
N THR C 575 10.14 34.54 19.53
CA THR C 575 9.43 33.37 19.05
C THR C 575 9.90 32.85 17.70
N ARG C 576 10.05 33.72 16.71
CA ARG C 576 10.48 33.29 15.37
C ARG C 576 11.75 32.44 15.39
N LEU C 577 12.82 32.97 15.98
CA LEU C 577 14.07 32.22 16.06
C LEU C 577 13.87 30.94 16.85
N PHE C 578 13.05 31.04 17.90
CA PHE C 578 12.76 29.91 18.74
C PHE C 578 12.08 28.75 17.97
N LEU C 579 11.11 29.10 17.15
CA LEU C 579 10.37 28.10 16.39
C LEU C 579 11.05 27.63 15.12
N GLN C 580 11.19 28.58 14.19
CA GLN C 580 11.77 28.38 12.85
C GLN C 580 13.30 28.32 12.81
N GLY C 581 13.95 28.88 13.83
CA GLY C 581 15.41 28.88 13.83
C GLY C 581 15.87 30.05 12.97
N PRO C 582 17.18 30.38 12.96
CA PRO C 582 17.73 31.50 12.17
C PRO C 582 17.89 31.26 10.68
N LYS C 583 17.87 32.35 9.91
CA LYS C 583 18.03 32.22 8.48
C LYS C 583 19.44 32.61 8.06
N ILE C 584 20.07 31.68 7.35
CA ILE C 584 21.43 31.79 6.84
C ILE C 584 21.68 33.15 6.21
N ALA C 585 22.63 33.90 6.78
CA ALA C 585 23.02 35.22 6.31
C ALA C 585 22.22 36.33 6.94
N GLU C 586 21.05 35.99 7.46
CA GLU C 586 20.18 36.97 8.09
C GLU C 586 20.70 37.46 9.43
N GLU C 587 20.99 38.75 9.47
CA GLU C 587 21.49 39.41 10.65
C GLU C 587 20.33 39.41 11.66
N PHE C 588 20.66 39.32 12.93
CA PHE C 588 19.66 39.33 13.98
C PHE C 588 20.36 39.50 15.32
N GLU C 589 19.57 39.83 16.34
CA GLU C 589 20.09 40.02 17.68
C GLU C 589 19.16 39.45 18.75
N VAL C 590 19.73 39.16 19.91
CA VAL C 590 18.95 38.65 21.02
C VAL C 590 19.45 39.32 22.29
N GLU C 591 18.51 39.77 23.11
CA GLU C 591 18.87 40.40 24.37
C GLU C 591 18.99 39.35 25.46
N LEU C 592 20.23 38.98 25.72
CA LEU C 592 20.56 38.03 26.75
C LEU C 592 20.83 38.95 27.93
N GLU C 593 20.13 38.73 29.03
CA GLU C 593 20.31 39.58 30.19
C GLU C 593 19.87 41.00 29.78
N ARG C 594 20.78 41.95 29.92
CA ARG C 594 20.46 43.32 29.57
C ARG C 594 21.71 44.07 29.05
N GLY C 595 22.87 43.64 29.53
CA GLY C 595 24.11 44.27 29.14
C GLY C 595 24.54 43.86 27.75
N LYS C 596 24.05 42.70 27.31
CA LYS C 596 24.39 42.19 25.98
C LYS C 596 23.24 42.34 24.99
N THR C 597 23.58 42.55 23.72
CA THR C 597 22.59 42.70 22.67
C THR C 597 22.75 41.55 21.67
N LEU C 598 23.97 41.03 21.59
CA LEU C 598 24.28 39.91 20.70
C LEU C 598 23.74 40.04 19.28
N HIS C 599 24.59 40.49 18.37
CA HIS C 599 24.22 40.62 16.96
C HIS C 599 24.82 39.43 16.21
N ILE C 600 23.93 38.53 15.79
CA ILE C 600 24.36 37.34 15.10
C ILE C 600 23.85 37.30 13.67
N LYS C 601 24.54 36.52 12.87
CA LYS C 601 24.20 36.32 11.49
C LYS C 601 24.66 34.89 11.28
N ALA C 602 23.81 34.08 10.67
CA ALA C 602 24.19 32.71 10.42
C ALA C 602 25.23 32.67 9.32
N LEU C 603 24.94 31.90 8.27
CA LEU C 603 25.84 31.74 7.12
C LEU C 603 26.98 30.75 7.29
N ALA C 604 26.76 29.55 6.73
CA ALA C 604 27.69 28.41 6.72
C ALA C 604 27.32 27.24 7.61
N VAL C 605 27.02 26.13 6.96
CA VAL C 605 26.64 24.86 7.58
C VAL C 605 26.88 23.97 6.38
N SER C 606 27.20 22.68 6.55
CA SER C 606 27.44 21.81 5.37
C SER C 606 28.35 20.63 5.58
N ASP C 607 29.04 20.61 6.71
CA ASP C 607 29.99 19.57 7.07
C ASP C 607 29.29 18.22 7.19
N LEU C 608 28.33 18.03 6.28
CA LEU C 608 27.50 16.85 6.15
C LEU C 608 27.97 15.56 6.81
N ASN C 609 29.28 15.28 6.76
CA ASN C 609 29.80 14.01 7.31
C ASN C 609 30.74 13.99 8.54
N ARG C 610 31.14 15.16 9.02
CA ARG C 610 32.04 15.23 10.17
C ARG C 610 31.72 14.21 11.28
N ALA C 611 32.22 12.99 11.12
CA ALA C 611 32.02 11.92 12.09
C ALA C 611 30.54 11.72 12.40
N GLY C 612 29.71 11.78 11.37
CA GLY C 612 28.28 11.63 11.56
C GLY C 612 27.65 12.89 12.17
N GLN C 613 28.13 14.07 11.74
CA GLN C 613 27.62 15.38 12.22
C GLN C 613 27.47 16.47 11.14
N ARG C 614 28.02 17.65 11.45
CA ARG C 614 27.97 18.85 10.61
C ARG C 614 28.46 20.03 11.43
N GLN C 615 28.73 21.15 10.77
CA GLN C 615 29.18 22.31 11.52
C GLN C 615 28.75 23.65 10.93
N VAL C 616 28.12 24.46 11.77
CA VAL C 616 27.61 25.76 11.35
C VAL C 616 28.45 26.86 11.94
N ALA C 617 28.44 28.03 11.28
CA ALA C 617 29.23 29.16 11.75
C ALA C 617 28.44 30.46 11.86
N PHE C 618 28.65 31.20 12.94
CA PHE C 618 27.98 32.47 13.16
C PHE C 618 28.99 33.61 13.23
N GLU C 619 28.53 34.83 12.96
CA GLU C 619 29.41 35.99 13.00
C GLU C 619 28.99 36.84 14.18
N LEU C 620 29.08 36.22 15.36
CA LEU C 620 28.72 36.85 16.63
C LEU C 620 29.41 38.17 16.97
N ASN C 621 28.67 39.26 16.84
CA ASN C 621 29.20 40.60 17.11
C ASN C 621 30.46 40.87 16.30
N GLY C 622 31.41 41.58 16.89
CA GLY C 622 32.63 41.89 16.17
C GLY C 622 33.34 40.67 15.61
N GLN C 623 33.23 39.55 16.30
CA GLN C 623 33.90 38.35 15.86
C GLN C 623 33.00 37.36 15.15
N LEU C 624 33.46 36.11 15.15
CA LEU C 624 32.75 35.05 14.49
C LEU C 624 33.28 33.74 15.05
N ARG C 625 32.42 32.71 15.07
CA ARG C 625 32.80 31.42 15.60
C ARG C 625 31.86 30.36 15.07
N SER C 626 32.16 29.09 15.32
CA SER C 626 31.27 28.04 14.84
C SER C 626 31.01 26.91 15.86
N ILE C 627 29.79 26.42 15.90
CA ILE C 627 29.44 25.34 16.80
C ILE C 627 29.23 24.09 15.92
N LEU C 628 29.33 22.92 16.50
CA LEU C 628 29.18 21.72 15.70
C LEU C 628 27.88 21.07 16.11
N VAL C 629 27.10 20.63 15.13
CA VAL C 629 25.83 20.00 15.42
C VAL C 629 25.83 18.54 14.96
N LYS C 630 24.72 17.84 15.23
CA LYS C 630 24.56 16.45 14.85
C LYS C 630 23.32 16.41 13.95
N ASP C 631 23.52 16.05 12.69
CA ASP C 631 22.43 16.01 11.71
C ASP C 631 21.28 15.06 12.02
N THR C 632 21.48 14.18 13.00
CA THR C 632 20.44 13.23 13.38
C THR C 632 19.90 12.64 12.08
N GLN C 633 20.81 12.46 11.12
CA GLN C 633 20.48 11.92 9.80
C GLN C 633 19.07 12.38 9.37
N ALA C 634 18.84 13.68 9.52
CA ALA C 634 17.57 14.36 9.17
C ALA C 634 17.19 14.17 7.70
N GLN D 34 -24.66 13.10 -26.89
CA GLN D 34 -24.97 14.25 -26.03
C GLN D 34 -23.93 15.35 -26.21
N ASN D 35 -24.39 16.51 -26.68
CA ASN D 35 -23.50 17.62 -26.88
C ASN D 35 -23.32 18.27 -25.51
N ARG D 36 -24.39 18.24 -24.71
CA ARG D 36 -24.31 18.81 -23.35
C ARG D 36 -23.12 18.11 -22.70
N ALA D 37 -23.14 16.78 -22.76
CA ALA D 37 -22.09 15.94 -22.19
C ALA D 37 -20.69 16.41 -22.56
N GLN D 38 -20.26 16.06 -23.76
CA GLN D 38 -18.92 16.40 -24.27
C GLN D 38 -18.47 17.85 -24.06
N LYS D 39 -19.43 18.77 -23.98
CA LYS D 39 -19.09 20.16 -23.75
C LYS D 39 -18.39 20.31 -22.40
N LEU D 40 -18.92 19.62 -21.40
CA LEU D 40 -18.35 19.64 -20.04
C LEU D 40 -17.03 18.87 -19.99
N LEU D 41 -17.01 17.68 -20.58
CA LEU D 41 -15.80 16.85 -20.63
C LEU D 41 -14.63 17.70 -21.09
N HIS D 42 -14.81 18.37 -22.22
CA HIS D 42 -13.80 19.24 -22.79
C HIS D 42 -13.34 20.17 -21.67
N TYR D 43 -14.30 20.74 -20.94
CA TYR D 43 -14.02 21.65 -19.83
C TYR D 43 -13.22 21.00 -18.72
N LEU D 44 -13.72 19.85 -18.26
CA LEU D 44 -13.05 19.12 -17.20
C LEU D 44 -11.64 18.79 -17.65
N GLY D 45 -11.52 18.29 -18.89
CA GLY D 45 -10.23 17.95 -19.43
C GLY D 45 -9.31 19.15 -19.40
N HIS D 46 -9.83 20.27 -19.91
CA HIS D 46 -9.11 21.54 -19.97
C HIS D 46 -8.59 22.05 -18.62
N VAL D 47 -9.43 21.96 -17.59
CA VAL D 47 -9.05 22.38 -16.25
C VAL D 47 -7.90 21.46 -15.86
N MET D 48 -8.02 20.21 -16.28
CA MET D 48 -7.00 19.22 -15.99
C MET D 48 -5.69 19.63 -16.59
N VAL D 49 -5.72 19.85 -17.89
CA VAL D 49 -4.52 20.24 -18.60
C VAL D 49 -3.98 21.61 -18.24
N ASN D 50 -4.83 22.62 -18.23
CA ASN D 50 -4.38 23.98 -17.96
C ASN D 50 -4.58 24.56 -16.56
N GLY D 51 -5.38 23.87 -15.75
CA GLY D 51 -5.62 24.35 -14.39
C GLY D 51 -6.82 25.26 -14.28
N PRO D 52 -7.07 25.84 -13.08
CA PRO D 52 -8.17 26.74 -12.72
C PRO D 52 -8.48 27.83 -13.75
N THR D 53 -9.77 28.01 -14.03
CA THR D 53 -10.26 28.98 -15.02
C THR D 53 -10.56 30.37 -14.44
N THR D 54 -11.11 30.40 -13.23
CA THR D 54 -11.44 31.64 -12.53
C THR D 54 -10.32 31.88 -11.55
N PRO D 55 -10.02 33.14 -11.25
CA PRO D 55 -8.94 33.44 -10.31
C PRO D 55 -9.11 32.78 -8.95
N ILE D 56 -7.98 32.40 -8.35
CA ILE D 56 -7.96 31.76 -7.04
C ILE D 56 -6.98 32.53 -6.18
N PRO D 57 -7.49 33.51 -5.43
CA PRO D 57 -6.73 34.39 -4.52
C PRO D 57 -5.86 33.67 -3.51
N VAL D 58 -6.41 32.59 -2.94
CA VAL D 58 -5.68 31.83 -1.94
C VAL D 58 -5.38 30.46 -2.52
N LYS D 59 -4.11 30.08 -2.50
CA LYS D 59 -3.72 28.80 -3.04
C LYS D 59 -4.17 27.68 -2.11
N ALA D 60 -5.34 27.11 -2.41
CA ALA D 60 -5.92 26.03 -1.60
C ALA D 60 -6.93 25.22 -2.38
N SER D 61 -6.86 23.89 -2.27
CA SER D 61 -7.78 23.00 -2.96
C SER D 61 -9.07 22.84 -2.17
N PRO D 62 -10.19 22.64 -2.88
CA PRO D 62 -11.47 22.48 -2.20
C PRO D 62 -11.48 21.22 -1.32
N SER D 63 -12.11 21.34 -0.16
CA SER D 63 -12.22 20.24 0.78
C SER D 63 -12.60 18.95 0.04
N PRO D 64 -11.97 17.83 0.41
CA PRO D 64 -12.27 16.55 -0.25
C PRO D 64 -13.56 15.98 0.30
N THR D 65 -13.99 16.56 1.42
CA THR D 65 -15.21 16.15 2.11
C THR D 65 -16.40 16.87 1.50
N ASP D 66 -17.55 16.21 1.46
CA ASP D 66 -18.74 16.81 0.89
C ASP D 66 -19.74 17.26 1.95
N PRO D 67 -20.28 18.48 1.81
CA PRO D 67 -21.26 18.98 2.78
C PRO D 67 -22.39 18.00 3.08
N VAL D 68 -22.72 17.89 4.37
CA VAL D 68 -23.78 17.00 4.83
C VAL D 68 -25.15 17.58 4.65
N VAL D 69 -25.89 16.99 3.72
CA VAL D 69 -27.24 17.45 3.44
C VAL D 69 -28.22 16.63 4.26
N PRO D 70 -28.84 17.25 5.27
CA PRO D 70 -29.81 16.62 6.17
C PRO D 70 -30.91 15.95 5.39
N ALA D 71 -31.79 15.28 6.10
CA ALA D 71 -32.90 14.61 5.45
C ALA D 71 -34.09 15.58 5.41
N VAL D 72 -34.96 15.39 4.41
CA VAL D 72 -36.16 16.20 4.27
C VAL D 72 -37.31 15.31 3.83
N PRO D 73 -38.49 15.49 4.46
CA PRO D 73 -39.62 14.67 4.08
C PRO D 73 -39.98 14.88 2.62
N ILE D 74 -40.58 13.86 2.03
CA ILE D 74 -41.00 13.98 0.64
C ILE D 74 -42.26 14.81 0.66
N GLY D 75 -42.56 15.47 -0.46
CA GLY D 75 -43.75 16.27 -0.53
C GLY D 75 -43.46 17.70 -0.13
N PRO D 76 -44.46 18.58 -0.27
CA PRO D 76 -44.48 20.02 0.03
C PRO D 76 -44.08 20.52 1.40
N PRO D 77 -43.48 21.73 1.45
CA PRO D 77 -43.03 22.39 2.68
C PRO D 77 -44.21 22.76 3.56
N PRO D 78 -43.93 23.07 4.84
CA PRO D 78 -44.95 23.46 5.81
C PRO D 78 -45.64 24.75 5.46
N ALA D 79 -45.07 25.51 4.53
CA ALA D 79 -45.66 26.79 4.12
C ALA D 79 -45.47 27.93 5.14
N GLY D 80 -44.82 28.99 4.68
CA GLY D 80 -44.55 30.14 5.53
C GLY D 80 -45.13 31.44 4.98
N PHE D 81 -44.36 32.50 5.10
CA PHE D 81 -44.81 33.82 4.67
C PHE D 81 -45.05 34.04 3.18
N ARG D 82 -44.21 33.48 2.32
CA ARG D 82 -44.43 33.65 0.90
C ARG D 82 -45.89 33.32 0.62
N ASP D 83 -46.43 32.33 1.34
CA ASP D 83 -47.81 31.91 1.17
C ASP D 83 -48.80 33.01 1.51
N ILE D 84 -48.64 33.62 2.69
CA ILE D 84 -49.49 34.71 3.12
C ILE D 84 -49.37 35.83 2.08
N LEU D 85 -48.14 36.26 1.83
CA LEU D 85 -47.87 37.31 0.84
C LEU D 85 -48.85 37.20 -0.33
N LEU D 86 -48.68 36.13 -1.10
CA LEU D 86 -49.52 35.86 -2.25
C LEU D 86 -51.00 35.97 -1.96
N ARG D 87 -51.43 35.36 -0.86
CA ARG D 87 -52.83 35.35 -0.46
C ARG D 87 -53.38 36.71 -0.08
N GLU D 88 -52.52 37.71 0.12
CA GLU D 88 -53.00 39.05 0.51
C GLU D 88 -52.18 40.27 0.07
N GLY D 89 -51.17 40.04 -0.76
CA GLY D 89 -50.37 41.15 -1.21
C GLY D 89 -49.45 41.64 -0.12
N PRO D 90 -48.54 42.56 -0.47
CA PRO D 90 -47.56 43.14 0.45
C PRO D 90 -48.28 43.91 1.54
N GLU D 91 -49.57 44.08 1.33
CA GLU D 91 -50.41 44.78 2.27
C GLU D 91 -50.58 43.88 3.49
N GLY D 92 -51.36 42.82 3.31
CA GLY D 92 -51.60 41.90 4.40
C GLY D 92 -50.28 41.45 4.98
N PHE D 93 -49.28 41.29 4.10
CA PHE D 93 -47.95 40.85 4.50
C PHE D 93 -47.39 41.70 5.63
N ALA D 94 -47.16 42.97 5.33
CA ALA D 94 -46.64 43.89 6.32
C ALA D 94 -47.39 43.77 7.64
N ARG D 95 -48.71 43.64 7.58
CA ARG D 95 -49.51 43.50 8.80
C ARG D 95 -49.10 42.25 9.55
N ALA D 96 -49.17 41.12 8.87
CA ALA D 96 -48.78 39.85 9.47
C ALA D 96 -47.40 39.98 10.09
N VAL D 97 -46.47 40.59 9.35
CA VAL D 97 -45.13 40.74 9.87
C VAL D 97 -45.19 41.57 11.12
N ARG D 98 -45.88 42.69 11.04
CA ARG D 98 -45.99 43.61 12.17
C ARG D 98 -46.77 43.02 13.34
N ASN D 99 -47.69 42.12 13.06
CA ASN D 99 -48.49 41.52 14.11
C ASN D 99 -47.98 40.16 14.58
N HIS D 100 -46.79 39.79 14.16
CA HIS D 100 -46.21 38.52 14.57
C HIS D 100 -45.54 38.71 15.92
N PRO D 101 -45.88 37.85 16.89
CA PRO D 101 -45.34 37.85 18.26
C PRO D 101 -43.82 37.78 18.40
N GLY D 102 -43.25 36.63 18.07
CA GLY D 102 -41.81 36.51 18.22
C GLY D 102 -41.05 37.36 17.23
N LEU D 103 -39.74 37.30 17.35
CA LEU D 103 -38.86 38.03 16.46
C LEU D 103 -38.79 37.27 15.16
N LEU D 104 -38.74 38.00 14.06
CA LEU D 104 -38.63 37.34 12.78
C LEU D 104 -37.21 37.54 12.34
N LEU D 105 -36.75 36.67 11.45
CA LEU D 105 -35.40 36.77 10.96
C LEU D 105 -35.37 36.70 9.44
N MET D 106 -34.18 36.85 8.89
CA MET D 106 -33.95 36.75 7.46
C MET D 106 -32.61 36.06 7.29
N ASP D 107 -32.49 35.21 6.29
CA ASP D 107 -31.26 34.50 6.06
C ASP D 107 -30.43 35.14 4.97
N THR D 108 -29.30 35.70 5.38
CA THR D 108 -28.39 36.33 4.44
C THR D 108 -27.31 35.34 4.04
N THR D 109 -27.42 34.11 4.53
CA THR D 109 -26.44 33.08 4.21
C THR D 109 -26.34 32.83 2.71
N PHE D 110 -27.44 33.02 1.98
CA PHE D 110 -27.46 32.81 0.54
C PHE D 110 -26.97 33.99 -0.28
N ARG D 111 -26.69 35.13 0.37
CA ARG D 111 -26.21 36.35 -0.28
C ARG D 111 -25.11 37.11 0.46
N ASP D 112 -25.50 37.90 1.45
CA ASP D 112 -24.56 38.72 2.20
C ASP D 112 -23.56 37.95 3.06
N ALA D 113 -23.94 36.78 3.56
CA ALA D 113 -23.02 36.03 4.40
C ALA D 113 -21.75 35.62 3.65
N HIS D 114 -21.90 35.01 2.49
CA HIS D 114 -20.72 34.59 1.74
C HIS D 114 -20.12 35.73 0.95
N GLN D 115 -20.92 36.75 0.70
CA GLN D 115 -20.42 37.88 -0.04
C GLN D 115 -19.39 38.57 0.82
N SER D 116 -19.55 38.42 2.13
CA SER D 116 -18.64 39.04 3.08
C SER D 116 -17.48 38.12 3.48
N LEU D 117 -17.72 36.82 3.47
CA LEU D 117 -16.68 35.88 3.88
C LEU D 117 -15.99 35.11 2.76
N LEU D 118 -16.70 34.85 1.66
CA LEU D 118 -16.13 34.08 0.57
C LEU D 118 -16.06 34.75 -0.78
N ALA D 119 -15.87 36.06 -0.77
CA ALA D 119 -15.78 36.78 -2.02
C ALA D 119 -17.00 36.49 -2.89
N THR D 120 -18.18 36.47 -2.30
CA THR D 120 -19.41 36.23 -3.05
C THR D 120 -19.23 35.08 -4.04
N ARG D 121 -18.39 34.11 -3.72
CA ARG D 121 -18.16 33.02 -4.66
C ARG D 121 -19.05 31.78 -4.61
N VAL D 122 -20.07 31.74 -3.76
CA VAL D 122 -20.92 30.55 -3.68
C VAL D 122 -21.76 30.33 -4.94
N ARG D 123 -21.72 29.09 -5.43
CA ARG D 123 -22.41 28.68 -6.65
C ARG D 123 -23.80 28.09 -6.47
N THR D 124 -24.63 28.31 -7.48
CA THR D 124 -26.00 27.83 -7.46
C THR D 124 -26.07 26.39 -7.00
N HIS D 125 -25.16 25.57 -7.52
CA HIS D 125 -25.12 24.15 -7.19
C HIS D 125 -25.28 23.88 -5.71
N ASP D 126 -24.42 24.51 -4.92
CA ASP D 126 -24.44 24.33 -3.47
C ASP D 126 -25.63 24.99 -2.76
N LEU D 127 -26.23 26.00 -3.42
CA LEU D 127 -27.39 26.70 -2.87
C LEU D 127 -28.63 25.85 -3.13
N LYS D 128 -28.60 25.09 -4.21
CA LYS D 128 -29.72 24.23 -4.57
C LYS D 128 -29.79 23.04 -3.63
N LYS D 129 -28.62 22.61 -3.17
CA LYS D 129 -28.51 21.47 -2.28
C LYS D 129 -29.28 21.59 -0.98
N ILE D 130 -29.01 22.64 -0.23
CA ILE D 130 -29.68 22.82 1.03
C ILE D 130 -31.04 23.50 0.88
N ALA D 131 -31.40 23.90 -0.33
CA ALA D 131 -32.68 24.55 -0.56
C ALA D 131 -33.87 23.77 -0.03
N PRO D 132 -33.99 22.49 -0.41
CA PRO D 132 -35.12 21.68 0.05
C PRO D 132 -35.19 21.61 1.56
N TYR D 133 -34.04 21.66 2.22
CA TYR D 133 -34.01 21.63 3.67
C TYR D 133 -34.63 22.89 4.23
N VAL D 134 -34.19 24.02 3.69
CA VAL D 134 -34.69 25.30 4.12
C VAL D 134 -36.20 25.39 3.99
N ALA D 135 -36.69 25.15 2.78
CA ALA D 135 -38.11 25.19 2.53
C ALA D 135 -38.89 24.42 3.58
N HIS D 136 -38.36 23.28 3.98
CA HIS D 136 -39.01 22.43 4.98
C HIS D 136 -38.81 22.83 6.43
N ASN D 137 -37.62 23.28 6.79
CA ASN D 137 -37.38 23.63 8.16
C ASN D 137 -37.62 25.06 8.56
N PHE D 138 -37.30 25.99 7.68
CA PHE D 138 -37.47 27.38 8.02
C PHE D 138 -38.65 28.06 7.33
N SER D 139 -39.87 27.63 7.63
CA SER D 139 -41.06 28.24 7.04
C SER D 139 -41.38 29.56 7.78
N LYS D 140 -41.21 29.55 9.09
CA LYS D 140 -41.48 30.70 9.94
C LYS D 140 -40.68 31.93 9.50
N LEU D 141 -39.77 31.70 8.57
CA LEU D 141 -38.89 32.74 8.07
C LEU D 141 -39.56 33.94 7.42
N PHE D 142 -39.08 35.14 7.74
CA PHE D 142 -39.61 36.37 7.16
C PHE D 142 -39.35 36.38 5.65
N SER D 143 -38.08 36.36 5.28
CA SER D 143 -37.67 36.34 3.88
C SER D 143 -36.35 35.59 3.86
N MET D 144 -35.77 35.49 2.68
CA MET D 144 -34.52 34.77 2.55
C MET D 144 -33.65 35.56 1.60
N GLU D 145 -32.55 36.14 2.07
CA GLU D 145 -31.72 36.88 1.14
C GLU D 145 -30.88 35.87 0.39
N ASN D 146 -30.97 35.92 -0.93
CA ASN D 146 -30.26 34.98 -1.76
C ASN D 146 -29.99 35.53 -3.14
N TRP D 147 -30.31 36.80 -3.36
CA TRP D 147 -30.09 37.38 -4.67
C TRP D 147 -29.68 38.84 -4.56
N GLY D 148 -29.41 39.46 -5.71
CA GLY D 148 -29.01 40.86 -5.72
C GLY D 148 -27.60 41.04 -5.18
N GLY D 149 -27.24 42.25 -4.81
CA GLY D 149 -25.90 42.49 -4.31
C GLY D 149 -24.91 42.19 -5.41
N ALA D 150 -23.71 41.75 -5.02
CA ALA D 150 -22.65 41.44 -5.96
C ALA D 150 -22.98 40.23 -6.82
N THR D 151 -23.66 39.26 -6.24
CA THR D 151 -24.02 38.04 -6.95
C THR D 151 -24.30 38.14 -8.45
N PHE D 152 -25.21 39.03 -8.87
CA PHE D 152 -25.51 39.16 -10.30
C PHE D 152 -24.27 39.35 -11.18
N ASP D 153 -23.30 40.09 -10.66
CA ASP D 153 -22.04 40.36 -11.36
C ASP D 153 -21.14 39.12 -11.33
N VAL D 154 -20.79 38.70 -10.13
CA VAL D 154 -19.93 37.55 -9.92
C VAL D 154 -20.42 36.28 -10.63
N ALA D 155 -21.73 36.10 -10.71
CA ALA D 155 -22.31 34.91 -11.33
C ALA D 155 -21.85 34.70 -12.76
N MET D 156 -21.50 35.79 -13.46
CA MET D 156 -21.06 35.68 -14.85
C MET D 156 -19.58 35.96 -14.94
N ARG D 157 -19.13 36.97 -14.21
CA ARG D 157 -17.72 37.33 -14.22
C ARG D 157 -16.77 36.26 -13.66
N PHE D 158 -17.24 35.45 -12.71
CA PHE D 158 -16.33 34.45 -12.13
C PHE D 158 -16.82 33.00 -12.03
N LEU D 159 -18.12 32.80 -11.81
CA LEU D 159 -18.67 31.47 -11.65
C LEU D 159 -19.20 30.93 -12.97
N TYR D 160 -19.39 31.82 -13.92
CA TYR D 160 -19.89 31.45 -15.25
C TYR D 160 -21.26 30.79 -15.25
N GLU D 161 -22.13 31.22 -14.33
CA GLU D 161 -23.50 30.70 -14.22
C GLU D 161 -24.44 31.85 -14.53
N CYS D 162 -25.71 31.56 -14.76
CA CYS D 162 -26.66 32.63 -15.03
C CYS D 162 -27.40 33.00 -13.75
N PRO D 163 -27.35 34.28 -13.34
CA PRO D 163 -28.02 34.78 -12.13
C PRO D 163 -29.52 34.56 -12.17
N TRP D 164 -30.09 34.56 -13.36
CA TRP D 164 -31.52 34.31 -13.47
C TRP D 164 -31.78 32.84 -13.18
N ARG D 165 -30.97 31.96 -13.75
CA ARG D 165 -31.12 30.53 -13.49
C ARG D 165 -31.16 30.29 -11.99
N ARG D 166 -30.15 30.82 -11.30
CA ARG D 166 -30.07 30.64 -9.87
C ARG D 166 -31.45 30.91 -9.29
N LEU D 167 -31.99 32.10 -9.55
CA LEU D 167 -33.29 32.49 -9.02
C LEU D 167 -34.37 31.44 -9.28
N GLN D 168 -34.61 31.19 -10.56
CA GLN D 168 -35.63 30.23 -10.98
C GLN D 168 -35.42 28.85 -10.37
N GLU D 169 -34.18 28.37 -10.36
CA GLU D 169 -33.86 27.06 -9.80
C GLU D 169 -34.20 26.93 -8.32
N LEU D 170 -33.98 28.01 -7.57
CA LEU D 170 -34.24 28.03 -6.14
C LEU D 170 -35.71 28.33 -5.82
N ARG D 171 -36.29 29.25 -6.58
CA ARG D 171 -37.69 29.63 -6.40
C ARG D 171 -38.45 28.33 -6.53
N GLU D 172 -37.93 27.47 -7.38
CA GLU D 172 -38.53 26.18 -7.66
C GLU D 172 -38.42 25.27 -6.43
N LEU D 173 -37.30 25.37 -5.72
CA LEU D 173 -37.04 24.55 -4.54
C LEU D 173 -37.58 25.07 -3.22
N ILE D 174 -37.93 26.36 -3.17
CA ILE D 174 -38.45 26.93 -1.93
C ILE D 174 -39.67 27.83 -2.17
N PRO D 175 -40.84 27.22 -2.43
CA PRO D 175 -42.08 27.95 -2.69
C PRO D 175 -42.79 28.57 -1.50
N ASN D 176 -42.33 28.24 -0.29
CA ASN D 176 -43.00 28.75 0.90
C ASN D 176 -42.32 29.91 1.61
N ILE D 177 -41.07 30.18 1.27
CA ILE D 177 -40.33 31.27 1.93
C ILE D 177 -40.02 32.44 1.00
N PRO D 178 -40.39 33.68 1.41
CA PRO D 178 -40.15 34.89 0.64
C PRO D 178 -38.71 35.11 0.21
N PHE D 179 -38.55 35.59 -1.01
CA PHE D 179 -37.25 35.85 -1.60
C PHE D 179 -36.92 37.32 -1.58
N GLN D 180 -35.83 37.67 -0.93
CA GLN D 180 -35.43 39.07 -0.85
C GLN D 180 -34.12 39.28 -1.59
N MET D 181 -33.92 40.51 -2.06
CA MET D 181 -32.71 40.88 -2.79
C MET D 181 -32.27 42.28 -2.40
N LEU D 182 -30.98 42.56 -2.54
CA LEU D 182 -30.45 43.88 -2.25
C LEU D 182 -30.42 44.64 -3.58
N LEU D 183 -31.41 45.50 -3.79
CA LEU D 183 -31.52 46.28 -5.02
C LEU D 183 -30.99 47.71 -4.78
N ARG D 184 -30.17 48.22 -5.69
CA ARG D 184 -29.66 49.57 -5.52
C ARG D 184 -30.56 50.53 -6.30
N GLY D 185 -31.32 51.35 -5.59
CA GLY D 185 -32.23 52.29 -6.24
C GLY D 185 -31.59 52.91 -7.44
N ALA D 186 -30.41 53.48 -7.21
CA ALA D 186 -29.62 54.13 -8.25
C ALA D 186 -29.56 53.32 -9.57
N ASN D 187 -29.00 52.11 -9.50
CA ASN D 187 -28.83 51.26 -10.68
C ASN D 187 -28.91 49.76 -10.41
N ALA D 188 -30.11 49.28 -10.04
CA ALA D 188 -30.38 47.87 -9.75
C ALA D 188 -29.21 47.03 -9.24
N VAL D 189 -28.64 46.21 -10.12
CA VAL D 189 -27.50 45.36 -9.79
C VAL D 189 -26.30 45.63 -10.71
N GLY D 190 -26.22 46.85 -11.21
CA GLY D 190 -25.15 47.21 -12.12
C GLY D 190 -24.08 48.04 -11.47
N TYR D 191 -23.27 48.70 -12.30
CA TYR D 191 -22.17 49.53 -11.79
C TYR D 191 -22.21 50.99 -12.24
N THR D 192 -23.07 51.31 -13.20
CA THR D 192 -23.20 52.68 -13.69
C THR D 192 -24.66 53.03 -13.97
N ASN D 193 -24.93 54.34 -14.09
CA ASN D 193 -26.26 54.82 -14.35
C ASN D 193 -26.83 54.17 -15.61
N TYR D 194 -28.06 53.69 -15.51
CA TYR D 194 -28.73 53.08 -16.65
C TYR D 194 -30.04 53.85 -16.74
N PRO D 195 -30.58 54.06 -17.95
CA PRO D 195 -31.84 54.79 -18.08
C PRO D 195 -32.93 54.17 -17.18
N ASP D 196 -33.72 55.02 -16.54
CA ASP D 196 -34.74 54.53 -15.65
C ASP D 196 -35.67 53.49 -16.28
N ASN D 197 -35.71 53.40 -17.62
CA ASN D 197 -36.61 52.43 -18.24
C ASN D 197 -36.18 50.99 -17.97
N VAL D 198 -34.93 50.82 -17.57
CA VAL D 198 -34.36 49.50 -17.27
C VAL D 198 -34.65 49.10 -15.82
N VAL D 199 -34.50 50.06 -14.90
CA VAL D 199 -34.76 49.80 -13.49
C VAL D 199 -36.17 49.23 -13.29
N PHE D 200 -37.12 49.70 -14.10
CA PHE D 200 -38.48 49.20 -13.98
C PHE D 200 -38.59 47.85 -14.66
N LYS D 201 -37.92 47.68 -15.78
CA LYS D 201 -37.98 46.42 -16.51
C LYS D 201 -37.21 45.32 -15.76
N PHE D 202 -36.20 45.71 -14.99
CA PHE D 202 -35.41 44.76 -14.22
C PHE D 202 -36.30 44.11 -13.17
N CYS D 203 -36.88 44.93 -12.31
CA CYS D 203 -37.75 44.46 -11.25
C CYS D 203 -39.00 43.80 -11.79
N GLU D 204 -39.39 44.16 -13.01
CA GLU D 204 -40.57 43.60 -13.61
C GLU D 204 -40.30 42.15 -13.88
N VAL D 205 -39.08 41.89 -14.34
CA VAL D 205 -38.62 40.54 -14.65
C VAL D 205 -38.28 39.77 -13.35
N ALA D 206 -37.46 40.39 -12.51
CA ALA D 206 -37.05 39.81 -11.25
C ALA D 206 -38.25 39.37 -10.45
N LYS D 207 -39.29 40.21 -10.47
CA LYS D 207 -40.55 39.95 -9.76
C LYS D 207 -41.29 38.72 -10.28
N GLU D 208 -41.40 38.59 -11.59
CA GLU D 208 -42.08 37.45 -12.17
C GLU D 208 -41.28 36.16 -11.98
N ASN D 209 -39.95 36.30 -12.06
CA ASN D 209 -39.05 35.17 -11.92
C ASN D 209 -39.06 34.59 -10.52
N GLY D 210 -39.61 35.33 -9.57
CA GLY D 210 -39.68 34.80 -8.22
C GLY D 210 -39.21 35.70 -7.10
N MET D 211 -38.80 36.92 -7.42
CA MET D 211 -38.35 37.83 -6.38
C MET D 211 -39.58 38.49 -5.75
N ASP D 212 -39.55 38.68 -4.43
CA ASP D 212 -40.66 39.27 -3.69
C ASP D 212 -40.30 40.56 -3.01
N VAL D 213 -39.48 40.46 -1.98
CA VAL D 213 -39.07 41.63 -1.24
C VAL D 213 -37.83 42.29 -1.83
N PHE D 214 -37.95 43.58 -2.15
CA PHE D 214 -36.86 44.35 -2.70
C PHE D 214 -36.35 45.31 -1.63
N ARG D 215 -35.09 45.16 -1.26
CA ARG D 215 -34.50 46.05 -0.29
C ARG D 215 -33.72 47.07 -1.13
N VAL D 216 -34.26 48.29 -1.24
CA VAL D 216 -33.67 49.37 -2.01
C VAL D 216 -32.82 50.29 -1.13
N PHE D 217 -31.60 50.58 -1.58
CA PHE D 217 -30.71 51.44 -0.80
C PHE D 217 -29.93 52.43 -1.68
N ASP D 218 -29.38 53.45 -1.04
CA ASP D 218 -28.57 54.44 -1.72
C ASP D 218 -27.40 54.68 -0.81
N SER D 219 -26.18 54.58 -1.35
CA SER D 219 -24.97 54.78 -0.58
C SER D 219 -24.85 56.13 0.12
N LEU D 220 -25.60 57.13 -0.34
CA LEU D 220 -25.56 58.48 0.26
C LEU D 220 -26.91 58.82 0.87
N ASN D 221 -27.86 57.90 0.70
CA ASN D 221 -29.22 58.08 1.18
C ASN D 221 -29.84 59.26 0.45
N TYR D 222 -29.42 59.38 -0.81
CA TYR D 222 -29.90 60.42 -1.70
C TYR D 222 -31.26 59.95 -2.24
N LEU D 223 -32.31 60.36 -1.54
CA LEU D 223 -33.69 60.00 -1.87
C LEU D 223 -34.08 59.82 -3.34
N PRO D 224 -33.70 60.77 -4.22
CA PRO D 224 -34.04 60.66 -5.64
C PRO D 224 -33.75 59.29 -6.20
N ASN D 225 -32.58 58.75 -5.85
CA ASN D 225 -32.22 57.42 -6.31
C ASN D 225 -33.03 56.39 -5.55
N MET D 226 -33.10 56.54 -4.23
CA MET D 226 -33.86 55.60 -3.41
C MET D 226 -35.32 55.46 -3.84
N LEU D 227 -35.92 56.57 -4.27
CA LEU D 227 -37.32 56.55 -4.69
C LEU D 227 -37.49 55.86 -6.04
N LEU D 228 -36.54 56.05 -6.93
CA LEU D 228 -36.61 55.41 -8.24
C LEU D 228 -36.70 53.92 -8.02
N GLY D 229 -35.82 53.40 -7.19
CA GLY D 229 -35.84 51.97 -6.91
C GLY D 229 -37.17 51.52 -6.32
N MET D 230 -37.61 52.24 -5.29
CA MET D 230 -38.86 51.93 -4.63
C MET D 230 -39.96 51.82 -5.69
N GLU D 231 -39.95 52.75 -6.64
CA GLU D 231 -40.92 52.78 -7.74
C GLU D 231 -40.93 51.46 -8.47
N ALA D 232 -39.83 51.20 -9.18
CA ALA D 232 -39.66 49.98 -9.97
C ALA D 232 -40.07 48.76 -9.15
N ALA D 233 -39.63 48.74 -7.90
CA ALA D 233 -39.95 47.63 -7.01
C ALA D 233 -41.45 47.61 -6.70
N GLY D 234 -41.99 48.77 -6.33
CA GLY D 234 -43.39 48.85 -6.01
C GLY D 234 -44.30 48.62 -7.20
N SER D 235 -43.96 49.23 -8.32
CA SER D 235 -44.76 49.09 -9.54
C SER D 235 -44.71 47.65 -9.96
N ALA D 236 -43.52 47.07 -9.90
CA ALA D 236 -43.33 45.67 -10.29
C ALA D 236 -44.35 44.79 -9.58
N GLY D 237 -44.89 45.29 -8.47
CA GLY D 237 -45.86 44.55 -7.70
C GLY D 237 -45.17 43.81 -6.58
N GLY D 238 -43.94 44.22 -6.27
CA GLY D 238 -43.18 43.56 -5.22
C GLY D 238 -43.33 44.29 -3.90
N VAL D 239 -42.72 43.73 -2.86
CA VAL D 239 -42.74 44.32 -1.52
C VAL D 239 -41.58 45.29 -1.44
N VAL D 240 -41.87 46.56 -1.18
CA VAL D 240 -40.81 47.52 -1.09
C VAL D 240 -40.30 47.58 0.32
N GLU D 241 -38.99 47.42 0.45
CA GLU D 241 -38.38 47.52 1.75
C GLU D 241 -37.28 48.57 1.65
N ALA D 242 -37.66 49.84 1.79
CA ALA D 242 -36.73 50.95 1.73
C ALA D 242 -35.66 50.79 2.81
N ALA D 243 -34.40 50.95 2.44
CA ALA D 243 -33.31 50.77 3.38
C ALA D 243 -32.52 52.03 3.61
N ILE D 244 -32.40 52.40 4.88
CA ILE D 244 -31.67 53.58 5.29
C ILE D 244 -30.29 53.12 5.76
N SER D 245 -29.25 53.74 5.20
CA SER D 245 -27.87 53.40 5.53
C SER D 245 -27.34 54.16 6.76
N TYR D 246 -26.90 53.40 7.76
CA TYR D 246 -26.43 53.92 9.05
C TYR D 246 -24.94 54.22 9.17
N THR D 247 -24.62 55.41 9.71
CA THR D 247 -23.25 55.90 9.97
C THR D 247 -23.16 56.50 11.38
N GLY D 248 -21.94 56.62 11.91
CA GLY D 248 -21.73 57.20 13.23
C GLY D 248 -22.35 56.48 14.40
N ASP D 249 -22.95 57.24 15.31
CA ASP D 249 -23.59 56.69 16.51
C ASP D 249 -24.63 57.68 17.03
N VAL D 250 -25.91 57.47 16.68
CA VAL D 250 -26.99 58.37 17.10
C VAL D 250 -27.10 58.55 18.61
N ALA D 251 -26.53 57.61 19.37
CA ALA D 251 -26.54 57.67 20.83
C ALA D 251 -25.57 58.76 21.31
N ASP D 252 -24.53 59.01 20.52
CA ASP D 252 -23.53 60.02 20.82
C ASP D 252 -23.95 61.37 20.24
N PRO D 253 -24.36 62.31 21.11
CA PRO D 253 -24.81 63.68 20.81
C PRO D 253 -23.73 64.58 20.16
N SER D 254 -22.47 64.19 20.33
CA SER D 254 -21.33 64.91 19.76
C SER D 254 -21.64 65.12 18.27
N ARG D 255 -21.47 64.05 17.50
CA ARG D 255 -21.72 64.12 16.06
C ARG D 255 -23.18 64.45 15.79
N THR D 256 -23.37 65.42 14.90
CA THR D 256 -24.71 65.87 14.57
C THR D 256 -25.10 65.84 13.09
N LYS D 257 -24.18 65.44 12.21
CA LYS D 257 -24.51 65.40 10.81
C LYS D 257 -25.61 64.39 10.56
N TYR D 258 -25.37 63.14 10.92
CA TYR D 258 -26.37 62.10 10.73
C TYR D 258 -26.98 61.78 12.09
N SER D 259 -27.56 62.81 12.70
CA SER D 259 -28.19 62.72 14.03
C SER D 259 -29.46 61.92 13.97
N LEU D 260 -29.99 61.57 15.13
CA LEU D 260 -31.21 60.79 15.20
C LEU D 260 -32.30 61.43 14.35
N GLN D 261 -32.42 62.73 14.50
CA GLN D 261 -33.43 63.48 13.79
C GLN D 261 -33.13 63.50 12.30
N TYR D 262 -31.94 63.04 11.94
CA TYR D 262 -31.55 62.97 10.53
C TYR D 262 -32.35 61.81 9.96
N TYR D 263 -32.09 60.64 10.51
CA TYR D 263 -32.77 59.44 10.08
C TYR D 263 -34.27 59.64 10.17
N MET D 264 -34.71 60.06 11.35
CA MET D 264 -36.12 60.29 11.61
C MET D 264 -36.84 61.02 10.47
N GLY D 265 -36.22 62.10 9.98
CA GLY D 265 -36.84 62.84 8.90
C GLY D 265 -36.89 61.99 7.65
N LEU D 266 -35.75 61.39 7.34
CA LEU D 266 -35.59 60.53 6.17
C LEU D 266 -36.69 59.48 6.15
N ALA D 267 -37.03 58.95 7.32
CA ALA D 267 -38.07 57.93 7.44
C ALA D 267 -39.39 58.46 6.90
N GLU D 268 -39.76 59.66 7.34
CA GLU D 268 -41.00 60.31 6.92
C GLU D 268 -41.12 60.29 5.41
N GLU D 269 -40.09 60.80 4.74
CA GLU D 269 -40.01 60.87 3.28
C GLU D 269 -40.25 59.51 2.67
N LEU D 270 -39.46 58.55 3.12
CA LEU D 270 -39.52 57.16 2.66
C LEU D 270 -40.88 56.54 2.93
N VAL D 271 -41.46 56.85 4.08
CA VAL D 271 -42.76 56.31 4.43
C VAL D 271 -43.86 56.95 3.57
N ARG D 272 -43.71 58.25 3.31
CA ARG D 272 -44.68 58.96 2.49
C ARG D 272 -44.55 58.46 1.07
N ALA D 273 -43.30 58.38 0.61
CA ALA D 273 -43.01 57.88 -0.73
C ALA D 273 -43.67 56.52 -0.87
N GLY D 274 -44.01 55.90 0.27
CA GLY D 274 -44.66 54.61 0.24
C GLY D 274 -43.74 53.41 0.24
N THR D 275 -43.59 52.80 1.40
CA THR D 275 -42.74 51.63 1.56
C THR D 275 -43.48 50.66 2.48
N HIS D 276 -43.46 49.39 2.12
CA HIS D 276 -44.16 48.41 2.92
C HIS D 276 -43.40 48.09 4.19
N ILE D 277 -42.09 47.96 4.05
CA ILE D 277 -41.27 47.65 5.19
C ILE D 277 -40.11 48.60 5.25
N LEU D 278 -39.69 48.96 6.45
CA LEU D 278 -38.56 49.87 6.58
C LEU D 278 -37.37 49.14 7.17
N CYS D 279 -36.23 49.27 6.50
CA CYS D 279 -35.01 48.62 6.95
C CYS D 279 -33.91 49.62 7.27
N ILE D 280 -33.03 49.22 8.18
CA ILE D 280 -31.90 50.04 8.58
C ILE D 280 -30.67 49.22 8.21
N LYS D 281 -29.95 49.68 7.19
CA LYS D 281 -28.77 48.97 6.71
C LYS D 281 -27.46 49.39 7.37
N ASP D 282 -27.14 48.80 8.52
CA ASP D 282 -25.88 49.10 9.18
C ASP D 282 -24.85 48.17 8.53
N MET D 283 -24.42 48.55 7.33
CA MET D 283 -23.45 47.77 6.58
C MET D 283 -22.08 47.72 7.20
N ALA D 284 -21.81 48.58 8.16
CA ALA D 284 -20.51 48.63 8.80
C ALA D 284 -20.50 48.03 10.20
N GLY D 285 -21.67 47.71 10.73
CA GLY D 285 -21.73 47.13 12.05
C GLY D 285 -21.35 48.15 13.10
N LEU D 286 -21.89 49.35 12.96
CA LEU D 286 -21.61 50.45 13.89
C LEU D 286 -22.72 50.65 14.92
N LEU D 287 -23.83 49.92 14.74
CA LEU D 287 -24.97 50.00 15.64
C LEU D 287 -24.66 49.41 17.01
N LYS D 288 -24.69 50.26 18.05
CA LYS D 288 -24.45 49.82 19.42
C LYS D 288 -25.82 49.60 20.04
N PRO D 289 -25.91 48.77 21.10
CA PRO D 289 -27.19 48.48 21.76
C PRO D 289 -27.94 49.75 22.18
N THR D 290 -27.23 50.63 22.87
CA THR D 290 -27.82 51.89 23.32
C THR D 290 -28.38 52.65 22.14
N ALA D 291 -27.51 52.96 21.19
CA ALA D 291 -27.92 53.66 19.98
C ALA D 291 -29.11 52.92 19.36
N CYS D 292 -29.08 51.59 19.46
CA CYS D 292 -30.17 50.77 18.92
C CYS D 292 -31.49 51.08 19.60
N THR D 293 -31.56 50.77 20.89
CA THR D 293 -32.76 51.01 21.68
C THR D 293 -33.36 52.36 21.30
N MET D 294 -32.52 53.39 21.26
CA MET D 294 -32.98 54.71 20.92
C MET D 294 -33.61 54.82 19.53
N LEU D 295 -32.83 54.51 18.51
CA LEU D 295 -33.29 54.59 17.13
C LEU D 295 -34.62 53.90 16.85
N VAL D 296 -34.67 52.62 17.16
CA VAL D 296 -35.85 51.82 16.94
C VAL D 296 -37.08 52.34 17.66
N SER D 297 -36.96 52.56 18.95
CA SER D 297 -38.09 53.04 19.74
C SER D 297 -38.70 54.31 19.12
N SER D 298 -37.90 55.37 18.99
CA SER D 298 -38.38 56.61 18.39
C SER D 298 -39.00 56.35 17.02
N LEU D 299 -38.62 55.24 16.41
CA LEU D 299 -39.16 54.85 15.12
C LEU D 299 -40.48 54.14 15.32
N ARG D 300 -40.51 53.23 16.29
CA ARG D 300 -41.72 52.49 16.62
C ARG D 300 -42.78 53.45 17.11
N ASP D 301 -42.34 54.47 17.85
CA ASP D 301 -43.24 55.49 18.38
C ASP D 301 -43.85 56.24 17.20
N ARG D 302 -43.01 56.85 16.39
CA ARG D 302 -43.50 57.60 15.23
C ARG D 302 -44.35 56.77 14.28
N PHE D 303 -43.97 55.51 14.06
CA PHE D 303 -44.74 54.66 13.17
C PHE D 303 -45.15 53.37 13.87
N PRO D 304 -46.15 53.47 14.75
CA PRO D 304 -46.70 52.36 15.54
C PRO D 304 -46.76 51.02 14.85
N ASP D 305 -47.30 50.99 13.64
CA ASP D 305 -47.44 49.72 12.97
C ASP D 305 -46.66 49.53 11.69
N LEU D 306 -45.51 50.18 11.61
CA LEU D 306 -44.64 50.04 10.44
C LEU D 306 -43.67 48.92 10.72
N PRO D 307 -43.52 47.99 9.77
CA PRO D 307 -42.59 46.87 9.94
C PRO D 307 -41.13 47.35 9.95
N LEU D 308 -40.37 46.91 10.94
CA LEU D 308 -38.98 47.32 11.05
C LEU D 308 -38.01 46.15 10.82
N HIS D 309 -37.02 46.35 9.96
CA HIS D 309 -36.04 45.32 9.61
C HIS D 309 -34.61 45.81 9.85
N ILE D 310 -33.81 45.07 10.61
CA ILE D 310 -32.46 45.50 10.92
C ILE D 310 -31.35 44.65 10.32
N HIS D 311 -30.39 45.30 9.68
CA HIS D 311 -29.28 44.60 9.08
C HIS D 311 -27.99 45.13 9.71
N THR D 312 -27.13 44.24 10.18
CA THR D 312 -25.84 44.65 10.78
C THR D 312 -24.75 43.65 10.46
N HIS D 313 -23.50 44.06 10.61
CA HIS D 313 -22.39 43.13 10.37
C HIS D 313 -21.66 43.02 11.70
N ASP D 314 -21.30 41.79 12.05
CA ASP D 314 -20.64 41.56 13.32
C ASP D 314 -19.22 42.08 13.43
N THR D 315 -18.83 42.96 12.51
CA THR D 315 -17.47 43.50 12.48
C THR D 315 -16.93 44.10 13.80
N SER D 316 -17.77 44.86 14.51
CA SER D 316 -17.38 45.50 15.77
C SER D 316 -17.24 44.50 16.89
N GLY D 317 -18.23 43.61 16.99
CA GLY D 317 -18.25 42.61 18.03
C GLY D 317 -19.60 42.62 18.74
N ALA D 318 -20.44 43.58 18.36
CA ALA D 318 -21.78 43.71 18.95
C ALA D 318 -22.76 42.83 18.17
N GLY D 319 -23.25 43.36 17.04
CA GLY D 319 -24.17 42.62 16.19
C GLY D 319 -25.30 41.90 16.90
N VAL D 320 -24.96 40.82 17.59
CA VAL D 320 -25.96 40.05 18.32
C VAL D 320 -26.54 40.94 19.40
N ALA D 321 -25.70 41.38 20.32
CA ALA D 321 -26.13 42.25 21.39
C ALA D 321 -26.96 43.37 20.77
N ALA D 322 -26.47 43.91 19.67
CA ALA D 322 -27.15 44.99 18.98
C ALA D 322 -28.55 44.55 18.61
N MET D 323 -28.63 43.58 17.69
CA MET D 323 -29.89 43.08 17.23
C MET D 323 -30.88 42.79 18.34
N LEU D 324 -30.38 42.21 19.43
CA LEU D 324 -31.23 41.89 20.58
C LEU D 324 -31.88 43.13 21.14
N ALA D 325 -31.14 44.24 21.13
CA ALA D 325 -31.65 45.48 21.64
C ALA D 325 -32.75 45.99 20.74
N CYS D 326 -32.56 45.85 19.43
CA CYS D 326 -33.52 46.29 18.42
C CYS D 326 -34.89 45.65 18.61
N ALA D 327 -34.87 44.34 18.83
CA ALA D 327 -36.11 43.60 19.06
C ALA D 327 -36.74 44.17 20.32
N GLN D 328 -35.98 44.14 21.40
CA GLN D 328 -36.41 44.67 22.68
C GLN D 328 -37.23 45.92 22.47
N ALA D 329 -36.68 46.84 21.67
CA ALA D 329 -37.30 48.13 21.38
C ALA D 329 -38.44 48.11 20.37
N GLY D 330 -38.79 46.94 19.86
CA GLY D 330 -39.89 46.86 18.92
C GLY D 330 -39.57 46.50 17.48
N ALA D 331 -38.33 46.13 17.22
CA ALA D 331 -37.93 45.74 15.87
C ALA D 331 -38.67 44.46 15.47
N ASP D 332 -39.19 44.44 14.26
CA ASP D 332 -39.95 43.29 13.77
C ASP D 332 -39.12 42.13 13.17
N VAL D 333 -38.00 42.45 12.53
CA VAL D 333 -37.13 41.46 11.90
C VAL D 333 -35.67 41.88 12.04
N VAL D 334 -34.75 40.93 11.87
CA VAL D 334 -33.31 41.18 11.95
C VAL D 334 -32.55 40.17 11.07
N ASP D 335 -31.54 40.64 10.34
CA ASP D 335 -30.76 39.76 9.47
C ASP D 335 -29.73 38.90 10.21
N VAL D 336 -29.71 37.61 9.87
CA VAL D 336 -28.76 36.64 10.45
C VAL D 336 -28.24 35.64 9.42
N ALA D 337 -27.14 35.01 9.75
CA ALA D 337 -26.54 34.04 8.87
C ALA D 337 -26.27 32.76 9.65
N ALA D 338 -26.16 31.66 8.93
CA ALA D 338 -25.87 30.37 9.53
C ALA D 338 -24.66 30.56 10.45
N ASP D 339 -24.58 29.82 11.53
CA ASP D 339 -23.45 29.96 12.44
C ASP D 339 -22.10 29.93 11.75
N SER D 340 -21.86 28.88 10.99
CA SER D 340 -20.60 28.66 10.29
C SER D 340 -20.26 29.74 9.26
N MET D 341 -21.24 30.57 8.95
CA MET D 341 -21.09 31.64 7.98
C MET D 341 -21.34 32.98 8.63
N SER D 342 -21.49 32.98 9.95
CA SER D 342 -21.75 34.21 10.68
C SER D 342 -20.48 34.67 11.34
N GLY D 343 -20.56 35.82 12.00
CA GLY D 343 -19.40 36.34 12.68
C GLY D 343 -18.59 37.26 11.82
N MET D 344 -17.63 37.93 12.42
CA MET D 344 -16.77 38.84 11.70
C MET D 344 -17.55 39.76 10.78
N THR D 345 -17.02 40.00 9.59
CA THR D 345 -17.68 40.89 8.62
C THR D 345 -19.04 40.41 8.06
N SER D 346 -19.51 39.28 8.56
CA SER D 346 -20.79 38.75 8.13
C SER D 346 -21.81 39.10 9.21
N GLN D 347 -23.04 38.61 9.06
CA GLN D 347 -24.09 38.89 10.04
C GLN D 347 -23.92 38.08 11.30
N PRO D 348 -24.63 38.47 12.36
CA PRO D 348 -24.55 37.74 13.63
C PRO D 348 -25.01 36.29 13.54
N SER D 349 -24.47 35.45 14.43
CA SER D 349 -24.79 34.03 14.50
C SER D 349 -26.30 33.80 14.66
N MET D 350 -26.94 33.25 13.63
CA MET D 350 -28.37 32.96 13.69
C MET D 350 -28.70 32.14 14.93
N GLY D 351 -27.83 31.19 15.24
CA GLY D 351 -28.01 30.32 16.39
C GLY D 351 -27.88 31.04 17.72
N ALA D 352 -27.07 32.08 17.77
CA ALA D 352 -26.90 32.86 18.99
C ALA D 352 -28.17 33.65 19.25
N LEU D 353 -28.75 34.18 18.17
CA LEU D 353 -29.99 34.96 18.26
C LEU D 353 -31.12 34.05 18.74
N VAL D 354 -31.36 33.01 17.97
CA VAL D 354 -32.40 32.05 18.29
C VAL D 354 -32.26 31.60 19.74
N ALA D 355 -31.05 31.27 20.17
CA ALA D 355 -30.81 30.80 21.53
C ALA D 355 -31.15 31.81 22.60
N CYS D 356 -30.59 33.00 22.49
CA CYS D 356 -30.81 34.06 23.48
C CYS D 356 -32.23 34.60 23.50
N THR D 357 -32.98 34.29 22.45
CA THR D 357 -34.32 34.80 22.33
C THR D 357 -35.40 33.84 22.78
N ARG D 358 -35.09 32.53 22.85
CA ARG D 358 -36.12 31.58 23.27
C ARG D 358 -36.42 31.73 24.75
N GLY D 359 -37.62 31.31 25.16
CA GLY D 359 -38.02 31.41 26.55
C GLY D 359 -38.61 32.77 26.88
N THR D 360 -38.42 33.71 25.96
CA THR D 360 -38.92 35.08 26.11
C THR D 360 -40.05 35.34 25.14
N PRO D 361 -40.67 36.53 25.25
CA PRO D 361 -41.79 36.91 24.37
C PRO D 361 -41.38 37.18 22.92
N LEU D 362 -40.08 37.16 22.66
CA LEU D 362 -39.56 37.42 21.32
C LEU D 362 -39.07 36.14 20.69
N ASP D 363 -39.42 35.03 21.33
CA ASP D 363 -39.02 33.72 20.84
C ASP D 363 -39.17 33.59 19.33
N THR D 364 -38.13 33.11 18.66
CA THR D 364 -38.16 32.93 17.22
C THR D 364 -38.95 31.66 16.88
N GLU D 365 -38.94 30.71 17.81
CA GLU D 365 -39.64 29.42 17.67
C GLU D 365 -38.93 28.48 16.71
N VAL D 366 -37.69 28.81 16.37
CA VAL D 366 -36.91 27.98 15.48
C VAL D 366 -36.11 26.90 16.24
N PRO D 367 -36.47 25.61 16.06
CA PRO D 367 -35.81 24.47 16.71
C PRO D 367 -34.30 24.51 16.61
N MET D 368 -33.63 24.67 17.74
CA MET D 368 -32.18 24.75 17.74
C MET D 368 -31.61 23.67 16.87
N GLU D 369 -32.25 22.51 16.92
CA GLU D 369 -31.82 21.35 16.15
C GLU D 369 -31.60 21.67 14.67
N ARG D 370 -32.54 22.42 14.10
CA ARG D 370 -32.48 22.80 12.69
C ARG D 370 -31.32 23.73 12.31
N VAL D 371 -31.06 24.74 13.14
CA VAL D 371 -29.96 25.66 12.86
C VAL D 371 -28.66 24.88 12.82
N PHE D 372 -28.59 23.83 13.65
CA PHE D 372 -27.42 22.95 13.75
C PHE D 372 -27.16 22.27 12.41
N ASP D 373 -28.13 21.49 11.94
CA ASP D 373 -27.99 20.80 10.67
C ASP D 373 -27.72 21.77 9.56
N TYR D 374 -28.30 22.96 9.66
CA TYR D 374 -28.10 23.96 8.62
C TYR D 374 -26.67 24.45 8.62
N SER D 375 -26.18 24.80 9.81
CA SER D 375 -24.81 25.27 9.95
C SER D 375 -23.85 24.13 9.62
N GLU D 376 -24.29 22.92 9.93
CA GLU D 376 -23.51 21.70 9.68
C GLU D 376 -23.20 21.61 8.18
N TYR D 377 -24.24 21.87 7.37
CA TYR D 377 -24.13 21.83 5.93
C TYR D 377 -23.14 22.86 5.43
N TRP D 378 -23.29 24.08 5.93
CA TRP D 378 -22.43 25.21 5.53
C TRP D 378 -20.98 25.14 5.97
N GLU D 379 -20.72 24.51 7.11
CA GLU D 379 -19.34 24.40 7.54
C GLU D 379 -18.62 23.58 6.49
N GLY D 380 -19.30 22.54 6.00
CA GLY D 380 -18.73 21.67 4.99
C GLY D 380 -18.71 22.33 3.63
N ALA D 381 -19.81 22.99 3.27
CA ALA D 381 -19.91 23.67 2.00
C ALA D 381 -18.80 24.69 1.91
N ARG D 382 -18.64 25.48 2.97
CA ARG D 382 -17.61 26.50 3.01
C ARG D 382 -16.20 25.90 2.82
N GLY D 383 -16.06 24.61 3.08
CA GLY D 383 -14.78 23.95 2.91
C GLY D 383 -14.38 23.82 1.45
N LEU D 384 -15.34 23.93 0.55
CA LEU D 384 -15.05 23.83 -0.87
C LEU D 384 -14.46 25.16 -1.31
N TYR D 385 -14.88 26.22 -0.65
CA TYR D 385 -14.41 27.55 -0.99
C TYR D 385 -13.20 27.91 -0.18
N ALA D 386 -12.31 26.93 0.01
CA ALA D 386 -11.10 27.17 0.79
C ALA D 386 -10.25 28.24 0.12
N ALA D 387 -10.35 28.35 -1.20
CA ALA D 387 -9.56 29.32 -1.99
C ALA D 387 -10.02 30.78 -1.89
N PHE D 388 -11.15 31.02 -1.22
CA PHE D 388 -11.67 32.38 -1.07
C PHE D 388 -12.01 32.70 0.37
N ASP D 389 -11.50 31.91 1.30
CA ASP D 389 -11.79 32.13 2.69
C ASP D 389 -10.94 33.25 3.30
N CYS D 390 -11.60 34.32 3.72
CA CYS D 390 -10.92 35.48 4.33
C CYS D 390 -10.22 35.04 5.61
N THR D 391 -10.67 33.90 6.12
CA THR D 391 -10.17 33.31 7.33
C THR D 391 -8.65 33.17 7.28
N ALA D 392 -8.13 33.16 6.06
CA ALA D 392 -6.70 33.02 5.83
C ALA D 392 -5.92 34.18 6.46
N THR D 393 -6.46 35.39 6.36
CA THR D 393 -5.79 36.53 6.94
C THR D 393 -6.52 37.01 8.19
N MET D 394 -7.85 36.98 8.15
CA MET D 394 -8.69 37.42 9.26
C MET D 394 -9.02 36.33 10.24
N LYS D 395 -8.52 36.45 11.45
CA LYS D 395 -8.81 35.43 12.43
C LYS D 395 -9.85 35.93 13.44
N SER D 396 -10.31 37.16 13.26
CA SER D 396 -11.34 37.72 14.15
C SER D 396 -11.82 39.07 13.71
N GLY D 397 -12.76 39.63 14.46
CA GLY D 397 -13.29 40.94 14.14
C GLY D 397 -12.34 42.08 14.52
N ASN D 398 -12.87 43.30 14.57
CA ASN D 398 -12.06 44.46 14.94
C ASN D 398 -12.91 45.70 15.26
N SER D 399 -12.91 46.08 16.54
CA SER D 399 -13.70 47.22 16.98
C SER D 399 -13.19 48.54 16.43
N ASP D 400 -12.05 48.53 15.75
CA ASP D 400 -11.53 49.77 15.20
C ASP D 400 -12.38 50.21 14.02
N VAL D 401 -13.46 49.48 13.77
CA VAL D 401 -14.38 49.81 12.69
C VAL D 401 -15.14 51.04 13.14
N TYR D 402 -15.21 51.21 14.45
CA TYR D 402 -15.90 52.34 15.07
C TYR D 402 -15.15 53.64 14.76
N GLU D 403 -14.00 53.52 14.11
CA GLU D 403 -13.20 54.69 13.78
C GLU D 403 -13.04 54.94 12.29
N ASN D 404 -12.82 53.88 11.52
CA ASN D 404 -12.65 53.99 10.09
C ASN D 404 -13.96 53.85 9.33
N GLU D 405 -14.97 53.30 9.97
CA GLU D 405 -16.26 53.15 9.32
C GLU D 405 -16.20 52.41 7.98
N ILE D 406 -15.29 51.44 7.87
CA ILE D 406 -15.16 50.64 6.65
C ILE D 406 -16.19 49.52 6.73
N PRO D 407 -17.07 49.43 5.72
CA PRO D 407 -18.10 48.40 5.69
C PRO D 407 -17.55 46.97 5.74
N GLY D 408 -18.38 46.03 6.17
CA GLY D 408 -17.98 44.64 6.27
C GLY D 408 -17.17 44.12 5.10
N GLY D 409 -17.81 43.99 3.94
CA GLY D 409 -17.11 43.50 2.77
C GLY D 409 -15.78 44.17 2.47
N GLN D 410 -15.80 45.49 2.32
CA GLN D 410 -14.59 46.25 2.02
C GLN D 410 -13.47 46.00 3.01
N TYR D 411 -13.83 45.85 4.27
CA TYR D 411 -12.86 45.62 5.32
C TYR D 411 -12.08 44.37 4.98
N THR D 412 -12.82 43.28 4.86
CA THR D 412 -12.28 41.97 4.55
C THR D 412 -11.26 42.04 3.39
N ASN D 413 -11.70 42.63 2.28
CA ASN D 413 -10.87 42.77 1.08
C ASN D 413 -9.57 43.51 1.31
N LEU D 414 -9.67 44.65 1.97
CA LEU D 414 -8.52 45.47 2.27
C LEU D 414 -7.60 44.75 3.22
N HIS D 415 -8.18 44.04 4.19
CA HIS D 415 -7.39 43.30 5.16
C HIS D 415 -6.62 42.22 4.43
N PHE D 416 -7.33 41.42 3.65
CA PHE D 416 -6.69 40.36 2.88
C PHE D 416 -5.56 40.95 2.02
N GLN D 417 -5.88 41.96 1.22
CA GLN D 417 -4.90 42.61 0.36
C GLN D 417 -3.57 42.90 1.03
N ALA D 418 -3.61 43.72 2.06
CA ALA D 418 -2.40 44.09 2.78
C ALA D 418 -1.69 42.81 3.24
N HIS D 419 -2.35 42.05 4.12
CA HIS D 419 -1.81 40.82 4.68
C HIS D 419 -1.43 39.74 3.69
N SER D 420 -2.17 39.64 2.60
CA SER D 420 -1.88 38.63 1.58
C SER D 420 -0.53 38.93 0.91
N MET D 421 -0.01 40.11 1.15
CA MET D 421 1.26 40.50 0.57
C MET D 421 2.16 41.02 1.68
N GLY D 422 2.09 40.38 2.84
CA GLY D 422 2.90 40.80 3.98
C GLY D 422 2.88 42.32 4.12
N LEU D 423 1.70 42.87 4.38
CA LEU D 423 1.61 44.31 4.54
C LEU D 423 0.62 44.70 5.61
N GLY D 424 0.45 43.81 6.60
CA GLY D 424 -0.45 44.08 7.71
C GLY D 424 -0.08 45.41 8.34
N SER D 425 1.21 45.66 8.45
CA SER D 425 1.69 46.91 9.02
C SER D 425 1.00 48.03 8.27
N LYS D 426 0.97 47.89 6.94
CA LYS D 426 0.36 48.85 6.02
C LYS D 426 -1.10 49.16 6.29
N PHE D 427 -1.89 48.11 6.44
CA PHE D 427 -3.30 48.25 6.69
C PHE D 427 -3.62 49.32 7.75
N LYS D 428 -2.80 49.43 8.79
CA LYS D 428 -3.06 50.44 9.80
C LYS D 428 -3.18 51.73 9.03
N GLU D 429 -2.09 52.07 8.35
CA GLU D 429 -1.98 53.28 7.55
C GLU D 429 -3.15 53.59 6.62
N VAL D 430 -3.60 52.61 5.83
CA VAL D 430 -4.73 52.82 4.91
C VAL D 430 -6.01 53.15 5.66
N LYS D 431 -6.23 52.47 6.79
CA LYS D 431 -7.41 52.75 7.60
C LYS D 431 -7.42 54.24 7.97
N LYS D 432 -6.23 54.79 8.21
CA LYS D 432 -6.09 56.20 8.57
C LYS D 432 -6.37 57.11 7.39
N ALA D 433 -5.93 56.70 6.21
CA ALA D 433 -6.17 57.52 5.04
C ALA D 433 -7.65 57.44 4.71
N TYR D 434 -8.28 56.35 5.11
CA TYR D 434 -9.69 56.16 4.84
C TYR D 434 -10.51 57.17 5.63
N VAL D 435 -10.09 57.41 6.87
CA VAL D 435 -10.78 58.35 7.73
C VAL D 435 -10.62 59.76 7.17
N GLU D 436 -9.38 60.12 6.85
CA GLU D 436 -9.10 61.44 6.30
C GLU D 436 -9.78 61.63 4.96
N ALA D 437 -9.72 60.61 4.12
CA ALA D 437 -10.34 60.67 2.79
C ALA D 437 -11.83 60.84 2.94
N ASN D 438 -12.41 60.15 3.92
CA ASN D 438 -13.84 60.24 4.20
C ASN D 438 -14.17 61.63 4.74
N GLN D 439 -13.32 62.14 5.63
CA GLN D 439 -13.60 63.45 6.15
C GLN D 439 -13.37 64.50 5.07
N MET D 440 -12.45 64.21 4.16
CA MET D 440 -12.09 65.11 3.08
C MET D 440 -13.20 65.31 2.04
N LEU D 441 -14.08 64.34 1.90
CA LEU D 441 -15.19 64.44 0.95
C LEU D 441 -16.47 64.86 1.68
N GLY D 442 -16.29 65.37 2.90
CA GLY D 442 -17.41 65.83 3.72
C GLY D 442 -18.07 64.83 4.66
N ASP D 443 -17.28 63.93 5.28
CA ASP D 443 -17.80 62.88 6.18
C ASP D 443 -18.96 62.14 5.51
N LEU D 444 -18.70 60.93 5.01
CA LEU D 444 -19.74 60.21 4.27
C LEU D 444 -20.32 58.92 4.79
N ILE D 445 -21.31 58.46 4.05
CA ILE D 445 -21.95 57.20 4.32
C ILE D 445 -21.26 56.30 3.30
N LYS D 446 -20.47 55.35 3.78
CA LYS D 446 -19.75 54.44 2.89
C LYS D 446 -20.34 53.04 2.70
N VAL D 447 -20.92 52.85 1.51
CA VAL D 447 -21.53 51.59 1.10
C VAL D 447 -21.02 51.42 -0.33
N THR D 448 -21.27 50.27 -0.95
CA THR D 448 -20.79 50.01 -2.32
C THR D 448 -20.45 51.25 -3.15
N PRO D 449 -21.46 52.02 -3.60
CA PRO D 449 -21.02 53.17 -4.40
C PRO D 449 -19.98 54.03 -3.65
N SER D 450 -20.47 54.91 -2.80
CA SER D 450 -19.63 55.81 -2.01
C SER D 450 -18.39 55.19 -1.33
N SER D 451 -18.59 54.10 -0.57
CA SER D 451 -17.50 53.43 0.17
C SER D 451 -16.21 53.16 -0.63
N LYS D 452 -16.38 52.77 -1.88
CA LYS D 452 -15.24 52.47 -2.73
C LYS D 452 -14.60 53.72 -3.35
N ILE D 453 -15.24 54.87 -3.20
CA ILE D 453 -14.67 56.13 -3.71
C ILE D 453 -13.74 56.66 -2.62
N VAL D 454 -14.11 56.41 -1.37
CA VAL D 454 -13.32 56.84 -0.23
C VAL D 454 -12.10 55.92 -0.18
N GLY D 455 -12.28 54.71 -0.69
CA GLY D 455 -11.19 53.75 -0.72
C GLY D 455 -10.09 54.22 -1.64
N ASP D 456 -10.43 54.45 -2.91
CA ASP D 456 -9.48 54.92 -3.91
C ASP D 456 -8.75 56.17 -3.47
N LEU D 457 -9.51 57.13 -2.93
CA LEU D 457 -8.89 58.35 -2.46
C LEU D 457 -7.99 58.06 -1.28
N ALA D 458 -8.40 57.12 -0.43
CA ALA D 458 -7.60 56.75 0.73
C ALA D 458 -6.25 56.19 0.24
N GLN D 459 -6.34 55.23 -0.67
CA GLN D 459 -5.16 54.60 -1.25
C GLN D 459 -4.34 55.59 -2.04
N PHE D 460 -5.01 56.45 -2.79
CA PHE D 460 -4.34 57.47 -3.58
C PHE D 460 -3.39 58.27 -2.67
N MET D 461 -3.94 58.79 -1.58
CA MET D 461 -3.16 59.58 -0.65
C MET D 461 -1.98 58.82 -0.06
N VAL D 462 -2.26 57.66 0.55
CA VAL D 462 -1.21 56.86 1.17
C VAL D 462 -0.09 56.57 0.18
N GLN D 463 -0.46 55.98 -0.95
CA GLN D 463 0.47 55.61 -1.98
C GLN D 463 1.18 56.80 -2.65
N ASN D 464 0.81 58.02 -2.26
CA ASN D 464 1.46 59.24 -2.77
C ASN D 464 1.99 60.08 -1.61
N GLY D 465 1.90 59.53 -0.40
CA GLY D 465 2.35 60.23 0.79
C GLY D 465 1.66 61.57 0.87
N LEU D 466 0.35 61.55 1.05
CA LEU D 466 -0.43 62.78 1.10
C LEU D 466 -1.23 62.96 2.37
N SER D 467 -0.81 63.92 3.19
CA SER D 467 -1.54 64.23 4.42
C SER D 467 -2.84 64.86 3.91
N ARG D 468 -3.89 64.84 4.72
CA ARG D 468 -5.16 65.43 4.28
C ARG D 468 -4.94 66.89 3.87
N ALA D 469 -4.01 67.56 4.52
CA ALA D 469 -3.72 68.97 4.20
C ALA D 469 -2.98 69.03 2.86
N GLU D 470 -1.95 68.21 2.72
CA GLU D 470 -1.17 68.16 1.49
C GLU D 470 -2.11 67.80 0.35
N ALA D 471 -3.00 66.86 0.61
CA ALA D 471 -3.98 66.40 -0.38
C ALA D 471 -4.92 67.54 -0.81
N GLU D 472 -5.42 68.31 0.16
CA GLU D 472 -6.34 69.43 -0.07
C GLU D 472 -5.72 70.66 -0.70
N ALA D 473 -4.67 71.19 -0.08
CA ALA D 473 -3.98 72.36 -0.59
C ALA D 473 -3.47 72.15 -2.02
N GLN D 474 -2.88 70.98 -2.28
CA GLN D 474 -2.34 70.63 -3.60
C GLN D 474 -3.44 70.07 -4.51
N ALA D 475 -4.70 70.14 -4.05
CA ALA D 475 -5.86 69.64 -4.80
C ALA D 475 -6.13 70.40 -6.09
N GLU D 476 -5.61 71.63 -6.17
CA GLU D 476 -5.73 72.47 -7.35
C GLU D 476 -5.36 71.64 -8.59
N GLU D 477 -4.46 70.68 -8.38
CA GLU D 477 -4.01 69.78 -9.42
C GLU D 477 -3.20 68.57 -8.89
N LEU D 478 -3.81 67.40 -9.09
CA LEU D 478 -3.29 66.08 -8.73
C LEU D 478 -4.23 65.15 -9.50
N SER D 479 -3.78 63.95 -9.85
CA SER D 479 -4.64 63.05 -10.62
C SER D 479 -5.55 62.11 -9.80
N PHE D 480 -6.39 62.72 -8.95
CA PHE D 480 -7.30 61.97 -8.10
C PHE D 480 -8.04 60.88 -8.87
N PRO D 481 -8.29 59.75 -8.24
CA PRO D 481 -8.99 58.62 -8.85
C PRO D 481 -10.24 59.02 -9.65
N ARG D 482 -10.39 58.40 -10.81
CA ARG D 482 -11.52 58.64 -11.70
C ARG D 482 -12.79 58.60 -10.85
N SER D 483 -12.83 57.66 -9.92
CA SER D 483 -13.98 57.50 -9.02
C SER D 483 -14.25 58.77 -8.24
N VAL D 484 -13.21 59.30 -7.61
CA VAL D 484 -13.34 60.51 -6.81
C VAL D 484 -13.83 61.71 -7.60
N VAL D 485 -13.36 61.83 -8.85
CA VAL D 485 -13.77 62.95 -9.67
C VAL D 485 -15.23 62.85 -10.04
N GLU D 486 -15.64 61.70 -10.57
CA GLU D 486 -17.01 61.52 -10.95
C GLU D 486 -17.94 61.75 -9.77
N PHE D 487 -17.48 61.43 -8.57
CA PHE D 487 -18.30 61.60 -7.35
C PHE D 487 -18.64 63.05 -7.08
N LEU D 488 -17.62 63.89 -7.22
CA LEU D 488 -17.74 65.33 -7.02
C LEU D 488 -18.56 65.93 -8.17
N GLN D 489 -18.75 65.16 -9.23
CA GLN D 489 -19.56 65.59 -10.34
C GLN D 489 -20.96 65.08 -10.09
N GLY D 490 -21.15 64.44 -8.93
CA GLY D 490 -22.44 63.90 -8.53
C GLY D 490 -23.00 62.67 -9.23
N TYR D 491 -22.25 62.10 -10.16
CA TYR D 491 -22.68 60.91 -10.92
C TYR D 491 -23.47 59.92 -10.09
N ILE D 492 -23.20 59.88 -8.80
CA ILE D 492 -23.90 58.98 -7.90
C ILE D 492 -25.08 59.69 -7.25
N GLY D 493 -24.79 60.85 -6.66
CA GLY D 493 -25.83 61.62 -6.00
C GLY D 493 -25.26 62.79 -5.24
N VAL D 494 -26.11 63.40 -4.42
CA VAL D 494 -25.69 64.55 -3.64
C VAL D 494 -25.49 64.25 -2.17
N PRO D 495 -24.24 64.28 -1.70
CA PRO D 495 -23.98 64.01 -0.28
C PRO D 495 -24.69 65.00 0.66
N HIS D 496 -25.28 64.47 1.73
CA HIS D 496 -26.00 65.29 2.72
C HIS D 496 -25.02 66.22 3.44
N GLY D 497 -25.23 67.52 3.28
CA GLY D 497 -24.36 68.51 3.88
C GLY D 497 -23.66 69.16 2.72
N GLY D 498 -23.87 68.60 1.53
CA GLY D 498 -23.27 69.10 0.31
C GLY D 498 -21.84 68.65 0.11
N PHE D 499 -21.30 68.85 -1.10
CA PHE D 499 -19.89 68.47 -1.39
C PHE D 499 -18.94 69.43 -0.69
N PRO D 500 -17.72 68.96 -0.34
CA PRO D 500 -16.73 69.82 0.33
C PRO D 500 -16.24 70.84 -0.70
N GLU D 501 -17.07 71.84 -0.98
CA GLU D 501 -16.80 72.84 -2.01
C GLU D 501 -15.50 73.64 -2.04
N PRO D 502 -14.95 74.03 -0.89
CA PRO D 502 -13.69 74.78 -1.05
C PRO D 502 -12.72 73.93 -1.90
N PHE D 503 -12.85 72.61 -1.74
CA PHE D 503 -12.07 71.56 -2.41
C PHE D 503 -12.72 71.15 -3.73
N ARG D 504 -13.92 70.58 -3.66
CA ARG D 504 -14.68 70.13 -4.82
C ARG D 504 -14.32 70.86 -6.10
N SER D 505 -14.55 72.17 -6.09
CA SER D 505 -14.26 73.01 -7.25
C SER D 505 -12.79 72.92 -7.70
N LYS D 506 -11.87 73.25 -6.79
CA LYS D 506 -10.43 73.20 -7.09
C LYS D 506 -10.08 71.87 -7.75
N VAL D 507 -10.99 70.93 -7.66
CA VAL D 507 -10.78 69.62 -8.25
C VAL D 507 -11.43 69.56 -9.64
N LEU D 508 -12.74 69.82 -9.66
CA LEU D 508 -13.57 69.80 -10.88
C LEU D 508 -13.12 70.70 -12.02
N LYS D 509 -12.87 71.97 -11.69
CA LYS D 509 -12.43 73.00 -12.66
C LYS D 509 -13.46 73.14 -13.79
N ASP D 510 -12.99 72.98 -15.03
CA ASP D 510 -13.84 73.07 -16.20
C ASP D 510 -14.51 71.77 -16.54
N LEU D 511 -15.00 71.07 -15.52
CA LEU D 511 -15.64 69.79 -15.75
C LEU D 511 -17.15 69.84 -15.52
N PRO D 512 -17.92 69.14 -16.38
CA PRO D 512 -19.39 69.07 -16.32
C PRO D 512 -19.90 68.51 -14.98
N ARG D 513 -20.70 69.32 -14.28
CA ARG D 513 -21.27 68.90 -12.98
C ARG D 513 -22.71 68.40 -13.24
N VAL D 514 -23.00 67.16 -12.83
CA VAL D 514 -24.34 66.57 -13.04
C VAL D 514 -25.42 67.29 -12.22
N GLU D 515 -26.53 67.59 -12.89
CA GLU D 515 -27.65 68.31 -12.28
C GLU D 515 -28.93 67.49 -12.22
N GLY D 516 -29.28 67.04 -11.02
CA GLY D 516 -30.46 66.22 -10.83
C GLY D 516 -30.11 64.73 -10.74
N ARG D 517 -31.11 63.89 -10.44
CA ARG D 517 -30.84 62.47 -10.35
C ARG D 517 -30.16 62.13 -11.68
N PRO D 518 -28.90 61.69 -11.64
CA PRO D 518 -28.18 61.36 -12.88
C PRO D 518 -28.98 60.52 -13.86
N GLY D 519 -29.69 59.51 -13.35
CA GLY D 519 -30.47 58.61 -14.19
C GLY D 519 -31.52 59.31 -15.04
N ALA D 520 -31.95 60.48 -14.55
CA ALA D 520 -32.96 61.32 -15.19
C ALA D 520 -32.56 61.71 -16.58
N SER D 521 -31.46 62.45 -16.68
CA SER D 521 -30.92 62.92 -17.96
C SER D 521 -30.42 61.82 -18.91
N LEU D 522 -30.74 60.56 -18.63
CA LEU D 522 -30.34 59.46 -19.50
C LEU D 522 -31.51 58.98 -20.35
N PRO D 523 -31.37 59.07 -21.67
CA PRO D 523 -32.40 58.65 -22.61
C PRO D 523 -32.58 57.16 -22.40
N PRO D 524 -33.82 56.64 -22.58
CA PRO D 524 -34.16 55.22 -22.41
C PRO D 524 -33.19 54.25 -23.11
N LEU D 525 -33.52 52.96 -23.10
CA LEU D 525 -32.67 51.94 -23.71
C LEU D 525 -33.45 51.04 -24.65
N ASP D 526 -33.29 51.23 -25.96
CA ASP D 526 -34.04 50.38 -26.86
C ASP D 526 -33.71 48.89 -26.61
N LEU D 527 -34.66 48.19 -26.02
CA LEU D 527 -34.49 46.79 -25.72
C LEU D 527 -34.53 45.91 -26.95
N GLN D 528 -35.25 46.36 -27.97
CA GLN D 528 -35.38 45.58 -29.18
C GLN D 528 -34.06 45.68 -29.92
N ALA D 529 -33.53 46.91 -29.92
CA ALA D 529 -32.25 47.18 -30.55
C ALA D 529 -31.28 46.18 -29.91
N LEU D 530 -31.29 46.15 -28.58
CA LEU D 530 -30.42 45.23 -27.86
C LEU D 530 -30.88 43.77 -28.02
N GLU D 531 -32.18 43.54 -28.08
CA GLU D 531 -32.67 42.18 -28.21
C GLU D 531 -32.22 41.47 -29.48
N LYS D 532 -32.55 42.04 -30.64
CA LYS D 532 -32.14 41.45 -31.91
C LYS D 532 -30.60 41.47 -31.99
N GLU D 533 -30.01 42.50 -31.41
CA GLU D 533 -28.56 42.68 -31.38
C GLU D 533 -27.86 41.53 -30.67
N LEU D 534 -28.60 40.83 -29.80
CA LEU D 534 -28.09 39.69 -29.03
C LEU D 534 -28.50 38.39 -29.72
N VAL D 535 -29.78 38.31 -30.07
CA VAL D 535 -30.29 37.13 -30.75
C VAL D 535 -29.35 36.93 -31.93
N ASP D 536 -29.25 37.99 -32.73
CA ASP D 536 -28.42 38.03 -33.94
C ASP D 536 -27.09 37.34 -33.70
N ARG D 537 -26.54 37.56 -32.52
CA ARG D 537 -25.27 36.96 -32.21
C ARG D 537 -25.38 35.64 -31.46
N HIS D 538 -25.32 35.74 -30.14
CA HIS D 538 -25.38 34.58 -29.26
C HIS D 538 -26.41 33.52 -29.61
N GLY D 539 -27.45 33.86 -30.36
CA GLY D 539 -28.42 32.84 -30.71
C GLY D 539 -29.85 33.29 -30.72
N GLU D 540 -30.73 32.37 -31.14
CA GLU D 540 -32.17 32.61 -31.21
C GLU D 540 -32.72 32.20 -29.86
N GLU D 541 -31.82 32.11 -28.90
CA GLU D 541 -32.13 31.70 -27.53
C GLU D 541 -32.39 32.86 -26.58
N VAL D 542 -31.46 33.81 -26.56
CA VAL D 542 -31.55 35.00 -25.71
C VAL D 542 -32.97 35.29 -25.22
N THR D 543 -33.13 35.35 -23.89
CA THR D 543 -34.41 35.59 -23.27
C THR D 543 -34.43 37.00 -22.71
N PRO D 544 -35.62 37.46 -22.27
CA PRO D 544 -35.76 38.80 -21.70
C PRO D 544 -34.71 38.98 -20.62
N GLU D 545 -34.52 37.92 -19.85
CA GLU D 545 -33.54 37.93 -18.78
C GLU D 545 -32.19 38.30 -19.39
N ASP D 546 -31.69 37.44 -20.28
CA ASP D 546 -30.40 37.65 -20.95
C ASP D 546 -30.23 39.11 -21.38
N VAL D 547 -31.25 39.65 -22.03
CA VAL D 547 -31.23 41.02 -22.50
C VAL D 547 -30.81 41.94 -21.35
N LEU D 548 -31.47 41.80 -20.21
CA LEU D 548 -31.20 42.63 -19.05
C LEU D 548 -29.76 42.46 -18.57
N SER D 549 -29.32 41.21 -18.44
CA SER D 549 -27.98 40.94 -17.99
C SER D 549 -27.01 41.68 -18.88
N ALA D 550 -27.10 41.43 -20.18
CA ALA D 550 -26.24 42.07 -21.17
C ALA D 550 -26.33 43.56 -20.93
N ALA D 551 -27.55 44.02 -20.70
CA ALA D 551 -27.78 45.43 -20.45
C ALA D 551 -26.88 45.90 -19.31
N MET D 552 -27.13 45.41 -18.10
CA MET D 552 -26.33 45.80 -16.95
C MET D 552 -24.86 45.44 -17.13
N TYR D 553 -24.60 44.25 -17.70
CA TYR D 553 -23.23 43.79 -17.91
C TYR D 553 -22.91 43.38 -19.35
N PRO D 554 -22.69 44.38 -20.22
CA PRO D 554 -22.38 44.22 -21.64
C PRO D 554 -21.33 43.16 -21.92
N ASP D 555 -20.10 43.46 -21.56
CA ASP D 555 -19.00 42.55 -21.78
C ASP D 555 -19.09 41.32 -20.91
N VAL D 556 -19.02 41.49 -19.59
CA VAL D 556 -19.08 40.35 -18.69
C VAL D 556 -20.12 39.33 -19.13
N PHE D 557 -21.29 39.80 -19.54
CA PHE D 557 -22.35 38.91 -19.99
C PHE D 557 -21.89 38.19 -21.25
N ALA D 558 -21.37 38.97 -22.19
CA ALA D 558 -20.88 38.47 -23.46
C ALA D 558 -19.87 37.34 -23.30
N HIS D 559 -18.82 37.57 -22.53
CA HIS D 559 -17.80 36.55 -22.31
C HIS D 559 -18.49 35.36 -21.67
N PHE D 560 -19.23 35.63 -20.61
CA PHE D 560 -19.95 34.58 -19.90
C PHE D 560 -20.72 33.71 -20.90
N LYS D 561 -21.37 34.35 -21.87
CA LYS D 561 -22.15 33.62 -22.87
C LYS D 561 -21.27 32.75 -23.75
N ASP D 562 -20.22 33.34 -24.30
CA ASP D 562 -19.29 32.62 -25.17
C ASP D 562 -18.69 31.39 -24.46
N PHE D 563 -18.30 31.59 -23.21
CA PHE D 563 -17.71 30.52 -22.40
C PHE D 563 -18.64 29.32 -22.29
N THR D 564 -19.80 29.53 -21.67
CA THR D 564 -20.82 28.48 -21.49
C THR D 564 -21.20 27.95 -22.86
N ALA D 565 -21.10 28.83 -23.85
CA ALA D 565 -21.41 28.51 -25.23
C ALA D 565 -20.68 27.25 -25.60
N THR D 566 -19.35 27.30 -25.46
CA THR D 566 -18.49 26.18 -25.82
C THR D 566 -18.22 25.18 -24.68
N PHE D 567 -18.58 25.51 -23.45
CA PHE D 567 -18.33 24.62 -22.33
C PHE D 567 -19.53 24.05 -21.60
N GLY D 568 -20.73 24.29 -22.16
CA GLY D 568 -21.95 23.77 -21.56
C GLY D 568 -22.37 24.38 -20.23
N PRO D 569 -23.31 23.73 -19.53
CA PRO D 569 -23.83 24.19 -18.24
C PRO D 569 -22.86 23.98 -17.11
N LEU D 570 -21.76 24.75 -17.14
CA LEU D 570 -20.73 24.65 -16.10
C LEU D 570 -21.29 24.92 -14.72
N ASP D 571 -22.58 25.24 -14.65
CA ASP D 571 -23.22 25.53 -13.39
C ASP D 571 -23.80 24.30 -12.68
N SER D 572 -23.89 23.18 -13.41
CA SER D 572 -24.40 21.94 -12.84
C SER D 572 -23.27 21.08 -12.30
N LEU D 573 -22.07 21.64 -12.32
CA LEU D 573 -20.88 20.95 -11.82
C LEU D 573 -20.73 21.25 -10.34
N ASN D 574 -20.42 20.26 -9.52
CA ASN D 574 -20.22 20.52 -8.10
C ASN D 574 -18.96 21.38 -7.97
N THR D 575 -19.00 22.34 -7.05
CA THR D 575 -17.88 23.25 -6.83
C THR D 575 -16.46 22.67 -6.92
N ARG D 576 -16.28 21.42 -6.51
CA ARG D 576 -14.95 20.78 -6.52
C ARG D 576 -14.40 20.57 -7.93
N LEU D 577 -15.20 19.94 -8.78
CA LEU D 577 -14.82 19.69 -10.17
C LEU D 577 -14.73 21.01 -10.93
N PHE D 578 -15.57 21.95 -10.54
CA PHE D 578 -15.58 23.28 -11.15
C PHE D 578 -14.26 24.03 -10.88
N LEU D 579 -13.83 24.03 -9.62
CA LEU D 579 -12.61 24.71 -9.22
C LEU D 579 -11.32 23.99 -9.52
N GLN D 580 -11.17 22.83 -8.87
CA GLN D 580 -10.01 21.99 -8.96
C GLN D 580 -9.95 21.07 -10.17
N GLY D 581 -11.10 20.84 -10.80
CA GLY D 581 -11.12 19.95 -11.96
C GLY D 581 -11.17 18.52 -11.47
N PRO D 582 -11.37 17.53 -12.37
CA PRO D 582 -11.43 16.13 -11.95
C PRO D 582 -10.07 15.49 -11.72
N LYS D 583 -10.08 14.43 -10.93
CA LYS D 583 -8.88 13.66 -10.61
C LYS D 583 -8.81 12.37 -11.42
N ILE D 584 -7.65 12.18 -12.05
CA ILE D 584 -7.35 11.04 -12.89
C ILE D 584 -7.71 9.72 -12.22
N ALA D 585 -8.65 8.99 -12.82
CA ALA D 585 -9.09 7.70 -12.31
C ALA D 585 -10.23 7.81 -11.30
N GLU D 586 -10.48 9.01 -10.81
CA GLU D 586 -11.55 9.15 -9.83
C GLU D 586 -12.88 9.18 -10.50
N GLU D 587 -13.74 8.29 -10.03
CA GLU D 587 -15.10 8.14 -10.53
C GLU D 587 -15.91 9.30 -9.96
N PHE D 588 -16.76 9.89 -10.79
CA PHE D 588 -17.62 10.98 -10.35
C PHE D 588 -18.79 11.11 -11.28
N GLU D 589 -19.80 11.85 -10.86
CA GLU D 589 -20.97 12.04 -11.70
C GLU D 589 -21.41 13.49 -11.61
N VAL D 590 -22.19 13.92 -12.60
CA VAL D 590 -22.70 15.28 -12.61
C VAL D 590 -24.15 15.16 -13.07
N GLU D 591 -25.06 15.87 -12.41
CA GLU D 591 -26.45 15.78 -12.81
C GLU D 591 -26.78 16.81 -13.89
N LEU D 592 -26.73 16.35 -15.16
CA LEU D 592 -27.05 17.22 -16.30
C LEU D 592 -28.56 17.14 -16.49
N GLU D 593 -29.23 18.29 -16.32
CA GLU D 593 -30.67 18.34 -16.48
C GLU D 593 -31.19 17.47 -15.35
N ARG D 594 -31.84 16.35 -15.68
CA ARG D 594 -32.36 15.50 -14.63
C ARG D 594 -32.51 14.02 -15.11
N GLY D 595 -32.70 13.83 -16.41
CA GLY D 595 -32.83 12.48 -16.93
C GLY D 595 -31.48 11.80 -17.01
N LYS D 596 -30.39 12.58 -17.02
CA LYS D 596 -29.04 12.01 -17.09
C LYS D 596 -28.35 12.14 -15.74
N THR D 597 -27.42 11.22 -15.47
CA THR D 597 -26.67 11.25 -14.21
C THR D 597 -25.21 11.39 -14.55
N LEU D 598 -24.83 10.94 -15.73
CA LEU D 598 -23.47 11.03 -16.19
C LEU D 598 -22.42 10.59 -15.16
N HIS D 599 -21.94 9.36 -15.27
CA HIS D 599 -20.90 8.88 -14.36
C HIS D 599 -19.61 8.91 -15.17
N ILE D 600 -18.68 9.77 -14.78
CA ILE D 600 -17.42 9.87 -15.50
C ILE D 600 -16.26 9.47 -14.62
N LYS D 601 -15.15 9.13 -15.27
CA LYS D 601 -13.91 8.76 -14.62
C LYS D 601 -12.85 9.27 -15.57
N ALA D 602 -11.95 10.12 -15.10
CA ALA D 602 -10.91 10.64 -15.98
C ALA D 602 -10.03 9.50 -16.51
N LEU D 603 -8.75 9.50 -16.15
CA LEU D 603 -7.78 8.47 -16.58
C LEU D 603 -7.27 8.49 -18.02
N ALA D 604 -6.14 9.17 -18.21
CA ALA D 604 -5.44 9.33 -19.48
C ALA D 604 -5.42 10.78 -20.02
N VAL D 605 -4.21 11.31 -20.20
CA VAL D 605 -3.94 12.66 -20.70
C VAL D 605 -2.44 12.53 -20.93
N SER D 606 -1.83 13.20 -21.91
CA SER D 606 -0.38 13.06 -22.08
C SER D 606 0.18 13.33 -23.46
N ASP D 607 -0.70 13.53 -24.42
CA ASP D 607 -0.29 13.75 -25.79
C ASP D 607 0.46 15.08 -25.94
N LEU D 608 1.25 15.33 -24.90
CA LEU D 608 2.09 16.52 -24.73
C LEU D 608 2.32 17.36 -25.99
N ASN D 609 2.53 16.69 -27.11
CA ASN D 609 2.85 17.43 -28.32
C ASN D 609 1.86 17.51 -29.49
N ARG D 610 0.75 16.77 -29.42
CA ARG D 610 -0.20 16.80 -30.52
C ARG D 610 -0.44 18.16 -31.17
N ALA D 611 0.45 18.55 -32.09
CA ALA D 611 0.36 19.83 -32.80
C ALA D 611 0.20 20.98 -31.80
N GLY D 612 1.00 20.94 -30.74
CA GLY D 612 0.93 21.97 -29.71
C GLY D 612 -0.30 21.87 -28.81
N GLN D 613 -0.68 20.65 -28.43
CA GLN D 613 -1.87 20.45 -27.59
C GLN D 613 -1.66 19.32 -26.56
N ARG D 614 -2.62 18.38 -26.59
CA ARG D 614 -2.65 17.21 -25.71
C ARG D 614 -4.04 16.58 -25.83
N GLN D 615 -4.23 15.39 -25.27
CA GLN D 615 -5.53 14.74 -25.35
C GLN D 615 -5.86 13.89 -24.13
N VAL D 616 -7.06 14.09 -23.60
CA VAL D 616 -7.54 13.37 -22.41
C VAL D 616 -8.70 12.42 -22.70
N ALA D 617 -8.78 11.31 -21.97
CA ALA D 617 -9.83 10.32 -22.17
C ALA D 617 -10.67 10.07 -20.93
N PHE D 618 -11.98 10.03 -21.13
CA PHE D 618 -12.91 9.79 -20.04
C PHE D 618 -13.68 8.52 -20.31
N GLU D 619 -14.21 7.93 -19.25
CA GLU D 619 -14.97 6.70 -19.33
C GLU D 619 -16.43 6.99 -19.07
N LEU D 620 -16.97 7.94 -19.83
CA LEU D 620 -18.36 8.38 -19.72
C LEU D 620 -19.43 7.30 -19.78
N ASN D 621 -20.00 7.01 -18.61
CA ASN D 621 -21.03 5.99 -18.47
C ASN D 621 -20.55 4.63 -18.99
N GLY D 622 -21.42 3.91 -19.70
CA GLY D 622 -21.07 2.59 -20.23
C GLY D 622 -19.94 2.56 -21.27
N GLN D 623 -19.73 3.67 -21.96
CA GLN D 623 -18.68 3.73 -22.96
C GLN D 623 -17.56 4.62 -22.46
N LEU D 624 -16.79 5.14 -23.41
CA LEU D 624 -15.69 6.01 -23.11
C LEU D 624 -15.39 6.82 -24.35
N ARG D 625 -14.79 7.99 -24.15
CA ARG D 625 -14.42 8.86 -25.25
C ARG D 625 -13.33 9.84 -24.81
N SER D 626 -12.78 10.58 -25.77
CA SER D 626 -11.71 11.52 -25.46
C SER D 626 -11.81 12.86 -26.20
N ILE D 627 -11.53 13.93 -25.47
CA ILE D 627 -11.56 15.29 -26.00
C ILE D 627 -10.12 15.79 -26.11
N LEU D 628 -9.88 16.72 -27.02
CA LEU D 628 -8.55 17.27 -27.22
C LEU D 628 -8.43 18.67 -26.62
N VAL D 629 -7.42 18.85 -25.78
CA VAL D 629 -7.18 20.14 -25.11
C VAL D 629 -5.89 20.80 -25.61
N LYS D 630 -5.71 22.07 -25.24
CA LYS D 630 -4.53 22.83 -25.64
C LYS D 630 -3.76 23.14 -24.37
N ASP D 631 -2.53 22.61 -24.28
CA ASP D 631 -1.68 22.77 -23.10
C ASP D 631 -1.34 24.22 -22.73
N THR D 632 -1.59 25.17 -23.64
CA THR D 632 -1.29 26.58 -23.38
C THR D 632 0.10 26.65 -22.77
N GLN D 633 0.96 25.71 -23.23
CA GLN D 633 2.34 25.59 -22.75
C GLN D 633 2.40 25.95 -21.26
N ALA D 634 1.47 25.37 -20.49
CA ALA D 634 1.34 25.59 -19.04
C ALA D 634 2.64 25.24 -18.28
#